data_7RZB
# 
_entry.id   7RZB 
# 
_audit_conform.dict_name       mmcif_pdbx.dic 
_audit_conform.dict_version    5.399 
_audit_conform.dict_location   http://mmcif.pdb.org/dictionaries/ascii/mmcif_pdbx.dic 
# 
loop_
_database_2.database_id 
_database_2.database_code 
_database_2.pdbx_database_accession 
_database_2.pdbx_DOI 
PDB   7RZB         pdb_00007rzb 10.2210/pdb7rzb/pdb 
WWPDB D_1000259292 ?            ?                   
# 
loop_
_pdbx_audit_revision_history.ordinal 
_pdbx_audit_revision_history.data_content_type 
_pdbx_audit_revision_history.major_revision 
_pdbx_audit_revision_history.minor_revision 
_pdbx_audit_revision_history.revision_date 
1 'Structure model' 1 0 2022-04-13 
2 'Structure model' 1 1 2023-10-18 
3 'Structure model' 1 2 2024-11-20 
# 
_pdbx_audit_revision_details.ordinal             1 
_pdbx_audit_revision_details.revision_ordinal    1 
_pdbx_audit_revision_details.data_content_type   'Structure model' 
_pdbx_audit_revision_details.provider            repository 
_pdbx_audit_revision_details.type                'Initial release' 
_pdbx_audit_revision_details.description         ? 
_pdbx_audit_revision_details.details             ? 
# 
loop_
_pdbx_audit_revision_group.ordinal 
_pdbx_audit_revision_group.revision_ordinal 
_pdbx_audit_revision_group.data_content_type 
_pdbx_audit_revision_group.group 
1 2 'Structure model' 'Data collection'        
2 2 'Structure model' 'Refinement description' 
3 3 'Structure model' 'Structure summary'      
# 
loop_
_pdbx_audit_revision_category.ordinal 
_pdbx_audit_revision_category.revision_ordinal 
_pdbx_audit_revision_category.data_content_type 
_pdbx_audit_revision_category.category 
1 2 'Structure model' chem_comp_atom                
2 2 'Structure model' chem_comp_bond                
3 2 'Structure model' pdbx_initial_refinement_model 
4 3 'Structure model' pdbx_entry_details            
5 3 'Structure model' pdbx_modification_feature     
# 
_pdbx_audit_revision_item.ordinal             1 
_pdbx_audit_revision_item.revision_ordinal    3 
_pdbx_audit_revision_item.data_content_type   'Structure model' 
_pdbx_audit_revision_item.item                '_pdbx_entry_details.has_protein_modification' 
# 
_pdbx_database_status.status_code                     REL 
_pdbx_database_status.status_code_sf                  REL 
_pdbx_database_status.status_code_mr                  ? 
_pdbx_database_status.entry_id                        7RZB 
_pdbx_database_status.recvd_initial_deposition_date   2021-08-27 
_pdbx_database_status.SG_entry                        N 
_pdbx_database_status.deposit_site                    RCSB 
_pdbx_database_status.process_site                    RCSB 
_pdbx_database_status.status_code_cs                  ? 
_pdbx_database_status.status_code_nmr_data            ? 
_pdbx_database_status.methods_development_category    ? 
_pdbx_database_status.pdb_format_compatible           Y 
# 
loop_
_audit_author.name 
_audit_author.pdbx_ordinal 
_audit_author.identifier_ORCID 
'Cook, P.D.'   1 0000-0002-7286-2860 
'McHugh, C.S.' 2 ?                   
# 
_citation.abstract                  ? 
_citation.abstract_id_CAS           ? 
_citation.book_id_ISBN              ? 
_citation.book_publisher            ? 
_citation.book_publisher_city       ? 
_citation.book_title                ? 
_citation.coordinate_linkage        ? 
_citation.country                   US 
_citation.database_id_Medline       ? 
_citation.details                   ? 
_citation.id                        primary 
_citation.journal_abbrev            'Acta Crystallogr.,Sect.F' 
_citation.journal_id_ASTM           ACSFEN 
_citation.journal_id_CSD            ? 
_citation.journal_id_ISSN           2053-230X 
_citation.journal_full              ? 
_citation.journal_issue             ? 
_citation.journal_volume            78 
_citation.language                  ? 
_citation.page_first                144 
_citation.page_last                 149 
_citation.title                     
'Structure of BrxA from Staphylococcus aureus, a bacilliredoxin involved in redox homeostasis in Firmicutes.' 
_citation.year                      2022 
_citation.database_id_CSD           ? 
_citation.pdbx_database_id_DOI      ? 
_citation.pdbx_database_id_PubMed   ? 
_citation.pdbx_database_id_patent   ? 
_citation.unpublished_flag          ? 
# 
loop_
_citation_author.citation_id 
_citation_author.name 
_citation_author.ordinal 
_citation_author.identifier_ORCID 
primary 'McHugh, C.S.' 1 ? 
primary 'Cook, P.D.'   2 ? 
# 
loop_
_entity.id 
_entity.type 
_entity.src_method 
_entity.pdbx_description 
_entity.formula_weight 
_entity.pdbx_number_of_molecules 
_entity.pdbx_ec 
_entity.pdbx_mutation 
_entity.pdbx_fragment 
_entity.details 
1 polymer     man 'Bacillithiol system oxidoreductase, YphP/YqiW family'                              16278.096 1   ? ? ? ? 
2 non-polymer syn '(2S)-2-{[2-(L-cysteinylamino)-2-deoxy-alpha-D-glucopyranosyl]oxy}butanedioic acid' 398.386   1   ? ? ? ? 
3 non-polymer syn 'PHOSPHATE ION'                                                                     94.971    1   ? ? ? ? 
4 water       nat water                                                                               18.015    124 ? ? ? ? 
# 
_entity_name_com.entity_id   1 
_entity_name_com.name        'BrxA/BrxB family bacilliredoxin' 
# 
_entity_poly.entity_id                      1 
_entity_poly.type                           'polypeptide(L)' 
_entity_poly.nstd_linkage                   no 
_entity_poly.nstd_monomer                   no 
_entity_poly.pdbx_seq_one_letter_code       
;GHMNAYDAYMKEIAQQMRGELTQNGFTSLETSEAVSEYMNQVNADDTTFVVINSTCGCAAGLARPAAVAVATQNEHRPTN
TVTVFAGQDKEATATMREFIQQVPSSPSYALFKGRDLVYFMPREFIEGRDINDIAMDLKDAFDENCK
;
_entity_poly.pdbx_seq_one_letter_code_can   
;GHMNAYDAYMKEIAQQMRGELTQNGFTSLETSEAVSEYMNQVNADDTTFVVINSTCGCAAGLARPAAVAVATQNEHRPTN
TVTVFAGQDKEATATMREFIQQVPSSPSYALFKGRDLVYFMPREFIEGRDINDIAMDLKDAFDENCK
;
_entity_poly.pdbx_strand_id                 A 
_entity_poly.pdbx_target_identifier         ? 
# 
loop_
_pdbx_entity_nonpoly.entity_id 
_pdbx_entity_nonpoly.name 
_pdbx_entity_nonpoly.comp_id 
2 '(2S)-2-{[2-(L-cysteinylamino)-2-deoxy-alpha-D-glucopyranosyl]oxy}butanedioic acid' G5M 
3 'PHOSPHATE ION'                                                                     PO4 
4 water                                                                               HOH 
# 
loop_
_entity_poly_seq.entity_id 
_entity_poly_seq.num 
_entity_poly_seq.mon_id 
_entity_poly_seq.hetero 
1 1   GLY n 
1 2   HIS n 
1 3   MET n 
1 4   ASN n 
1 5   ALA n 
1 6   TYR n 
1 7   ASP n 
1 8   ALA n 
1 9   TYR n 
1 10  MET n 
1 11  LYS n 
1 12  GLU n 
1 13  ILE n 
1 14  ALA n 
1 15  GLN n 
1 16  GLN n 
1 17  MET n 
1 18  ARG n 
1 19  GLY n 
1 20  GLU n 
1 21  LEU n 
1 22  THR n 
1 23  GLN n 
1 24  ASN n 
1 25  GLY n 
1 26  PHE n 
1 27  THR n 
1 28  SER n 
1 29  LEU n 
1 30  GLU n 
1 31  THR n 
1 32  SER n 
1 33  GLU n 
1 34  ALA n 
1 35  VAL n 
1 36  SER n 
1 37  GLU n 
1 38  TYR n 
1 39  MET n 
1 40  ASN n 
1 41  GLN n 
1 42  VAL n 
1 43  ASN n 
1 44  ALA n 
1 45  ASP n 
1 46  ASP n 
1 47  THR n 
1 48  THR n 
1 49  PHE n 
1 50  VAL n 
1 51  VAL n 
1 52  ILE n 
1 53  ASN n 
1 54  SER n 
1 55  THR n 
1 56  CYS n 
1 57  GLY n 
1 58  CYS n 
1 59  ALA n 
1 60  ALA n 
1 61  GLY n 
1 62  LEU n 
1 63  ALA n 
1 64  ARG n 
1 65  PRO n 
1 66  ALA n 
1 67  ALA n 
1 68  VAL n 
1 69  ALA n 
1 70  VAL n 
1 71  ALA n 
1 72  THR n 
1 73  GLN n 
1 74  ASN n 
1 75  GLU n 
1 76  HIS n 
1 77  ARG n 
1 78  PRO n 
1 79  THR n 
1 80  ASN n 
1 81  THR n 
1 82  VAL n 
1 83  THR n 
1 84  VAL n 
1 85  PHE n 
1 86  ALA n 
1 87  GLY n 
1 88  GLN n 
1 89  ASP n 
1 90  LYS n 
1 91  GLU n 
1 92  ALA n 
1 93  THR n 
1 94  ALA n 
1 95  THR n 
1 96  MET n 
1 97  ARG n 
1 98  GLU n 
1 99  PHE n 
1 100 ILE n 
1 101 GLN n 
1 102 GLN n 
1 103 VAL n 
1 104 PRO n 
1 105 SER n 
1 106 SER n 
1 107 PRO n 
1 108 SER n 
1 109 TYR n 
1 110 ALA n 
1 111 LEU n 
1 112 PHE n 
1 113 LYS n 
1 114 GLY n 
1 115 ARG n 
1 116 ASP n 
1 117 LEU n 
1 118 VAL n 
1 119 TYR n 
1 120 PHE n 
1 121 MET n 
1 122 PRO n 
1 123 ARG n 
1 124 GLU n 
1 125 PHE n 
1 126 ILE n 
1 127 GLU n 
1 128 GLY n 
1 129 ARG n 
1 130 ASP n 
1 131 ILE n 
1 132 ASN n 
1 133 ASP n 
1 134 ILE n 
1 135 ALA n 
1 136 MET n 
1 137 ASP n 
1 138 LEU n 
1 139 LYS n 
1 140 ASP n 
1 141 ALA n 
1 142 PHE n 
1 143 ASP n 
1 144 GLU n 
1 145 ASN n 
1 146 CYS n 
1 147 LYS n 
# 
_entity_src_gen.entity_id                          1 
_entity_src_gen.pdbx_src_id                        1 
_entity_src_gen.pdbx_alt_source_flag               sample 
_entity_src_gen.pdbx_seq_type                      'Biological sequence' 
_entity_src_gen.pdbx_beg_seq_num                   1 
_entity_src_gen.pdbx_end_seq_num                   147 
_entity_src_gen.gene_src_common_name               ? 
_entity_src_gen.gene_src_genus                     ? 
_entity_src_gen.pdbx_gene_src_gene                 
'A2U18_07020, C7P97_04720, CSC83_09870, CSC87_03980, GF559_09020, HU771_05980, SAMEA70245418_01058' 
_entity_src_gen.gene_src_species                   ? 
_entity_src_gen.gene_src_strain                    ? 
_entity_src_gen.gene_src_tissue                    ? 
_entity_src_gen.gene_src_tissue_fraction           ? 
_entity_src_gen.gene_src_details                   ? 
_entity_src_gen.pdbx_gene_src_fragment             ? 
_entity_src_gen.pdbx_gene_src_scientific_name      'Staphylococcus aureus' 
_entity_src_gen.pdbx_gene_src_ncbi_taxonomy_id     1280 
_entity_src_gen.pdbx_gene_src_variant              ? 
_entity_src_gen.pdbx_gene_src_cell_line            ? 
_entity_src_gen.pdbx_gene_src_atcc                 ? 
_entity_src_gen.pdbx_gene_src_organ                ? 
_entity_src_gen.pdbx_gene_src_organelle            ? 
_entity_src_gen.pdbx_gene_src_cell                 ? 
_entity_src_gen.pdbx_gene_src_cellular_location    ? 
_entity_src_gen.host_org_common_name               ? 
_entity_src_gen.pdbx_host_org_scientific_name      'Escherichia coli BL21(DE3)' 
_entity_src_gen.pdbx_host_org_ncbi_taxonomy_id     469008 
_entity_src_gen.host_org_genus                     ? 
_entity_src_gen.pdbx_host_org_gene                 ? 
_entity_src_gen.pdbx_host_org_organ                ? 
_entity_src_gen.host_org_species                   ? 
_entity_src_gen.pdbx_host_org_tissue               ? 
_entity_src_gen.pdbx_host_org_tissue_fraction      ? 
_entity_src_gen.pdbx_host_org_strain               ? 
_entity_src_gen.pdbx_host_org_variant              ? 
_entity_src_gen.pdbx_host_org_cell_line            ? 
_entity_src_gen.pdbx_host_org_atcc                 ? 
_entity_src_gen.pdbx_host_org_culture_collection   ? 
_entity_src_gen.pdbx_host_org_cell                 ? 
_entity_src_gen.pdbx_host_org_organelle            ? 
_entity_src_gen.pdbx_host_org_cellular_location    ? 
_entity_src_gen.pdbx_host_org_vector_type          ? 
_entity_src_gen.pdbx_host_org_vector               ? 
_entity_src_gen.host_org_details                   ? 
_entity_src_gen.expression_system_id               ? 
_entity_src_gen.plasmid_name                       ? 
_entity_src_gen.plasmid_details                    ? 
_entity_src_gen.pdbx_description                   ? 
# 
loop_
_chem_comp.id 
_chem_comp.type 
_chem_comp.mon_nstd_flag 
_chem_comp.name 
_chem_comp.pdbx_synonyms 
_chem_comp.formula 
_chem_comp.formula_weight 
ALA 'L-peptide linking' y ALANINE                                                                             ? 'C3 H7 N O2'       
89.093  
ARG 'L-peptide linking' y ARGININE                                                                            ? 'C6 H15 N4 O2 1'   
175.209 
ASN 'L-peptide linking' y ASPARAGINE                                                                          ? 'C4 H8 N2 O3'      
132.118 
ASP 'L-peptide linking' y 'ASPARTIC ACID'                                                                     ? 'C4 H7 N O4'       
133.103 
CYS 'L-peptide linking' y CYSTEINE                                                                            ? 'C3 H7 N O2 S'     
121.158 
G5M non-polymer         . '(2S)-2-{[2-(L-cysteinylamino)-2-deoxy-alpha-D-glucopyranosyl]oxy}butanedioic acid' ? 'C13 H22 N2 O10 S' 
398.386 
GLN 'L-peptide linking' y GLUTAMINE                                                                           ? 'C5 H10 N2 O3'     
146.144 
GLU 'L-peptide linking' y 'GLUTAMIC ACID'                                                                     ? 'C5 H9 N O4'       
147.129 
GLY 'peptide linking'   y GLYCINE                                                                             ? 'C2 H5 N O2'       
75.067  
HIS 'L-peptide linking' y HISTIDINE                                                                           ? 'C6 H10 N3 O2 1'   
156.162 
HOH non-polymer         . WATER                                                                               ? 'H2 O'             
18.015  
ILE 'L-peptide linking' y ISOLEUCINE                                                                          ? 'C6 H13 N O2'      
131.173 
LEU 'L-peptide linking' y LEUCINE                                                                             ? 'C6 H13 N O2'      
131.173 
LYS 'L-peptide linking' y LYSINE                                                                              ? 'C6 H15 N2 O2 1'   
147.195 
MET 'L-peptide linking' y METHIONINE                                                                          ? 'C5 H11 N O2 S'    
149.211 
PHE 'L-peptide linking' y PHENYLALANINE                                                                       ? 'C9 H11 N O2'      
165.189 
PO4 non-polymer         . 'PHOSPHATE ION'                                                                     ? 'O4 P -3'          
94.971  
PRO 'L-peptide linking' y PROLINE                                                                             ? 'C5 H9 N O2'       
115.130 
SER 'L-peptide linking' y SERINE                                                                              ? 'C3 H7 N O3'       
105.093 
THR 'L-peptide linking' y THREONINE                                                                           ? 'C4 H9 N O3'       
119.119 
TYR 'L-peptide linking' y TYROSINE                                                                            ? 'C9 H11 N O3'      
181.189 
VAL 'L-peptide linking' y VALINE                                                                              ? 'C5 H11 N O2'      
117.146 
# 
loop_
_pdbx_poly_seq_scheme.asym_id 
_pdbx_poly_seq_scheme.entity_id 
_pdbx_poly_seq_scheme.seq_id 
_pdbx_poly_seq_scheme.mon_id 
_pdbx_poly_seq_scheme.ndb_seq_num 
_pdbx_poly_seq_scheme.pdb_seq_num 
_pdbx_poly_seq_scheme.auth_seq_num 
_pdbx_poly_seq_scheme.pdb_mon_id 
_pdbx_poly_seq_scheme.auth_mon_id 
_pdbx_poly_seq_scheme.pdb_strand_id 
_pdbx_poly_seq_scheme.pdb_ins_code 
_pdbx_poly_seq_scheme.hetero 
A 1 1   GLY 1   -1  ?   ?   ?   A . n 
A 1 2   HIS 2   0   ?   ?   ?   A . n 
A 1 3   MET 3   1   ?   ?   ?   A . n 
A 1 4   ASN 4   2   ?   ?   ?   A . n 
A 1 5   ALA 5   3   ?   ?   ?   A . n 
A 1 6   TYR 6   4   ?   ?   ?   A . n 
A 1 7   ASP 7   5   ?   ?   ?   A . n 
A 1 8   ALA 8   6   ?   ?   ?   A . n 
A 1 9   TYR 9   7   ?   ?   ?   A . n 
A 1 10  MET 10  8   8   MET MET A . n 
A 1 11  LYS 11  9   9   LYS LYS A . n 
A 1 12  GLU 12  10  10  GLU GLU A . n 
A 1 13  ILE 13  11  11  ILE ILE A . n 
A 1 14  ALA 14  12  12  ALA ALA A . n 
A 1 15  GLN 15  13  13  GLN GLN A . n 
A 1 16  GLN 16  14  14  GLN GLN A . n 
A 1 17  MET 17  15  15  MET MET A . n 
A 1 18  ARG 18  16  16  ARG ARG A . n 
A 1 19  GLY 19  17  17  GLY GLY A . n 
A 1 20  GLU 20  18  18  GLU GLU A . n 
A 1 21  LEU 21  19  19  LEU LEU A . n 
A 1 22  THR 22  20  20  THR THR A . n 
A 1 23  GLN 23  21  21  GLN GLN A . n 
A 1 24  ASN 24  22  22  ASN ASN A . n 
A 1 25  GLY 25  23  23  GLY GLY A . n 
A 1 26  PHE 26  24  24  PHE PHE A . n 
A 1 27  THR 27  25  25  THR THR A . n 
A 1 28  SER 28  26  26  SER SER A . n 
A 1 29  LEU 29  27  27  LEU LEU A . n 
A 1 30  GLU 30  28  28  GLU GLU A . n 
A 1 31  THR 31  29  29  THR THR A . n 
A 1 32  SER 32  30  30  SER SER A . n 
A 1 33  GLU 33  31  31  GLU GLU A . n 
A 1 34  ALA 34  32  32  ALA ALA A . n 
A 1 35  VAL 35  33  33  VAL VAL A . n 
A 1 36  SER 36  34  34  SER SER A . n 
A 1 37  GLU 37  35  35  GLU GLU A . n 
A 1 38  TYR 38  36  36  TYR TYR A . n 
A 1 39  MET 39  37  37  MET MET A . n 
A 1 40  ASN 40  38  38  ASN ASN A . n 
A 1 41  GLN 41  39  39  GLN GLN A . n 
A 1 42  VAL 42  40  40  VAL VAL A . n 
A 1 43  ASN 43  41  41  ASN ASN A . n 
A 1 44  ALA 44  42  42  ALA ALA A . n 
A 1 45  ASP 45  43  43  ASP ASP A . n 
A 1 46  ASP 46  44  44  ASP ASP A . n 
A 1 47  THR 47  45  45  THR THR A . n 
A 1 48  THR 48  46  46  THR THR A . n 
A 1 49  PHE 49  47  47  PHE PHE A . n 
A 1 50  VAL 50  48  48  VAL VAL A . n 
A 1 51  VAL 51  49  49  VAL VAL A . n 
A 1 52  ILE 52  50  50  ILE ILE A . n 
A 1 53  ASN 53  51  51  ASN ASN A . n 
A 1 54  SER 54  52  52  SER SER A . n 
A 1 55  THR 55  53  53  THR THR A . n 
A 1 56  CYS 56  54  54  CYS CYS A . n 
A 1 57  GLY 57  55  55  GLY GLY A . n 
A 1 58  CYS 58  56  56  CYS CYS A . n 
A 1 59  ALA 59  57  57  ALA ALA A . n 
A 1 60  ALA 60  58  58  ALA ALA A . n 
A 1 61  GLY 61  59  59  GLY GLY A . n 
A 1 62  LEU 62  60  60  LEU LEU A . n 
A 1 63  ALA 63  61  61  ALA ALA A . n 
A 1 64  ARG 64  62  62  ARG ARG A . n 
A 1 65  PRO 65  63  63  PRO PRO A . n 
A 1 66  ALA 66  64  64  ALA ALA A . n 
A 1 67  ALA 67  65  65  ALA ALA A . n 
A 1 68  VAL 68  66  66  VAL VAL A . n 
A 1 69  ALA 69  67  67  ALA ALA A . n 
A 1 70  VAL 70  68  68  VAL VAL A . n 
A 1 71  ALA 71  69  69  ALA ALA A . n 
A 1 72  THR 72  70  70  THR THR A . n 
A 1 73  GLN 73  71  71  GLN GLN A . n 
A 1 74  ASN 74  72  72  ASN ASN A . n 
A 1 75  GLU 75  73  73  GLU GLU A . n 
A 1 76  HIS 76  74  74  HIS HIS A . n 
A 1 77  ARG 77  75  75  ARG ARG A . n 
A 1 78  PRO 78  76  76  PRO PRO A . n 
A 1 79  THR 79  77  77  THR THR A . n 
A 1 80  ASN 80  78  78  ASN ASN A . n 
A 1 81  THR 81  79  79  THR THR A . n 
A 1 82  VAL 82  80  80  VAL VAL A . n 
A 1 83  THR 83  81  81  THR THR A . n 
A 1 84  VAL 84  82  82  VAL VAL A . n 
A 1 85  PHE 85  83  83  PHE PHE A . n 
A 1 86  ALA 86  84  84  ALA ALA A . n 
A 1 87  GLY 87  85  85  GLY GLY A . n 
A 1 88  GLN 88  86  86  GLN GLN A . n 
A 1 89  ASP 89  87  87  ASP ASP A . n 
A 1 90  LYS 90  88  88  LYS LYS A . n 
A 1 91  GLU 91  89  89  GLU GLU A . n 
A 1 92  ALA 92  90  90  ALA ALA A . n 
A 1 93  THR 93  91  91  THR THR A . n 
A 1 94  ALA 94  92  92  ALA ALA A . n 
A 1 95  THR 95  93  93  THR THR A . n 
A 1 96  MET 96  94  94  MET MET A . n 
A 1 97  ARG 97  95  95  ARG ARG A . n 
A 1 98  GLU 98  96  96  GLU GLU A . n 
A 1 99  PHE 99  97  97  PHE PHE A . n 
A 1 100 ILE 100 98  98  ILE ILE A . n 
A 1 101 GLN 101 99  99  GLN GLN A . n 
A 1 102 GLN 102 100 100 GLN GLN A . n 
A 1 103 VAL 103 101 101 VAL VAL A . n 
A 1 104 PRO 104 102 102 PRO PRO A . n 
A 1 105 SER 105 103 103 SER SER A . n 
A 1 106 SER 106 104 104 SER SER A . n 
A 1 107 PRO 107 105 105 PRO PRO A . n 
A 1 108 SER 108 106 106 SER SER A . n 
A 1 109 TYR 109 107 107 TYR TYR A . n 
A 1 110 ALA 110 108 108 ALA ALA A . n 
A 1 111 LEU 111 109 109 LEU LEU A . n 
A 1 112 PHE 112 110 110 PHE PHE A . n 
A 1 113 LYS 113 111 111 LYS LYS A . n 
A 1 114 GLY 114 112 112 GLY GLY A . n 
A 1 115 ARG 115 113 113 ARG ARG A . n 
A 1 116 ASP 116 114 114 ASP ASP A . n 
A 1 117 LEU 117 115 115 LEU LEU A . n 
A 1 118 VAL 118 116 116 VAL VAL A . n 
A 1 119 TYR 119 117 117 TYR TYR A . n 
A 1 120 PHE 120 118 118 PHE PHE A . n 
A 1 121 MET 121 119 119 MET MET A . n 
A 1 122 PRO 122 120 120 PRO PRO A . n 
A 1 123 ARG 123 121 121 ARG ARG A . n 
A 1 124 GLU 124 122 122 GLU GLU A . n 
A 1 125 PHE 125 123 123 PHE PHE A . n 
A 1 126 ILE 126 124 124 ILE ILE A . n 
A 1 127 GLU 127 125 125 GLU GLU A . n 
A 1 128 GLY 128 126 126 GLY GLY A . n 
A 1 129 ARG 129 127 127 ARG ARG A . n 
A 1 130 ASP 130 128 128 ASP ASP A . n 
A 1 131 ILE 131 129 129 ILE ILE A . n 
A 1 132 ASN 132 130 130 ASN ASN A . n 
A 1 133 ASP 133 131 131 ASP ASP A . n 
A 1 134 ILE 134 132 132 ILE ILE A . n 
A 1 135 ALA 135 133 133 ALA ALA A . n 
A 1 136 MET 136 134 134 MET MET A . n 
A 1 137 ASP 137 135 135 ASP ASP A . n 
A 1 138 LEU 138 136 136 LEU LEU A . n 
A 1 139 LYS 139 137 137 LYS LYS A . n 
A 1 140 ASP 140 138 138 ASP ASP A . n 
A 1 141 ALA 141 139 139 ALA ALA A . n 
A 1 142 PHE 142 140 140 PHE PHE A . n 
A 1 143 ASP 143 141 141 ASP ASP A . n 
A 1 144 GLU 144 142 142 GLU GLU A . n 
A 1 145 ASN 145 143 143 ASN ASN A . n 
A 1 146 CYS 146 144 144 CYS CYS A . n 
A 1 147 LYS 147 145 145 LYS LYS A . n 
# 
_pdbx_entity_instance_feature.ordinal        1 
_pdbx_entity_instance_feature.comp_id        G5M 
_pdbx_entity_instance_feature.asym_id        ? 
_pdbx_entity_instance_feature.seq_num        ? 
_pdbx_entity_instance_feature.auth_comp_id   G5M 
_pdbx_entity_instance_feature.auth_asym_id   ? 
_pdbx_entity_instance_feature.auth_seq_num   ? 
_pdbx_entity_instance_feature.feature_type   'SUBJECT OF INVESTIGATION' 
_pdbx_entity_instance_feature.details        ? 
# 
loop_
_pdbx_nonpoly_scheme.asym_id 
_pdbx_nonpoly_scheme.entity_id 
_pdbx_nonpoly_scheme.mon_id 
_pdbx_nonpoly_scheme.ndb_seq_num 
_pdbx_nonpoly_scheme.pdb_seq_num 
_pdbx_nonpoly_scheme.auth_seq_num 
_pdbx_nonpoly_scheme.pdb_mon_id 
_pdbx_nonpoly_scheme.auth_mon_id 
_pdbx_nonpoly_scheme.pdb_strand_id 
_pdbx_nonpoly_scheme.pdb_ins_code 
B 2 G5M 1   201 201 G5M BSH A . 
C 3 PO4 1   202 1   PO4 PO4 A . 
D 4 HOH 1   301 91  HOH HOH A . 
D 4 HOH 2   302 81  HOH HOH A . 
D 4 HOH 3   303 24  HOH HOH A . 
D 4 HOH 4   304 40  HOH HOH A . 
D 4 HOH 5   305 95  HOH HOH A . 
D 4 HOH 6   306 66  HOH HOH A . 
D 4 HOH 7   307 88  HOH HOH A . 
D 4 HOH 8   308 113 HOH HOH A . 
D 4 HOH 9   309 121 HOH HOH A . 
D 4 HOH 10  310 83  HOH HOH A . 
D 4 HOH 11  311 41  HOH HOH A . 
D 4 HOH 12  312 124 HOH HOH A . 
D 4 HOH 13  313 26  HOH HOH A . 
D 4 HOH 14  314 36  HOH HOH A . 
D 4 HOH 15  315 17  HOH HOH A . 
D 4 HOH 16  316 108 HOH HOH A . 
D 4 HOH 17  317 54  HOH HOH A . 
D 4 HOH 18  318 85  HOH HOH A . 
D 4 HOH 19  319 69  HOH HOH A . 
D 4 HOH 20  320 89  HOH HOH A . 
D 4 HOH 21  321 13  HOH HOH A . 
D 4 HOH 22  322 28  HOH HOH A . 
D 4 HOH 23  323 74  HOH HOH A . 
D 4 HOH 24  324 21  HOH HOH A . 
D 4 HOH 25  325 15  HOH HOH A . 
D 4 HOH 26  326 12  HOH HOH A . 
D 4 HOH 27  327 1   HOH HOH A . 
D 4 HOH 28  328 25  HOH HOH A . 
D 4 HOH 29  329 68  HOH HOH A . 
D 4 HOH 30  330 97  HOH HOH A . 
D 4 HOH 31  331 59  HOH HOH A . 
D 4 HOH 32  332 62  HOH HOH A . 
D 4 HOH 33  333 51  HOH HOH A . 
D 4 HOH 34  334 71  HOH HOH A . 
D 4 HOH 35  335 118 HOH HOH A . 
D 4 HOH 36  336 77  HOH HOH A . 
D 4 HOH 37  337 19  HOH HOH A . 
D 4 HOH 38  338 6   HOH HOH A . 
D 4 HOH 39  339 93  HOH HOH A . 
D 4 HOH 40  340 53  HOH HOH A . 
D 4 HOH 41  341 114 HOH HOH A . 
D 4 HOH 42  342 18  HOH HOH A . 
D 4 HOH 43  343 96  HOH HOH A . 
D 4 HOH 44  344 115 HOH HOH A . 
D 4 HOH 45  345 37  HOH HOH A . 
D 4 HOH 46  346 67  HOH HOH A . 
D 4 HOH 47  347 4   HOH HOH A . 
D 4 HOH 48  348 32  HOH HOH A . 
D 4 HOH 49  349 7   HOH HOH A . 
D 4 HOH 50  350 122 HOH HOH A . 
D 4 HOH 51  351 86  HOH HOH A . 
D 4 HOH 52  352 92  HOH HOH A . 
D 4 HOH 53  353 43  HOH HOH A . 
D 4 HOH 54  354 45  HOH HOH A . 
D 4 HOH 55  355 39  HOH HOH A . 
D 4 HOH 56  356 110 HOH HOH A . 
D 4 HOH 57  357 33  HOH HOH A . 
D 4 HOH 58  358 5   HOH HOH A . 
D 4 HOH 59  359 116 HOH HOH A . 
D 4 HOH 60  360 75  HOH HOH A . 
D 4 HOH 61  361 101 HOH HOH A . 
D 4 HOH 62  362 10  HOH HOH A . 
D 4 HOH 63  363 99  HOH HOH A . 
D 4 HOH 64  364 23  HOH HOH A . 
D 4 HOH 65  365 8   HOH HOH A . 
D 4 HOH 66  366 29  HOH HOH A . 
D 4 HOH 67  367 9   HOH HOH A . 
D 4 HOH 68  368 70  HOH HOH A . 
D 4 HOH 69  369 46  HOH HOH A . 
D 4 HOH 70  370 34  HOH HOH A . 
D 4 HOH 71  371 73  HOH HOH A . 
D 4 HOH 72  372 20  HOH HOH A . 
D 4 HOH 73  373 3   HOH HOH A . 
D 4 HOH 74  374 2   HOH HOH A . 
D 4 HOH 75  375 16  HOH HOH A . 
D 4 HOH 76  376 109 HOH HOH A . 
D 4 HOH 77  377 27  HOH HOH A . 
D 4 HOH 78  378 14  HOH HOH A . 
D 4 HOH 79  379 79  HOH HOH A . 
D 4 HOH 80  380 102 HOH HOH A . 
D 4 HOH 81  381 44  HOH HOH A . 
D 4 HOH 82  382 64  HOH HOH A . 
D 4 HOH 83  383 35  HOH HOH A . 
D 4 HOH 84  384 38  HOH HOH A . 
D 4 HOH 85  385 87  HOH HOH A . 
D 4 HOH 86  386 100 HOH HOH A . 
D 4 HOH 87  387 105 HOH HOH A . 
D 4 HOH 88  388 50  HOH HOH A . 
D 4 HOH 89  389 76  HOH HOH A . 
D 4 HOH 90  390 103 HOH HOH A . 
D 4 HOH 91  391 117 HOH HOH A . 
D 4 HOH 92  392 52  HOH HOH A . 
D 4 HOH 93  393 30  HOH HOH A . 
D 4 HOH 94  394 107 HOH HOH A . 
D 4 HOH 95  395 57  HOH HOH A . 
D 4 HOH 96  396 49  HOH HOH A . 
D 4 HOH 97  397 78  HOH HOH A . 
D 4 HOH 98  398 84  HOH HOH A . 
D 4 HOH 99  399 65  HOH HOH A . 
D 4 HOH 100 400 90  HOH HOH A . 
D 4 HOH 101 401 31  HOH HOH A . 
D 4 HOH 102 402 120 HOH HOH A . 
D 4 HOH 103 403 111 HOH HOH A . 
D 4 HOH 104 404 61  HOH HOH A . 
D 4 HOH 105 405 98  HOH HOH A . 
D 4 HOH 106 406 119 HOH HOH A . 
D 4 HOH 107 407 106 HOH HOH A . 
D 4 HOH 108 408 60  HOH HOH A . 
D 4 HOH 109 409 63  HOH HOH A . 
D 4 HOH 110 410 72  HOH HOH A . 
D 4 HOH 111 411 42  HOH HOH A . 
D 4 HOH 112 412 22  HOH HOH A . 
D 4 HOH 113 413 112 HOH HOH A . 
D 4 HOH 114 414 94  HOH HOH A . 
D 4 HOH 115 415 48  HOH HOH A . 
D 4 HOH 116 416 47  HOH HOH A . 
D 4 HOH 117 417 104 HOH HOH A . 
D 4 HOH 118 418 56  HOH HOH A . 
D 4 HOH 119 419 58  HOH HOH A . 
D 4 HOH 120 420 11  HOH HOH A . 
D 4 HOH 121 421 123 HOH HOH A . 
D 4 HOH 122 422 55  HOH HOH A . 
D 4 HOH 123 423 82  HOH HOH A . 
D 4 HOH 124 424 80  HOH HOH A . 
# 
loop_
_pdbx_unobs_or_zero_occ_atoms.id 
_pdbx_unobs_or_zero_occ_atoms.PDB_model_num 
_pdbx_unobs_or_zero_occ_atoms.polymer_flag 
_pdbx_unobs_or_zero_occ_atoms.occupancy_flag 
_pdbx_unobs_or_zero_occ_atoms.auth_asym_id 
_pdbx_unobs_or_zero_occ_atoms.auth_comp_id 
_pdbx_unobs_or_zero_occ_atoms.auth_seq_id 
_pdbx_unobs_or_zero_occ_atoms.PDB_ins_code 
_pdbx_unobs_or_zero_occ_atoms.auth_atom_id 
_pdbx_unobs_or_zero_occ_atoms.label_alt_id 
_pdbx_unobs_or_zero_occ_atoms.label_asym_id 
_pdbx_unobs_or_zero_occ_atoms.label_comp_id 
_pdbx_unobs_or_zero_occ_atoms.label_seq_id 
_pdbx_unobs_or_zero_occ_atoms.label_atom_id 
1  1 Y 1 A MET 8   ? CG  ? A MET 10  CG  
2  1 Y 1 A MET 8   ? SD  ? A MET 10  SD  
3  1 Y 1 A MET 8   ? CE  ? A MET 10  CE  
4  1 Y 1 A LYS 9   ? CG  ? A LYS 11  CG  
5  1 Y 1 A LYS 9   ? CD  ? A LYS 11  CD  
6  1 Y 1 A LYS 9   ? CE  ? A LYS 11  CE  
7  1 Y 1 A LYS 9   ? NZ  ? A LYS 11  NZ  
8  1 Y 1 A GLU 10  ? CG  ? A GLU 12  CG  
9  1 Y 1 A GLU 10  ? CD  ? A GLU 12  CD  
10 1 Y 1 A GLU 10  ? OE1 ? A GLU 12  OE1 
11 1 Y 1 A GLU 10  ? OE2 ? A GLU 12  OE2 
12 1 Y 1 A GLU 73  ? CG  ? A GLU 75  CG  
13 1 Y 1 A GLU 73  ? CD  ? A GLU 75  CD  
14 1 Y 1 A GLU 73  ? OE1 ? A GLU 75  OE1 
15 1 Y 1 A GLU 73  ? OE2 ? A GLU 75  OE2 
16 1 Y 1 A LYS 145 ? CG  ? A LYS 147 CG  
17 1 Y 1 A LYS 145 ? CD  ? A LYS 147 CD  
18 1 Y 1 A LYS 145 ? CE  ? A LYS 147 CE  
19 1 Y 1 A LYS 145 ? NZ  ? A LYS 147 NZ  
# 
loop_
_software.citation_id 
_software.classification 
_software.compiler_name 
_software.compiler_version 
_software.contact_author 
_software.contact_author_email 
_software.date 
_software.description 
_software.dependencies 
_software.hardware 
_software.language 
_software.location 
_software.mods 
_software.name 
_software.os 
_software.os_version 
_software.type 
_software.version 
_software.pdbx_ordinal 
? 'data scaling'    ? ? ? ? ? ? ? ? ? ? ? SCALA       ? ? ? 3.3.22      1 
? refinement        ? ? ? ? ? ? ? ? ? ? ? PHENIX      ? ? ? 1.11.1_2575 2 
? 'data extraction' ? ? ? ? ? ? ? ? ? ? ? PDB_EXTRACT ? ? ? 3.27        3 
? 'data reduction'  ? ? ? ? ? ? ? ? ? ? ? xia2        ? ? ? .           4 
? phasing           ? ? ? ? ? ? ? ? ? ? ? PHASER      ? ? ? .           5 
# 
_cell.angle_alpha                  90.000 
_cell.angle_alpha_esd              ? 
_cell.angle_beta                   90.000 
_cell.angle_beta_esd               ? 
_cell.angle_gamma                  90.000 
_cell.angle_gamma_esd              ? 
_cell.entry_id                     7RZB 
_cell.details                      ? 
_cell.formula_units_Z              ? 
_cell.length_a                     84.882 
_cell.length_a_esd                 ? 
_cell.length_b                     84.882 
_cell.length_b_esd                 ? 
_cell.length_c                     41.037 
_cell.length_c_esd                 ? 
_cell.volume                       ? 
_cell.volume_esd                   ? 
_cell.Z_PDB                        8 
_cell.reciprocal_angle_alpha       ? 
_cell.reciprocal_angle_beta        ? 
_cell.reciprocal_angle_gamma       ? 
_cell.reciprocal_angle_alpha_esd   ? 
_cell.reciprocal_angle_beta_esd    ? 
_cell.reciprocal_angle_gamma_esd   ? 
_cell.reciprocal_length_a          ? 
_cell.reciprocal_length_b          ? 
_cell.reciprocal_length_c          ? 
_cell.reciprocal_length_a_esd      ? 
_cell.reciprocal_length_b_esd      ? 
_cell.reciprocal_length_c_esd      ? 
_cell.pdbx_unique_axis             ? 
# 
_symmetry.entry_id                         7RZB 
_symmetry.cell_setting                     ? 
_symmetry.Int_Tables_number                92 
_symmetry.space_group_name_Hall            ? 
_symmetry.space_group_name_H-M             'P 41 21 2' 
_symmetry.pdbx_full_space_group_name_H-M   ? 
# 
_exptl.absorpt_coefficient_mu     ? 
_exptl.absorpt_correction_T_max   ? 
_exptl.absorpt_correction_T_min   ? 
_exptl.absorpt_correction_type    ? 
_exptl.absorpt_process_details    ? 
_exptl.entry_id                   7RZB 
_exptl.crystals_number            1 
_exptl.details                    ? 
_exptl.method                     'X-RAY DIFFRACTION' 
_exptl.method_details             ? 
# 
_exptl_crystal.colour                      ? 
_exptl_crystal.density_diffrn              ? 
_exptl_crystal.density_Matthews            2.27 
_exptl_crystal.density_method              ? 
_exptl_crystal.density_percent_sol         45.83 
_exptl_crystal.description                 ? 
_exptl_crystal.F_000                       ? 
_exptl_crystal.id                          1 
_exptl_crystal.preparation                 ? 
_exptl_crystal.size_max                    ? 
_exptl_crystal.size_mid                    ? 
_exptl_crystal.size_min                    ? 
_exptl_crystal.size_rad                    ? 
_exptl_crystal.colour_lustre               ? 
_exptl_crystal.colour_modifier             ? 
_exptl_crystal.colour_primary              ? 
_exptl_crystal.density_meas                ? 
_exptl_crystal.density_meas_esd            ? 
_exptl_crystal.density_meas_gt             ? 
_exptl_crystal.density_meas_lt             ? 
_exptl_crystal.density_meas_temp           ? 
_exptl_crystal.density_meas_temp_esd       ? 
_exptl_crystal.density_meas_temp_gt        ? 
_exptl_crystal.density_meas_temp_lt        ? 
_exptl_crystal.pdbx_crystal_image_url      ? 
_exptl_crystal.pdbx_crystal_image_format   ? 
_exptl_crystal.pdbx_mosaicity              ? 
_exptl_crystal.pdbx_mosaicity_esd          ? 
# 
_exptl_crystal_grow.apparatus       ? 
_exptl_crystal_grow.atmosphere      ? 
_exptl_crystal_grow.crystal_id      1 
_exptl_crystal_grow.details         ? 
_exptl_crystal_grow.method          'VAPOR DIFFUSION, HANGING DROP' 
_exptl_crystal_grow.method_ref      ? 
_exptl_crystal_grow.pH              ? 
_exptl_crystal_grow.pressure        ? 
_exptl_crystal_grow.pressure_esd    ? 
_exptl_crystal_grow.seeding         ? 
_exptl_crystal_grow.seeding_ref     ? 
_exptl_crystal_grow.temp            295 
_exptl_crystal_grow.temp_details    ? 
_exptl_crystal_grow.temp_esd        ? 
_exptl_crystal_grow.time            ? 
_exptl_crystal_grow.pdbx_details    
'100 mM ammonium phosphate, 10% w/v PEG3350, 10 mM HEPES, 25 mM sodium chloride, 18 mg/mL BrxA, 1 mM bacillithiol disulfide' 
_exptl_crystal_grow.pdbx_pH_range   5.0-6.0 
# 
_diffrn.ambient_environment              ? 
_diffrn.ambient_temp                     100 
_diffrn.ambient_temp_details             ? 
_diffrn.ambient_temp_esd                 ? 
_diffrn.crystal_id                       1 
_diffrn.crystal_support                  ? 
_diffrn.crystal_treatment                ? 
_diffrn.details                          ? 
_diffrn.id                               1 
_diffrn.ambient_pressure                 ? 
_diffrn.ambient_pressure_esd             ? 
_diffrn.ambient_pressure_gt              ? 
_diffrn.ambient_pressure_lt              ? 
_diffrn.ambient_temp_gt                  ? 
_diffrn.ambient_temp_lt                  ? 
_diffrn.pdbx_serial_crystal_experiment   N 
# 
_diffrn_detector.details                      ? 
_diffrn_detector.detector                     CCD 
_diffrn_detector.diffrn_id                    1 
_diffrn_detector.type                         'RAYONIX MX-300' 
_diffrn_detector.area_resol_mean              ? 
_diffrn_detector.dtime                        ? 
_diffrn_detector.pdbx_frames_total            ? 
_diffrn_detector.pdbx_collection_time_total   ? 
_diffrn_detector.pdbx_collection_date         2021-07-30 
_diffrn_detector.pdbx_frequency               ? 
# 
_diffrn_radiation.collimation                      ? 
_diffrn_radiation.diffrn_id                        1 
_diffrn_radiation.filter_edge                      ? 
_diffrn_radiation.inhomogeneity                    ? 
_diffrn_radiation.monochromator                    ? 
_diffrn_radiation.polarisn_norm                    ? 
_diffrn_radiation.polarisn_ratio                   ? 
_diffrn_radiation.probe                            ? 
_diffrn_radiation.type                             ? 
_diffrn_radiation.xray_symbol                      ? 
_diffrn_radiation.wavelength_id                    1 
_diffrn_radiation.pdbx_monochromatic_or_laue_m_l   M 
_diffrn_radiation.pdbx_wavelength_list             ? 
_diffrn_radiation.pdbx_wavelength                  ? 
_diffrn_radiation.pdbx_diffrn_protocol             'SINGLE WAVELENGTH' 
_diffrn_radiation.pdbx_analyzer                    ? 
_diffrn_radiation.pdbx_scattering_type             x-ray 
# 
_diffrn_radiation_wavelength.id           1 
_diffrn_radiation_wavelength.wavelength   0.97856 
_diffrn_radiation_wavelength.wt           1.0 
# 
_diffrn_source.current                     ? 
_diffrn_source.details                     ? 
_diffrn_source.diffrn_id                   1 
_diffrn_source.power                       ? 
_diffrn_source.size                        ? 
_diffrn_source.source                      SYNCHROTRON 
_diffrn_source.target                      ? 
_diffrn_source.type                        'APS BEAMLINE 21-ID-F' 
_diffrn_source.voltage                     ? 
_diffrn_source.take-off_angle              ? 
_diffrn_source.pdbx_wavelength_list        0.97856 
_diffrn_source.pdbx_wavelength             ? 
_diffrn_source.pdbx_synchrotron_beamline   21-ID-F 
_diffrn_source.pdbx_synchrotron_site       APS 
# 
_reflns.B_iso_Wilson_estimate                          24.750 
_reflns.entry_id                                       7RZB 
_reflns.data_reduction_details                         ? 
_reflns.data_reduction_method                          ? 
_reflns.d_resolution_high                              1.600 
_reflns.d_resolution_low                               60.020 
_reflns.details                                        ? 
_reflns.limit_h_max                                    ? 
_reflns.limit_h_min                                    ? 
_reflns.limit_k_max                                    ? 
_reflns.limit_k_min                                    ? 
_reflns.limit_l_max                                    ? 
_reflns.limit_l_min                                    ? 
_reflns.number_all                                     20331 
_reflns.number_obs                                     20331 
_reflns.observed_criterion                             ? 
_reflns.observed_criterion_F_max                       ? 
_reflns.observed_criterion_F_min                       ? 
_reflns.observed_criterion_I_max                       ? 
_reflns.observed_criterion_I_min                       ? 
_reflns.observed_criterion_sigma_F                     ? 
_reflns.observed_criterion_sigma_I                     ? 
_reflns.percent_possible_obs                           99.700 
_reflns.R_free_details                                 ? 
_reflns.Rmerge_F_all                                   ? 
_reflns.Rmerge_F_obs                                   ? 
_reflns.Friedel_coverage                               ? 
_reflns.number_gt                                      ? 
_reflns.threshold_expression                           ? 
_reflns.pdbx_redundancy                                6.500 
_reflns.pdbx_Rmerge_I_obs                              ? 
_reflns.pdbx_Rmerge_I_all                              ? 
_reflns.pdbx_Rsym_value                                0.043 
_reflns.pdbx_netI_over_av_sigmaI                       10.200 
_reflns.pdbx_netI_over_sigmaI                          16.100 
_reflns.pdbx_res_netI_over_av_sigmaI_2                 ? 
_reflns.pdbx_res_netI_over_sigmaI_2                    ? 
_reflns.pdbx_chi_squared                               ? 
_reflns.pdbx_scaling_rejects                           ? 
_reflns.pdbx_d_res_high_opt                            ? 
_reflns.pdbx_d_res_low_opt                             ? 
_reflns.pdbx_d_res_opt_method                          ? 
_reflns.phase_calculation_details                      ? 
_reflns.pdbx_Rrim_I_all                                0.047 
_reflns.pdbx_Rpim_I_all                                0.018 
_reflns.pdbx_d_opt                                     ? 
_reflns.pdbx_number_measured_all                       131867 
_reflns.pdbx_diffrn_id                                 1 
_reflns.pdbx_ordinal                                   1 
_reflns.pdbx_CC_half                                   ? 
_reflns.pdbx_CC_star                                   ? 
_reflns.pdbx_R_split                                   ? 
_reflns.pdbx_aniso_diffraction_limit_axis_1_ortho[1]   ? 
_reflns.pdbx_aniso_diffraction_limit_axis_1_ortho[2]   ? 
_reflns.pdbx_aniso_diffraction_limit_axis_1_ortho[3]   ? 
_reflns.pdbx_aniso_diffraction_limit_axis_2_ortho[1]   ? 
_reflns.pdbx_aniso_diffraction_limit_axis_2_ortho[2]   ? 
_reflns.pdbx_aniso_diffraction_limit_axis_2_ortho[3]   ? 
_reflns.pdbx_aniso_diffraction_limit_axis_3_ortho[1]   ? 
_reflns.pdbx_aniso_diffraction_limit_axis_3_ortho[2]   ? 
_reflns.pdbx_aniso_diffraction_limit_axis_3_ortho[3]   ? 
_reflns.pdbx_aniso_diffraction_limit_1                 ? 
_reflns.pdbx_aniso_diffraction_limit_2                 ? 
_reflns.pdbx_aniso_diffraction_limit_3                 ? 
_reflns.pdbx_aniso_B_tensor_eigenvector_1_ortho[1]     ? 
_reflns.pdbx_aniso_B_tensor_eigenvector_1_ortho[2]     ? 
_reflns.pdbx_aniso_B_tensor_eigenvector_1_ortho[3]     ? 
_reflns.pdbx_aniso_B_tensor_eigenvector_2_ortho[1]     ? 
_reflns.pdbx_aniso_B_tensor_eigenvector_2_ortho[2]     ? 
_reflns.pdbx_aniso_B_tensor_eigenvector_2_ortho[3]     ? 
_reflns.pdbx_aniso_B_tensor_eigenvector_3_ortho[1]     ? 
_reflns.pdbx_aniso_B_tensor_eigenvector_3_ortho[2]     ? 
_reflns.pdbx_aniso_B_tensor_eigenvector_3_ortho[3]     ? 
_reflns.pdbx_aniso_B_tensor_eigenvalue_1               ? 
_reflns.pdbx_aniso_B_tensor_eigenvalue_2               ? 
_reflns.pdbx_aniso_B_tensor_eigenvalue_3               ? 
_reflns.pdbx_orthogonalization_convention              ? 
_reflns.pdbx_percent_possible_ellipsoidal              ? 
_reflns.pdbx_percent_possible_spherical                ? 
_reflns.pdbx_percent_possible_ellipsoidal_anomalous    ? 
_reflns.pdbx_percent_possible_spherical_anomalous      ? 
_reflns.pdbx_redundancy_anomalous                      ? 
_reflns.pdbx_CC_half_anomalous                         ? 
_reflns.pdbx_absDiff_over_sigma_anomalous              ? 
_reflns.pdbx_percent_possible_anomalous                ? 
_reflns.pdbx_observed_signal_threshold                 ? 
_reflns.pdbx_signal_type                               ? 
_reflns.pdbx_signal_details                            ? 
_reflns.pdbx_signal_software_id                        ? 
# 
loop_
_reflns_shell.d_res_high 
_reflns_shell.d_res_low 
_reflns_shell.meanI_over_sigI_all 
_reflns_shell.meanI_over_sigI_obs 
_reflns_shell.number_measured_all 
_reflns_shell.number_measured_obs 
_reflns_shell.number_possible 
_reflns_shell.number_unique_all 
_reflns_shell.number_unique_obs 
_reflns_shell.percent_possible_all 
_reflns_shell.percent_possible_obs 
_reflns_shell.Rmerge_F_all 
_reflns_shell.Rmerge_F_obs 
_reflns_shell.Rmerge_I_all 
_reflns_shell.Rmerge_I_obs 
_reflns_shell.meanI_over_sigI_gt 
_reflns_shell.meanI_over_uI_all 
_reflns_shell.meanI_over_uI_gt 
_reflns_shell.number_measured_gt 
_reflns_shell.number_unique_gt 
_reflns_shell.percent_possible_gt 
_reflns_shell.Rmerge_F_gt 
_reflns_shell.Rmerge_I_gt 
_reflns_shell.pdbx_redundancy 
_reflns_shell.pdbx_Rsym_value 
_reflns_shell.pdbx_chi_squared 
_reflns_shell.pdbx_netI_over_sigmaI_all 
_reflns_shell.pdbx_netI_over_sigmaI_obs 
_reflns_shell.pdbx_Rrim_I_all 
_reflns_shell.pdbx_Rpim_I_all 
_reflns_shell.pdbx_rejects 
_reflns_shell.pdbx_ordinal 
_reflns_shell.pdbx_diffrn_id 
_reflns_shell.pdbx_CC_half 
_reflns_shell.pdbx_CC_star 
_reflns_shell.pdbx_R_split 
_reflns_shell.pdbx_percent_possible_ellipsoidal 
_reflns_shell.pdbx_percent_possible_spherical 
_reflns_shell.pdbx_percent_possible_ellipsoidal_anomalous 
_reflns_shell.pdbx_percent_possible_spherical_anomalous 
_reflns_shell.pdbx_redundancy_anomalous 
_reflns_shell.pdbx_CC_half_anomalous 
_reflns_shell.pdbx_absDiff_over_sigma_anomalous 
_reflns_shell.pdbx_percent_possible_anomalous 
1.600 1.690  ? 1.300  11980 ? ? ? 2856 98.500  ? ? ? ? 0.589 ? ? ? ? ? ? ? ? 4.200 0.589 ? ? 1.700  0.672 0.314 ? 1  1 ? ? ? ? ? ? 
? ? ? ? ? 
1.690 1.790  ? 2.500  15577 ? ? ? 2771 99.900  ? ? ? ? 0.304 ? ? ? ? ? ? ? ? 5.600 0.304 ? ? 3.600  0.335 0.140 ? 2  1 ? ? ? ? ? ? 
? ? ? ? ? 
1.790 1.910  ? 3.700  17969 ? ? ? 2589 100.000 ? ? ? ? 0.193 ? ? ? ? ? ? ? ? 6.900 0.193 ? ? 6.300  0.209 0.079 ? 3  1 ? ? ? ? ? ? 
? ? ? ? ? 
1.910 2.070  ? 6.000  17711 ? ? ? 2440 100.000 ? ? ? ? 0.112 ? ? ? ? ? ? ? ? 7.300 0.112 ? ? 10.900 0.120 0.045 ? 4  1 ? ? ? ? ? ? 
? ? ? ? ? 
2.070 2.260  ? 8.200  16471 ? ? ? 2257 100.000 ? ? ? ? 0.075 ? ? ? ? ? ? ? ? 7.300 0.075 ? ? 16.000 0.081 0.031 ? 5  1 ? ? ? ? ? ? 
? ? ? ? ? 
2.260 2.530  ? 8.500  14810 ? ? ? 2045 100.000 ? ? ? ? 0.068 ? ? ? ? ? ? ? ? 7.200 0.068 ? ? 20.400 0.074 0.028 ? 6  1 ? ? ? ? ? ? 
? ? ? ? ? 
2.530 2.920  ? 9.800  13184 ? ? ? 1833 100.000 ? ? ? ? 0.060 ? ? ? ? ? ? ? ? 7.200 0.060 ? ? 26.800 0.065 0.025 ? 7  1 ? ? ? ? ? ? 
? ? ? ? ? 
2.920 3.580  ? 16.300 11042 ? ? ? 1555 100.000 ? ? ? ? 0.038 ? ? ? ? ? ? ? ? 7.100 0.038 ? ? 37.500 0.041 0.015 ? 8  1 ? ? ? ? ? ? 
? ? ? ? ? 
3.580 5.060  ? 22.400 8582  ? ? ? 1243 99.900  ? ? ? ? 0.027 ? ? ? ? ? ? ? ? 6.900 0.027 ? ? 43.900 0.029 0.011 ? 9  1 ? ? ? ? ? ? 
? ? ? ? ? 
5.060 33.876 ? 24.500 4541  ? ? ? 742  99.400  ? ? ? ? 0.023 ? ? ? ? ? ? ? ? 6.100 0.023 ? ? 39.900 0.026 0.010 ? 10 1 ? ? ? ? ? ? 
? ? ? ? ? 
# 
_refine.aniso_B[1][1]                            ? 
_refine.aniso_B[1][2]                            ? 
_refine.aniso_B[1][3]                            ? 
_refine.aniso_B[2][2]                            ? 
_refine.aniso_B[2][3]                            ? 
_refine.aniso_B[3][3]                            ? 
_refine.B_iso_max                                84.130 
_refine.B_iso_mean                               36.1551 
_refine.B_iso_min                                20.760 
_refine.correlation_coeff_Fo_to_Fc               ? 
_refine.correlation_coeff_Fo_to_Fc_free          ? 
_refine.details                                  ? 
_refine.diff_density_max                         ? 
_refine.diff_density_max_esd                     ? 
_refine.diff_density_min                         ? 
_refine.diff_density_min_esd                     ? 
_refine.diff_density_rms                         ? 
_refine.diff_density_rms_esd                     ? 
_refine.entry_id                                 7RZB 
_refine.pdbx_refine_id                           'X-RAY DIFFRACTION' 
_refine.ls_abs_structure_details                 ? 
_refine.ls_abs_structure_Flack                   ? 
_refine.ls_abs_structure_Flack_esd               ? 
_refine.ls_abs_structure_Rogers                  ? 
_refine.ls_abs_structure_Rogers_esd              ? 
_refine.ls_d_res_high                            1.6000 
_refine.ls_d_res_low                             33.8760 
_refine.ls_extinction_coef                       ? 
_refine.ls_extinction_coef_esd                   ? 
_refine.ls_extinction_expression                 ? 
_refine.ls_extinction_method                     ? 
_refine.ls_goodness_of_fit_all                   ? 
_refine.ls_goodness_of_fit_all_esd               ? 
_refine.ls_goodness_of_fit_obs                   ? 
_refine.ls_goodness_of_fit_obs_esd               ? 
_refine.ls_hydrogen_treatment                    ? 
_refine.ls_matrix_type                           ? 
_refine.ls_number_constraints                    ? 
_refine.ls_number_parameters                     ? 
_refine.ls_number_reflns_all                     ? 
_refine.ls_number_reflns_obs                     20234 
_refine.ls_number_reflns_R_free                  1044 
_refine.ls_number_reflns_R_work                  19190 
_refine.ls_number_restraints                     ? 
_refine.ls_percent_reflns_obs                    99.3800 
_refine.ls_percent_reflns_R_free                 5.1600 
_refine.ls_R_factor_all                          ? 
_refine.ls_R_factor_obs                          0.1975 
_refine.ls_R_factor_R_free                       0.2237 
_refine.ls_R_factor_R_free_error                 ? 
_refine.ls_R_factor_R_free_error_details         ? 
_refine.ls_R_factor_R_work                       0.1961 
_refine.ls_R_Fsqd_factor_obs                     ? 
_refine.ls_R_I_factor_obs                        ? 
_refine.ls_redundancy_reflns_all                 ? 
_refine.ls_redundancy_reflns_obs                 ? 
_refine.ls_restrained_S_all                      ? 
_refine.ls_restrained_S_obs                      ? 
_refine.ls_shift_over_esd_max                    ? 
_refine.ls_shift_over_esd_mean                   ? 
_refine.ls_structure_factor_coef                 ? 
_refine.ls_weighting_details                     ? 
_refine.ls_weighting_scheme                      ? 
_refine.ls_wR_factor_all                         ? 
_refine.ls_wR_factor_obs                         ? 
_refine.ls_wR_factor_R_free                      ? 
_refine.ls_wR_factor_R_work                      ? 
_refine.occupancy_max                            ? 
_refine.occupancy_min                            ? 
_refine.solvent_model_details                    'FLAT BULK SOLVENT MODEL' 
_refine.solvent_model_param_bsol                 ? 
_refine.solvent_model_param_ksol                 ? 
_refine.pdbx_R_complete                          ? 
_refine.ls_R_factor_gt                           ? 
_refine.ls_goodness_of_fit_gt                    ? 
_refine.ls_goodness_of_fit_ref                   ? 
_refine.ls_shift_over_su_max                     ? 
_refine.ls_shift_over_su_max_lt                  ? 
_refine.ls_shift_over_su_mean                    ? 
_refine.ls_shift_over_su_mean_lt                 ? 
_refine.pdbx_ls_sigma_I                          ? 
_refine.pdbx_ls_sigma_F                          1.340 
_refine.pdbx_ls_sigma_Fsqd                       ? 
_refine.pdbx_data_cutoff_high_absF               ? 
_refine.pdbx_data_cutoff_high_rms_absF           ? 
_refine.pdbx_data_cutoff_low_absF                ? 
_refine.pdbx_isotropic_thermal_model             ? 
_refine.pdbx_ls_cross_valid_method               THROUGHOUT 
_refine.pdbx_method_to_determine_struct          'MOLECULAR REPLACEMENT' 
_refine.pdbx_starting_model                      'PDB entry 3FHK' 
_refine.pdbx_stereochemistry_target_values       ML 
_refine.pdbx_R_Free_selection_details            ? 
_refine.pdbx_stereochem_target_val_spec_case     ? 
_refine.pdbx_overall_ESU_R                       ? 
_refine.pdbx_overall_ESU_R_Free                  ? 
_refine.pdbx_solvent_vdw_probe_radii             1.1100 
_refine.pdbx_solvent_ion_probe_radii             ? 
_refine.pdbx_solvent_shrinkage_radii             0.9000 
_refine.pdbx_real_space_R                        ? 
_refine.pdbx_density_correlation                 ? 
_refine.pdbx_pd_number_of_powder_patterns        ? 
_refine.pdbx_pd_number_of_points                 ? 
_refine.pdbx_pd_meas_number_of_points            ? 
_refine.pdbx_pd_proc_ls_prof_R_factor            ? 
_refine.pdbx_pd_proc_ls_prof_wR_factor           ? 
_refine.pdbx_pd_Marquardt_correlation_coeff      ? 
_refine.pdbx_pd_Fsqrd_R_factor                   ? 
_refine.pdbx_pd_ls_matrix_band_width             ? 
_refine.pdbx_overall_phase_error                 31.6400 
_refine.pdbx_overall_SU_R_free_Cruickshank_DPI   ? 
_refine.pdbx_overall_SU_R_free_Blow_DPI          ? 
_refine.pdbx_overall_SU_R_Blow_DPI               ? 
_refine.pdbx_TLS_residual_ADP_flag               ? 
_refine.pdbx_diffrn_id                           1 
_refine.overall_SU_B                             ? 
_refine.overall_SU_ML                            0.1800 
_refine.overall_SU_R_Cruickshank_DPI             ? 
_refine.overall_SU_R_free                        ? 
_refine.overall_FOM_free_R_set                   ? 
_refine.overall_FOM_work_R_set                   ? 
_refine.pdbx_average_fsc_overall                 ? 
_refine.pdbx_average_fsc_work                    ? 
_refine.pdbx_average_fsc_free                    ? 
# 
_refine_hist.pdbx_refine_id                   'X-RAY DIFFRACTION' 
_refine_hist.cycle_id                         final 
_refine_hist.details                          ? 
_refine_hist.d_res_high                       1.6000 
_refine_hist.d_res_low                        33.8760 
_refine_hist.number_atoms_solvent             124 
_refine_hist.number_atoms_total               1201 
_refine_hist.number_reflns_all                ? 
_refine_hist.number_reflns_obs                ? 
_refine_hist.number_reflns_R_free             ? 
_refine_hist.number_reflns_R_work             ? 
_refine_hist.R_factor_all                     ? 
_refine_hist.R_factor_obs                     ? 
_refine_hist.R_factor_R_free                  ? 
_refine_hist.R_factor_R_work                  ? 
_refine_hist.pdbx_number_residues_total       138 
_refine_hist.pdbx_B_iso_mean_ligand           38.93 
_refine_hist.pdbx_B_iso_mean_solvent          43.90 
_refine_hist.pdbx_number_atoms_protein        1046 
_refine_hist.pdbx_number_atoms_nucleic_acid   0 
_refine_hist.pdbx_number_atoms_ligand         31 
_refine_hist.pdbx_number_atoms_lipid          ? 
_refine_hist.pdbx_number_atoms_carb           ? 
_refine_hist.pdbx_pseudo_atom_details         ? 
# 
loop_
_refine_ls_restr.pdbx_refine_id 
_refine_ls_restr.criterion 
_refine_ls_restr.dev_ideal 
_refine_ls_restr.dev_ideal_target 
_refine_ls_restr.number 
_refine_ls_restr.rejects 
_refine_ls_restr.type 
_refine_ls_restr.weight 
_refine_ls_restr.pdbx_restraint_function 
'X-RAY DIFFRACTION' ? 0.006 ? 1118 ? f_bond_d           ? ? 
'X-RAY DIFFRACTION' ? 0.861 ? 1524 ? f_angle_d          ? ? 
'X-RAY DIFFRACTION' ? 0.056 ? 175  ? f_chiral_restr     ? ? 
'X-RAY DIFFRACTION' ? 0.004 ? 207  ? f_plane_restr      ? ? 
'X-RAY DIFFRACTION' ? 6.820 ? 908  ? f_dihedral_angle_d ? ? 
# 
loop_
_refine_ls_shell.pdbx_refine_id 
_refine_ls_shell.d_res_high 
_refine_ls_shell.d_res_low 
_refine_ls_shell.number_reflns_all 
_refine_ls_shell.number_reflns_obs 
_refine_ls_shell.number_reflns_R_free 
_refine_ls_shell.number_reflns_R_work 
_refine_ls_shell.percent_reflns_obs 
_refine_ls_shell.percent_reflns_R_free 
_refine_ls_shell.R_factor_all 
_refine_ls_shell.R_factor_obs 
_refine_ls_shell.R_factor_R_free 
_refine_ls_shell.R_factor_R_free_error 
_refine_ls_shell.R_factor_R_work 
_refine_ls_shell.redundancy_reflns_all 
_refine_ls_shell.redundancy_reflns_obs 
_refine_ls_shell.wR_factor_all 
_refine_ls_shell.wR_factor_obs 
_refine_ls_shell.wR_factor_R_free 
_refine_ls_shell.wR_factor_R_work 
_refine_ls_shell.pdbx_R_complete 
_refine_ls_shell.pdbx_total_number_of_bins_used 
_refine_ls_shell.pdbx_phase_error 
_refine_ls_shell.pdbx_fsc_work 
_refine_ls_shell.pdbx_fsc_free 
'X-RAY DIFFRACTION' 1.60   1.6840  . . 132 2624 97.0000  . . . 0.3319 0.0000 0.2776 . . . . . . . . . . . 
'X-RAY DIFFRACTION' 1.6840 1.7895  . . 139 2713 99.0000  . . . 0.3013 0.0000 0.2322 . . . . . . . . . . . 
'X-RAY DIFFRACTION' 1.7895 1.9277  . . 161 2684 100.0000 . . . 0.2870 0.0000 0.2195 . . . . . . . . . . . 
'X-RAY DIFFRACTION' 1.9277 2.1216  . . 155 2708 100.0000 . . . 0.2668 0.0000 0.2025 . . . . . . . . . . . 
'X-RAY DIFFRACTION' 2.1216 2.4286  . . 164 2745 100.0000 . . . 0.2434 0.0000 0.2026 . . . . . . . . . . . 
'X-RAY DIFFRACTION' 2.4286 3.0594  . . 145 2771 100.0000 . . . 0.2143 0.0000 0.2067 . . . . . . . . . . . 
'X-RAY DIFFRACTION' 3.0594 33.8760 . . 148 2945 100.0000 . . . 0.1921 0.0000 0.1779 . . . . . . . . . . . 
# 
_struct.entry_id                     7RZB 
_struct.title                        'BrxA from Staphylococcus aureus with bacillithiol mixed disulfide' 
_struct.pdbx_model_details           ? 
_struct.pdbx_formula_weight          ? 
_struct.pdbx_formula_weight_method   ? 
_struct.pdbx_model_type_details      ? 
_struct.pdbx_CASP_flag               N 
# 
_struct_keywords.entry_id        7RZB 
_struct_keywords.text            'Bacillithiol, redox, oxidative stress, bacilliredoxin, OXIDOREDUCTASE' 
_struct_keywords.pdbx_keywords   OXIDOREDUCTASE 
# 
loop_
_struct_asym.id 
_struct_asym.pdbx_blank_PDB_chainid_flag 
_struct_asym.pdbx_modified 
_struct_asym.entity_id 
_struct_asym.details 
A N N 1 ? 
B N N 2 ? 
C N N 3 ? 
D N N 4 ? 
# 
_struct_ref.id                         1 
_struct_ref.db_name                    UNP 
_struct_ref.db_code                    A0A229LVN5_STAAU 
_struct_ref.pdbx_db_accession          A0A229LVN5 
_struct_ref.pdbx_db_isoform            ? 
_struct_ref.entity_id                  1 
_struct_ref.pdbx_seq_one_letter_code   
;MNAYDAYMKEIAQQMRGELTQNGFTSLETSEAVSEYMNQVNADDTTFVVINSTCGCAAGLARPAAVAVATQNEHRPTNTV
TVFAGQDKEATATMREFIQQVPSSPSYALFKGRDLVYFMPREFIEGRDINDIAMDLKDAFDENCK
;
_struct_ref.pdbx_align_begin           1 
# 
_struct_ref_seq.align_id                      1 
_struct_ref_seq.ref_id                        1 
_struct_ref_seq.pdbx_PDB_id_code              7RZB 
_struct_ref_seq.pdbx_strand_id                A 
_struct_ref_seq.seq_align_beg                 3 
_struct_ref_seq.pdbx_seq_align_beg_ins_code   ? 
_struct_ref_seq.seq_align_end                 147 
_struct_ref_seq.pdbx_seq_align_end_ins_code   ? 
_struct_ref_seq.pdbx_db_accession             A0A229LVN5 
_struct_ref_seq.db_align_beg                  1 
_struct_ref_seq.pdbx_db_align_beg_ins_code    ? 
_struct_ref_seq.db_align_end                  145 
_struct_ref_seq.pdbx_db_align_end_ins_code    ? 
_struct_ref_seq.pdbx_auth_seq_align_beg       1 
_struct_ref_seq.pdbx_auth_seq_align_end       145 
# 
loop_
_struct_ref_seq_dif.align_id 
_struct_ref_seq_dif.pdbx_pdb_id_code 
_struct_ref_seq_dif.mon_id 
_struct_ref_seq_dif.pdbx_pdb_strand_id 
_struct_ref_seq_dif.seq_num 
_struct_ref_seq_dif.pdbx_pdb_ins_code 
_struct_ref_seq_dif.pdbx_seq_db_name 
_struct_ref_seq_dif.pdbx_seq_db_accession_code 
_struct_ref_seq_dif.db_mon_id 
_struct_ref_seq_dif.pdbx_seq_db_seq_num 
_struct_ref_seq_dif.details 
_struct_ref_seq_dif.pdbx_auth_seq_num 
_struct_ref_seq_dif.pdbx_ordinal 
1 7RZB GLY A 1 ? UNP A0A229LVN5 ? ? 'expression tag' -1 1 
1 7RZB HIS A 2 ? UNP A0A229LVN5 ? ? 'expression tag' 0  2 
# 
_pdbx_struct_assembly.id                   1 
_pdbx_struct_assembly.details              author_and_software_defined_assembly 
_pdbx_struct_assembly.method_details       PISA 
_pdbx_struct_assembly.oligomeric_details   dimeric 
_pdbx_struct_assembly.oligomeric_count     2 
# 
loop_
_pdbx_struct_assembly_prop.biol_id 
_pdbx_struct_assembly_prop.type 
_pdbx_struct_assembly_prop.value 
_pdbx_struct_assembly_prop.details 
1 'ABSA (A^2)' 2080  ? 
1 MORE         -29   ? 
1 'SSA (A^2)'  11880 ? 
# 
_pdbx_struct_assembly_gen.assembly_id       1 
_pdbx_struct_assembly_gen.oper_expression   1,2 
_pdbx_struct_assembly_gen.asym_id_list      A,B,C,D 
# 
_pdbx_struct_assembly_auth_evidence.id                     1 
_pdbx_struct_assembly_auth_evidence.assembly_id            1 
_pdbx_struct_assembly_auth_evidence.experimental_support   none 
_pdbx_struct_assembly_auth_evidence.details                'PISA predicts homodimer' 
# 
loop_
_pdbx_struct_oper_list.id 
_pdbx_struct_oper_list.type 
_pdbx_struct_oper_list.name 
_pdbx_struct_oper_list.symmetry_operation 
_pdbx_struct_oper_list.matrix[1][1] 
_pdbx_struct_oper_list.matrix[1][2] 
_pdbx_struct_oper_list.matrix[1][3] 
_pdbx_struct_oper_list.vector[1] 
_pdbx_struct_oper_list.matrix[2][1] 
_pdbx_struct_oper_list.matrix[2][2] 
_pdbx_struct_oper_list.matrix[2][3] 
_pdbx_struct_oper_list.vector[2] 
_pdbx_struct_oper_list.matrix[3][1] 
_pdbx_struct_oper_list.matrix[3][2] 
_pdbx_struct_oper_list.matrix[3][3] 
_pdbx_struct_oper_list.vector[3] 
1 'identity operation'         1_555 x,y,z  1.0000000000  0.0000000000  0.0000000000 0.0000000000  0.0000000000  1.0000000000  0.0000000000  0.0000000000  0.0000000000 0.0000000000  1.0000000000 0.0000000000  
2 'crystal symmetry operation' 7_555 y,x,-z -0.5437323737 -0.3559169214 0.7600514791 -7.6742323511 -0.3559169214 -0.7223628247 -0.5928870841 22.5020860728 0.7600514791 -0.5928870841 0.2660951984 15.1442070636 
# 
loop_
_struct_conf.conf_type_id 
_struct_conf.id 
_struct_conf.pdbx_PDB_helix_id 
_struct_conf.beg_label_comp_id 
_struct_conf.beg_label_asym_id 
_struct_conf.beg_label_seq_id 
_struct_conf.pdbx_beg_PDB_ins_code 
_struct_conf.end_label_comp_id 
_struct_conf.end_label_asym_id 
_struct_conf.end_label_seq_id 
_struct_conf.pdbx_end_PDB_ins_code 
_struct_conf.beg_auth_comp_id 
_struct_conf.beg_auth_asym_id 
_struct_conf.beg_auth_seq_id 
_struct_conf.end_auth_comp_id 
_struct_conf.end_auth_asym_id 
_struct_conf.end_auth_seq_id 
_struct_conf.pdbx_PDB_helix_class 
_struct_conf.details 
_struct_conf.pdbx_PDB_helix_length 
HELX_P HELX_P1 AA1 MET A 10  ? GLN A 23  ? MET A 8   GLN A 21  1 ? 14 
HELX_P HELX_P2 AA2 THR A 31  ? ASN A 40  ? THR A 29  ASN A 38  1 ? 10 
HELX_P HELX_P3 AA3 CYS A 56  ? ASN A 74  ? CYS A 54  ASN A 72  1 ? 19 
HELX_P HELX_P4 AA4 ASP A 89  ? GLN A 101 ? ASP A 87  GLN A 99  1 ? 13 
HELX_P HELX_P5 AA5 PRO A 122 ? ILE A 126 ? PRO A 120 ILE A 124 5 ? 5  
HELX_P HELX_P6 AA6 ASP A 130 ? CYS A 146 ? ASP A 128 CYS A 144 1 ? 17 
# 
_struct_conf_type.id          HELX_P 
_struct_conf_type.criteria    ? 
_struct_conf_type.reference   ? 
# 
loop_
_struct_conn.id 
_struct_conn.conn_type_id 
_struct_conn.pdbx_leaving_atom_flag 
_struct_conn.pdbx_PDB_id 
_struct_conn.ptnr1_label_asym_id 
_struct_conn.ptnr1_label_comp_id 
_struct_conn.ptnr1_label_seq_id 
_struct_conn.ptnr1_label_atom_id 
_struct_conn.pdbx_ptnr1_label_alt_id 
_struct_conn.pdbx_ptnr1_PDB_ins_code 
_struct_conn.pdbx_ptnr1_standard_comp_id 
_struct_conn.ptnr1_symmetry 
_struct_conn.ptnr2_label_asym_id 
_struct_conn.ptnr2_label_comp_id 
_struct_conn.ptnr2_label_seq_id 
_struct_conn.ptnr2_label_atom_id 
_struct_conn.pdbx_ptnr2_label_alt_id 
_struct_conn.pdbx_ptnr2_PDB_ins_code 
_struct_conn.ptnr1_auth_asym_id 
_struct_conn.ptnr1_auth_comp_id 
_struct_conn.ptnr1_auth_seq_id 
_struct_conn.ptnr2_auth_asym_id 
_struct_conn.ptnr2_auth_comp_id 
_struct_conn.ptnr2_auth_seq_id 
_struct_conn.ptnr2_symmetry 
_struct_conn.pdbx_ptnr3_label_atom_id 
_struct_conn.pdbx_ptnr3_label_seq_id 
_struct_conn.pdbx_ptnr3_label_comp_id 
_struct_conn.pdbx_ptnr3_label_asym_id 
_struct_conn.pdbx_ptnr3_label_alt_id 
_struct_conn.pdbx_ptnr3_PDB_ins_code 
_struct_conn.details 
_struct_conn.pdbx_dist_value 
_struct_conn.pdbx_value_order 
_struct_conn.pdbx_role 
disulf1 disulf ?    ? A CYS 58 SG A ? ? 1_555 A CYS 58 SG  A ? A CYS 56 A CYS 56  7_555 ? ? ? ? ? ? ? 2.927 ? ? 
disulf2 disulf ?    ? A CYS 58 SG B ? ? 1_555 A CYS 58 SG  B ? A CYS 56 A CYS 56  7_555 ? ? ? ? ? ? ? 2.815 ? ? 
covale1 covale none ? A CYS 56 SG ? ? ? 1_555 B G5M .  S26 ? ? A CYS 54 A G5M 201 1_555 ? ? ? ? ? ? ? 2.024 ? ? 
# 
loop_
_struct_conn_type.id 
_struct_conn_type.criteria 
_struct_conn_type.reference 
disulf ? ? 
covale ? ? 
# 
loop_
_pdbx_modification_feature.ordinal 
_pdbx_modification_feature.label_comp_id 
_pdbx_modification_feature.label_asym_id 
_pdbx_modification_feature.label_seq_id 
_pdbx_modification_feature.label_alt_id 
_pdbx_modification_feature.modified_residue_label_comp_id 
_pdbx_modification_feature.modified_residue_label_asym_id 
_pdbx_modification_feature.modified_residue_label_seq_id 
_pdbx_modification_feature.modified_residue_label_alt_id 
_pdbx_modification_feature.auth_comp_id 
_pdbx_modification_feature.auth_asym_id 
_pdbx_modification_feature.auth_seq_id 
_pdbx_modification_feature.PDB_ins_code 
_pdbx_modification_feature.symmetry 
_pdbx_modification_feature.modified_residue_auth_comp_id 
_pdbx_modification_feature.modified_residue_auth_asym_id 
_pdbx_modification_feature.modified_residue_auth_seq_id 
_pdbx_modification_feature.modified_residue_PDB_ins_code 
_pdbx_modification_feature.modified_residue_symmetry 
_pdbx_modification_feature.comp_id_linking_atom 
_pdbx_modification_feature.modified_residue_id_linking_atom 
_pdbx_modification_feature.modified_residue_id 
_pdbx_modification_feature.ref_pcm_id 
_pdbx_modification_feature.ref_comp_id 
_pdbx_modification_feature.type 
_pdbx_modification_feature.category 
1 G5M B .  ? CYS A 56 ? G5M A 201 ? 1_555 CYS A 54 ? 1_555 S26 SG CYS 1 G5M None 'Covalent chemical modification' 
2 CYS A 58 A CYS A 58 A CYS A 56  ? 1_555 CYS A 56 ? 7_555 SG  SG .   . .   None 'Disulfide bridge'               
3 CYS A 58 B CYS A 58 B CYS A 56  ? 1_555 CYS A 56 ? 7_555 SG  SG .   . .   None 'Disulfide bridge'               
# 
_struct_mon_prot_cis.pdbx_id                1 
_struct_mon_prot_cis.label_comp_id          SER 
_struct_mon_prot_cis.label_seq_id           106 
_struct_mon_prot_cis.label_asym_id          A 
_struct_mon_prot_cis.label_alt_id           . 
_struct_mon_prot_cis.pdbx_PDB_ins_code      ? 
_struct_mon_prot_cis.auth_comp_id           SER 
_struct_mon_prot_cis.auth_seq_id            104 
_struct_mon_prot_cis.auth_asym_id           A 
_struct_mon_prot_cis.pdbx_label_comp_id_2   PRO 
_struct_mon_prot_cis.pdbx_label_seq_id_2    107 
_struct_mon_prot_cis.pdbx_label_asym_id_2   A 
_struct_mon_prot_cis.pdbx_PDB_ins_code_2    ? 
_struct_mon_prot_cis.pdbx_auth_comp_id_2    PRO 
_struct_mon_prot_cis.pdbx_auth_seq_id_2     105 
_struct_mon_prot_cis.pdbx_auth_asym_id_2    A 
_struct_mon_prot_cis.pdbx_PDB_model_num     1 
_struct_mon_prot_cis.pdbx_omega_angle       -6.17 
# 
_struct_sheet.id               AA1 
_struct_sheet.type             ? 
_struct_sheet.number_strands   5 
_struct_sheet.details          ? 
# 
loop_
_struct_sheet_order.sheet_id 
_struct_sheet_order.range_id_1 
_struct_sheet_order.range_id_2 
_struct_sheet_order.offset 
_struct_sheet_order.sense 
AA1 1 2 ? parallel      
AA1 2 3 ? parallel      
AA1 3 4 ? anti-parallel 
AA1 4 5 ? anti-parallel 
# 
loop_
_struct_sheet_range.sheet_id 
_struct_sheet_range.id 
_struct_sheet_range.beg_label_comp_id 
_struct_sheet_range.beg_label_asym_id 
_struct_sheet_range.beg_label_seq_id 
_struct_sheet_range.pdbx_beg_PDB_ins_code 
_struct_sheet_range.end_label_comp_id 
_struct_sheet_range.end_label_asym_id 
_struct_sheet_range.end_label_seq_id 
_struct_sheet_range.pdbx_end_PDB_ins_code 
_struct_sheet_range.beg_auth_comp_id 
_struct_sheet_range.beg_auth_asym_id 
_struct_sheet_range.beg_auth_seq_id 
_struct_sheet_range.end_auth_comp_id 
_struct_sheet_range.end_auth_asym_id 
_struct_sheet_range.end_auth_seq_id 
AA1 1 THR A 27  ? SER A 28  ? THR A 25  SER A 26  
AA1 2 ASN A 80  ? PHE A 85  ? ASN A 78  PHE A 83  
AA1 3 THR A 47  ? ASN A 53  ? THR A 45  ASN A 51  
AA1 4 SER A 108 ? LYS A 113 ? SER A 106 LYS A 111 
AA1 5 ASP A 116 ? MET A 121 ? ASP A 114 MET A 119 
# 
loop_
_pdbx_struct_sheet_hbond.sheet_id 
_pdbx_struct_sheet_hbond.range_id_1 
_pdbx_struct_sheet_hbond.range_id_2 
_pdbx_struct_sheet_hbond.range_1_label_atom_id 
_pdbx_struct_sheet_hbond.range_1_label_comp_id 
_pdbx_struct_sheet_hbond.range_1_label_asym_id 
_pdbx_struct_sheet_hbond.range_1_label_seq_id 
_pdbx_struct_sheet_hbond.range_1_PDB_ins_code 
_pdbx_struct_sheet_hbond.range_1_auth_atom_id 
_pdbx_struct_sheet_hbond.range_1_auth_comp_id 
_pdbx_struct_sheet_hbond.range_1_auth_asym_id 
_pdbx_struct_sheet_hbond.range_1_auth_seq_id 
_pdbx_struct_sheet_hbond.range_2_label_atom_id 
_pdbx_struct_sheet_hbond.range_2_label_comp_id 
_pdbx_struct_sheet_hbond.range_2_label_asym_id 
_pdbx_struct_sheet_hbond.range_2_label_seq_id 
_pdbx_struct_sheet_hbond.range_2_PDB_ins_code 
_pdbx_struct_sheet_hbond.range_2_auth_atom_id 
_pdbx_struct_sheet_hbond.range_2_auth_comp_id 
_pdbx_struct_sheet_hbond.range_2_auth_asym_id 
_pdbx_struct_sheet_hbond.range_2_auth_seq_id 
AA1 1 2 N THR A 27  ? N THR A 25  O THR A 81  ? O THR A 79  
AA1 2 3 O VAL A 84  ? O VAL A 82  N ASN A 53  ? N ASN A 51  
AA1 3 4 N VAL A 50  ? N VAL A 48  O ALA A 110 ? O ALA A 108 
AA1 4 5 N LEU A 111 ? N LEU A 109 O VAL A 118 ? O VAL A 116 
# 
_pdbx_entry_details.entry_id                   7RZB 
_pdbx_entry_details.has_ligand_of_interest     Y 
_pdbx_entry_details.compound_details           ? 
_pdbx_entry_details.source_details             ? 
_pdbx_entry_details.nonpolymer_details         ? 
_pdbx_entry_details.sequence_details           ? 
_pdbx_entry_details.has_protein_modification   Y 
# 
loop_
_pdbx_struct_special_symmetry.id 
_pdbx_struct_special_symmetry.PDB_model_num 
_pdbx_struct_special_symmetry.auth_asym_id 
_pdbx_struct_special_symmetry.auth_comp_id 
_pdbx_struct_special_symmetry.auth_seq_id 
_pdbx_struct_special_symmetry.PDB_ins_code 
_pdbx_struct_special_symmetry.label_asym_id 
_pdbx_struct_special_symmetry.label_comp_id 
_pdbx_struct_special_symmetry.label_seq_id 
1 1 A PO4 202 ? C PO4 . 
2 1 A HOH 388 ? D HOH . 
3 1 A HOH 389 ? D HOH . 
4 1 A HOH 413 ? D HOH . 
# 
loop_
_pdbx_distant_solvent_atoms.id 
_pdbx_distant_solvent_atoms.PDB_model_num 
_pdbx_distant_solvent_atoms.auth_atom_id 
_pdbx_distant_solvent_atoms.label_alt_id 
_pdbx_distant_solvent_atoms.auth_asym_id 
_pdbx_distant_solvent_atoms.auth_comp_id 
_pdbx_distant_solvent_atoms.auth_seq_id 
_pdbx_distant_solvent_atoms.PDB_ins_code 
_pdbx_distant_solvent_atoms.neighbor_macromolecule_distance 
_pdbx_distant_solvent_atoms.neighbor_ligand_distance 
1 1 O ? A HOH 422 ? 5.85 . 
2 1 O ? A HOH 423 ? 6.69 . 
3 1 O ? A HOH 424 ? 7.62 . 
# 
loop_
_pdbx_unobs_or_zero_occ_residues.id 
_pdbx_unobs_or_zero_occ_residues.PDB_model_num 
_pdbx_unobs_or_zero_occ_residues.polymer_flag 
_pdbx_unobs_or_zero_occ_residues.occupancy_flag 
_pdbx_unobs_or_zero_occ_residues.auth_asym_id 
_pdbx_unobs_or_zero_occ_residues.auth_comp_id 
_pdbx_unobs_or_zero_occ_residues.auth_seq_id 
_pdbx_unobs_or_zero_occ_residues.PDB_ins_code 
_pdbx_unobs_or_zero_occ_residues.label_asym_id 
_pdbx_unobs_or_zero_occ_residues.label_comp_id 
_pdbx_unobs_or_zero_occ_residues.label_seq_id 
1 1 Y 1 A GLY -1 ? A GLY 1 
2 1 Y 1 A HIS 0  ? A HIS 2 
3 1 Y 1 A MET 1  ? A MET 3 
4 1 Y 1 A ASN 2  ? A ASN 4 
5 1 Y 1 A ALA 3  ? A ALA 5 
6 1 Y 1 A TYR 4  ? A TYR 6 
7 1 Y 1 A ASP 5  ? A ASP 7 
8 1 Y 1 A ALA 6  ? A ALA 8 
9 1 Y 1 A TYR 7  ? A TYR 9 
# 
loop_
_chem_comp_atom.comp_id 
_chem_comp_atom.atom_id 
_chem_comp_atom.type_symbol 
_chem_comp_atom.pdbx_aromatic_flag 
_chem_comp_atom.pdbx_stereo_config 
_chem_comp_atom.pdbx_ordinal 
ALA N    N N N 1   
ALA CA   C N S 2   
ALA C    C N N 3   
ALA O    O N N 4   
ALA CB   C N N 5   
ALA OXT  O N N 6   
ALA H    H N N 7   
ALA H2   H N N 8   
ALA HA   H N N 9   
ALA HB1  H N N 10  
ALA HB2  H N N 11  
ALA HB3  H N N 12  
ALA HXT  H N N 13  
ARG N    N N N 14  
ARG CA   C N S 15  
ARG C    C N N 16  
ARG O    O N N 17  
ARG CB   C N N 18  
ARG CG   C N N 19  
ARG CD   C N N 20  
ARG NE   N N N 21  
ARG CZ   C N N 22  
ARG NH1  N N N 23  
ARG NH2  N N N 24  
ARG OXT  O N N 25  
ARG H    H N N 26  
ARG H2   H N N 27  
ARG HA   H N N 28  
ARG HB2  H N N 29  
ARG HB3  H N N 30  
ARG HG2  H N N 31  
ARG HG3  H N N 32  
ARG HD2  H N N 33  
ARG HD3  H N N 34  
ARG HE   H N N 35  
ARG HH11 H N N 36  
ARG HH12 H N N 37  
ARG HH21 H N N 38  
ARG HH22 H N N 39  
ARG HXT  H N N 40  
ASN N    N N N 41  
ASN CA   C N S 42  
ASN C    C N N 43  
ASN O    O N N 44  
ASN CB   C N N 45  
ASN CG   C N N 46  
ASN OD1  O N N 47  
ASN ND2  N N N 48  
ASN OXT  O N N 49  
ASN H    H N N 50  
ASN H2   H N N 51  
ASN HA   H N N 52  
ASN HB2  H N N 53  
ASN HB3  H N N 54  
ASN HD21 H N N 55  
ASN HD22 H N N 56  
ASN HXT  H N N 57  
ASP N    N N N 58  
ASP CA   C N S 59  
ASP C    C N N 60  
ASP O    O N N 61  
ASP CB   C N N 62  
ASP CG   C N N 63  
ASP OD1  O N N 64  
ASP OD2  O N N 65  
ASP OXT  O N N 66  
ASP H    H N N 67  
ASP H2   H N N 68  
ASP HA   H N N 69  
ASP HB2  H N N 70  
ASP HB3  H N N 71  
ASP HD2  H N N 72  
ASP HXT  H N N 73  
CYS N    N N N 74  
CYS CA   C N R 75  
CYS C    C N N 76  
CYS O    O N N 77  
CYS CB   C N N 78  
CYS SG   S N N 79  
CYS OXT  O N N 80  
CYS H    H N N 81  
CYS H2   H N N 82  
CYS HA   H N N 83  
CYS HB2  H N N 84  
CYS HB3  H N N 85  
CYS HG   H N N 86  
CYS HXT  H N N 87  
G5M C7   C N N 88  
G5M C9   C N S 89  
G5M C4   C N S 90  
G5M C6   C N N 91  
G5M C1   C N R 92  
G5M C3   C N R 93  
G5M C2   C N R 94  
G5M C5   C N R 95  
G5M C10  C N N 96  
G5M C11  C N N 97  
G5M C12  C N N 98  
G5M C24  C N N 99  
G5M C8   C N R 100 
G5M N2   N N N 101 
G5M N25  N N N 102 
G5M O1   O N N 103 
G5M O13  O N N 104 
G5M O14  O N N 105 
G5M O15  O N N 106 
G5M O16  O N N 107 
G5M O3   O N N 108 
G5M O4   O N N 109 
G5M O5   O N N 110 
G5M O6   O N N 111 
G5M O7   O N N 112 
G5M S26  S N N 113 
G5M H1   H N N 114 
G5M H2   H N N 115 
G5M H3   H N N 116 
G5M H4   H N N 117 
G5M H5   H N N 118 
G5M H6   H N N 119 
G5M H7   H N N 120 
G5M H8   H N N 121 
G5M H9   H N N 122 
G5M H10  H N N 123 
G5M H11  H N N 124 
G5M H12  H N N 125 
G5M H13  H N N 126 
G5M H14  H N N 127 
G5M H15  H N N 128 
G5M H16  H N N 129 
G5M H18  H N N 130 
G5M H19  H N N 131 
G5M H20  H N N 132 
G5M H21  H N N 133 
G5M H22  H N N 134 
G5M H23  H N N 135 
GLN N    N N N 136 
GLN CA   C N S 137 
GLN C    C N N 138 
GLN O    O N N 139 
GLN CB   C N N 140 
GLN CG   C N N 141 
GLN CD   C N N 142 
GLN OE1  O N N 143 
GLN NE2  N N N 144 
GLN OXT  O N N 145 
GLN H    H N N 146 
GLN H2   H N N 147 
GLN HA   H N N 148 
GLN HB2  H N N 149 
GLN HB3  H N N 150 
GLN HG2  H N N 151 
GLN HG3  H N N 152 
GLN HE21 H N N 153 
GLN HE22 H N N 154 
GLN HXT  H N N 155 
GLU N    N N N 156 
GLU CA   C N S 157 
GLU C    C N N 158 
GLU O    O N N 159 
GLU CB   C N N 160 
GLU CG   C N N 161 
GLU CD   C N N 162 
GLU OE1  O N N 163 
GLU OE2  O N N 164 
GLU OXT  O N N 165 
GLU H    H N N 166 
GLU H2   H N N 167 
GLU HA   H N N 168 
GLU HB2  H N N 169 
GLU HB3  H N N 170 
GLU HG2  H N N 171 
GLU HG3  H N N 172 
GLU HE2  H N N 173 
GLU HXT  H N N 174 
GLY N    N N N 175 
GLY CA   C N N 176 
GLY C    C N N 177 
GLY O    O N N 178 
GLY OXT  O N N 179 
GLY H    H N N 180 
GLY H2   H N N 181 
GLY HA2  H N N 182 
GLY HA3  H N N 183 
GLY HXT  H N N 184 
HIS N    N N N 185 
HIS CA   C N S 186 
HIS C    C N N 187 
HIS O    O N N 188 
HIS CB   C N N 189 
HIS CG   C Y N 190 
HIS ND1  N Y N 191 
HIS CD2  C Y N 192 
HIS CE1  C Y N 193 
HIS NE2  N Y N 194 
HIS OXT  O N N 195 
HIS H    H N N 196 
HIS H2   H N N 197 
HIS HA   H N N 198 
HIS HB2  H N N 199 
HIS HB3  H N N 200 
HIS HD1  H N N 201 
HIS HD2  H N N 202 
HIS HE1  H N N 203 
HIS HE2  H N N 204 
HIS HXT  H N N 205 
HOH O    O N N 206 
HOH H1   H N N 207 
HOH H2   H N N 208 
ILE N    N N N 209 
ILE CA   C N S 210 
ILE C    C N N 211 
ILE O    O N N 212 
ILE CB   C N S 213 
ILE CG1  C N N 214 
ILE CG2  C N N 215 
ILE CD1  C N N 216 
ILE OXT  O N N 217 
ILE H    H N N 218 
ILE H2   H N N 219 
ILE HA   H N N 220 
ILE HB   H N N 221 
ILE HG12 H N N 222 
ILE HG13 H N N 223 
ILE HG21 H N N 224 
ILE HG22 H N N 225 
ILE HG23 H N N 226 
ILE HD11 H N N 227 
ILE HD12 H N N 228 
ILE HD13 H N N 229 
ILE HXT  H N N 230 
LEU N    N N N 231 
LEU CA   C N S 232 
LEU C    C N N 233 
LEU O    O N N 234 
LEU CB   C N N 235 
LEU CG   C N N 236 
LEU CD1  C N N 237 
LEU CD2  C N N 238 
LEU OXT  O N N 239 
LEU H    H N N 240 
LEU H2   H N N 241 
LEU HA   H N N 242 
LEU HB2  H N N 243 
LEU HB3  H N N 244 
LEU HG   H N N 245 
LEU HD11 H N N 246 
LEU HD12 H N N 247 
LEU HD13 H N N 248 
LEU HD21 H N N 249 
LEU HD22 H N N 250 
LEU HD23 H N N 251 
LEU HXT  H N N 252 
LYS N    N N N 253 
LYS CA   C N S 254 
LYS C    C N N 255 
LYS O    O N N 256 
LYS CB   C N N 257 
LYS CG   C N N 258 
LYS CD   C N N 259 
LYS CE   C N N 260 
LYS NZ   N N N 261 
LYS OXT  O N N 262 
LYS H    H N N 263 
LYS H2   H N N 264 
LYS HA   H N N 265 
LYS HB2  H N N 266 
LYS HB3  H N N 267 
LYS HG2  H N N 268 
LYS HG3  H N N 269 
LYS HD2  H N N 270 
LYS HD3  H N N 271 
LYS HE2  H N N 272 
LYS HE3  H N N 273 
LYS HZ1  H N N 274 
LYS HZ2  H N N 275 
LYS HZ3  H N N 276 
LYS HXT  H N N 277 
MET N    N N N 278 
MET CA   C N S 279 
MET C    C N N 280 
MET O    O N N 281 
MET CB   C N N 282 
MET CG   C N N 283 
MET SD   S N N 284 
MET CE   C N N 285 
MET OXT  O N N 286 
MET H    H N N 287 
MET H2   H N N 288 
MET HA   H N N 289 
MET HB2  H N N 290 
MET HB3  H N N 291 
MET HG2  H N N 292 
MET HG3  H N N 293 
MET HE1  H N N 294 
MET HE2  H N N 295 
MET HE3  H N N 296 
MET HXT  H N N 297 
PHE N    N N N 298 
PHE CA   C N S 299 
PHE C    C N N 300 
PHE O    O N N 301 
PHE CB   C N N 302 
PHE CG   C Y N 303 
PHE CD1  C Y N 304 
PHE CD2  C Y N 305 
PHE CE1  C Y N 306 
PHE CE2  C Y N 307 
PHE CZ   C Y N 308 
PHE OXT  O N N 309 
PHE H    H N N 310 
PHE H2   H N N 311 
PHE HA   H N N 312 
PHE HB2  H N N 313 
PHE HB3  H N N 314 
PHE HD1  H N N 315 
PHE HD2  H N N 316 
PHE HE1  H N N 317 
PHE HE2  H N N 318 
PHE HZ   H N N 319 
PHE HXT  H N N 320 
PO4 P    P N N 321 
PO4 O1   O N N 322 
PO4 O2   O N N 323 
PO4 O3   O N N 324 
PO4 O4   O N N 325 
PRO N    N N N 326 
PRO CA   C N S 327 
PRO C    C N N 328 
PRO O    O N N 329 
PRO CB   C N N 330 
PRO CG   C N N 331 
PRO CD   C N N 332 
PRO OXT  O N N 333 
PRO H    H N N 334 
PRO HA   H N N 335 
PRO HB2  H N N 336 
PRO HB3  H N N 337 
PRO HG2  H N N 338 
PRO HG3  H N N 339 
PRO HD2  H N N 340 
PRO HD3  H N N 341 
PRO HXT  H N N 342 
SER N    N N N 343 
SER CA   C N S 344 
SER C    C N N 345 
SER O    O N N 346 
SER CB   C N N 347 
SER OG   O N N 348 
SER OXT  O N N 349 
SER H    H N N 350 
SER H2   H N N 351 
SER HA   H N N 352 
SER HB2  H N N 353 
SER HB3  H N N 354 
SER HG   H N N 355 
SER HXT  H N N 356 
THR N    N N N 357 
THR CA   C N S 358 
THR C    C N N 359 
THR O    O N N 360 
THR CB   C N R 361 
THR OG1  O N N 362 
THR CG2  C N N 363 
THR OXT  O N N 364 
THR H    H N N 365 
THR H2   H N N 366 
THR HA   H N N 367 
THR HB   H N N 368 
THR HG1  H N N 369 
THR HG21 H N N 370 
THR HG22 H N N 371 
THR HG23 H N N 372 
THR HXT  H N N 373 
TYR N    N N N 374 
TYR CA   C N S 375 
TYR C    C N N 376 
TYR O    O N N 377 
TYR CB   C N N 378 
TYR CG   C Y N 379 
TYR CD1  C Y N 380 
TYR CD2  C Y N 381 
TYR CE1  C Y N 382 
TYR CE2  C Y N 383 
TYR CZ   C Y N 384 
TYR OH   O N N 385 
TYR OXT  O N N 386 
TYR H    H N N 387 
TYR H2   H N N 388 
TYR HA   H N N 389 
TYR HB2  H N N 390 
TYR HB3  H N N 391 
TYR HD1  H N N 392 
TYR HD2  H N N 393 
TYR HE1  H N N 394 
TYR HE2  H N N 395 
TYR HH   H N N 396 
TYR HXT  H N N 397 
VAL N    N N N 398 
VAL CA   C N S 399 
VAL C    C N N 400 
VAL O    O N N 401 
VAL CB   C N N 402 
VAL CG1  C N N 403 
VAL CG2  C N N 404 
VAL OXT  O N N 405 
VAL H    H N N 406 
VAL H2   H N N 407 
VAL HA   H N N 408 
VAL HB   H N N 409 
VAL HG11 H N N 410 
VAL HG12 H N N 411 
VAL HG13 H N N 412 
VAL HG21 H N N 413 
VAL HG22 H N N 414 
VAL HG23 H N N 415 
VAL HXT  H N N 416 
# 
loop_
_chem_comp_bond.comp_id 
_chem_comp_bond.atom_id_1 
_chem_comp_bond.atom_id_2 
_chem_comp_bond.value_order 
_chem_comp_bond.pdbx_aromatic_flag 
_chem_comp_bond.pdbx_stereo_config 
_chem_comp_bond.pdbx_ordinal 
ALA N   CA   sing N N 1   
ALA N   H    sing N N 2   
ALA N   H2   sing N N 3   
ALA CA  C    sing N N 4   
ALA CA  CB   sing N N 5   
ALA CA  HA   sing N N 6   
ALA C   O    doub N N 7   
ALA C   OXT  sing N N 8   
ALA CB  HB1  sing N N 9   
ALA CB  HB2  sing N N 10  
ALA CB  HB3  sing N N 11  
ALA OXT HXT  sing N N 12  
ARG N   CA   sing N N 13  
ARG N   H    sing N N 14  
ARG N   H2   sing N N 15  
ARG CA  C    sing N N 16  
ARG CA  CB   sing N N 17  
ARG CA  HA   sing N N 18  
ARG C   O    doub N N 19  
ARG C   OXT  sing N N 20  
ARG CB  CG   sing N N 21  
ARG CB  HB2  sing N N 22  
ARG CB  HB3  sing N N 23  
ARG CG  CD   sing N N 24  
ARG CG  HG2  sing N N 25  
ARG CG  HG3  sing N N 26  
ARG CD  NE   sing N N 27  
ARG CD  HD2  sing N N 28  
ARG CD  HD3  sing N N 29  
ARG NE  CZ   sing N N 30  
ARG NE  HE   sing N N 31  
ARG CZ  NH1  sing N N 32  
ARG CZ  NH2  doub N N 33  
ARG NH1 HH11 sing N N 34  
ARG NH1 HH12 sing N N 35  
ARG NH2 HH21 sing N N 36  
ARG NH2 HH22 sing N N 37  
ARG OXT HXT  sing N N 38  
ASN N   CA   sing N N 39  
ASN N   H    sing N N 40  
ASN N   H2   sing N N 41  
ASN CA  C    sing N N 42  
ASN CA  CB   sing N N 43  
ASN CA  HA   sing N N 44  
ASN C   O    doub N N 45  
ASN C   OXT  sing N N 46  
ASN CB  CG   sing N N 47  
ASN CB  HB2  sing N N 48  
ASN CB  HB3  sing N N 49  
ASN CG  OD1  doub N N 50  
ASN CG  ND2  sing N N 51  
ASN ND2 HD21 sing N N 52  
ASN ND2 HD22 sing N N 53  
ASN OXT HXT  sing N N 54  
ASP N   CA   sing N N 55  
ASP N   H    sing N N 56  
ASP N   H2   sing N N 57  
ASP CA  C    sing N N 58  
ASP CA  CB   sing N N 59  
ASP CA  HA   sing N N 60  
ASP C   O    doub N N 61  
ASP C   OXT  sing N N 62  
ASP CB  CG   sing N N 63  
ASP CB  HB2  sing N N 64  
ASP CB  HB3  sing N N 65  
ASP CG  OD1  doub N N 66  
ASP CG  OD2  sing N N 67  
ASP OD2 HD2  sing N N 68  
ASP OXT HXT  sing N N 69  
CYS N   CA   sing N N 70  
CYS N   H    sing N N 71  
CYS N   H2   sing N N 72  
CYS CA  C    sing N N 73  
CYS CA  CB   sing N N 74  
CYS CA  HA   sing N N 75  
CYS C   O    doub N N 76  
CYS C   OXT  sing N N 77  
CYS CB  SG   sing N N 78  
CYS CB  HB2  sing N N 79  
CYS CB  HB3  sing N N 80  
CYS SG  HG   sing N N 81  
CYS OXT HXT  sing N N 82  
G5M O6  C6   sing N N 83  
G5M C6  C5   sing N N 84  
G5M O5  C5   sing N N 85  
G5M O5  C1   sing N N 86  
G5M C5  C4   sing N N 87  
G5M C4  O4   sing N N 88  
G5M C4  C3   sing N N 89  
G5M O7  C7   doub N N 90  
G5M C1  C2   sing N N 91  
G5M C1  O1   sing N N 92  
G5M C2  C3   sing N N 93  
G5M C2  N2   sing N N 94  
G5M O3  C3   sing N N 95  
G5M O13 C10  doub N N 96  
G5M C7  N2   sing N N 97  
G5M C7  C8   sing N N 98  
G5M C10 O14  sing N N 99  
G5M C10 C9   sing N N 100 
G5M O1  C9   sing N N 101 
G5M C9  C11  sing N N 102 
G5M N25 C8   sing N N 103 
G5M C8  C24  sing N N 104 
G5M O15 C12  doub N N 105 
G5M C11 C12  sing N N 106 
G5M C24 S26  sing N N 107 
G5M C12 O16  sing N N 108 
G5M C9  H1   sing N N 109 
G5M C4  H2   sing N N 110 
G5M C6  H3   sing N N 111 
G5M C6  H4   sing N N 112 
G5M C1  H5   sing N N 113 
G5M C3  H6   sing N N 114 
G5M C2  H7   sing N N 115 
G5M C5  H8   sing N N 116 
G5M C11 H9   sing N N 117 
G5M C11 H10  sing N N 118 
G5M C24 H11  sing N N 119 
G5M C24 H12  sing N N 120 
G5M C8  H13  sing N N 121 
G5M N2  H14  sing N N 122 
G5M N25 H15  sing N N 123 
G5M N25 H16  sing N N 124 
G5M O14 H18  sing N N 125 
G5M O16 H19  sing N N 126 
G5M O3  H20  sing N N 127 
G5M O4  H21  sing N N 128 
G5M O6  H22  sing N N 129 
G5M S26 H23  sing N N 130 
GLN N   CA   sing N N 131 
GLN N   H    sing N N 132 
GLN N   H2   sing N N 133 
GLN CA  C    sing N N 134 
GLN CA  CB   sing N N 135 
GLN CA  HA   sing N N 136 
GLN C   O    doub N N 137 
GLN C   OXT  sing N N 138 
GLN CB  CG   sing N N 139 
GLN CB  HB2  sing N N 140 
GLN CB  HB3  sing N N 141 
GLN CG  CD   sing N N 142 
GLN CG  HG2  sing N N 143 
GLN CG  HG3  sing N N 144 
GLN CD  OE1  doub N N 145 
GLN CD  NE2  sing N N 146 
GLN NE2 HE21 sing N N 147 
GLN NE2 HE22 sing N N 148 
GLN OXT HXT  sing N N 149 
GLU N   CA   sing N N 150 
GLU N   H    sing N N 151 
GLU N   H2   sing N N 152 
GLU CA  C    sing N N 153 
GLU CA  CB   sing N N 154 
GLU CA  HA   sing N N 155 
GLU C   O    doub N N 156 
GLU C   OXT  sing N N 157 
GLU CB  CG   sing N N 158 
GLU CB  HB2  sing N N 159 
GLU CB  HB3  sing N N 160 
GLU CG  CD   sing N N 161 
GLU CG  HG2  sing N N 162 
GLU CG  HG3  sing N N 163 
GLU CD  OE1  doub N N 164 
GLU CD  OE2  sing N N 165 
GLU OE2 HE2  sing N N 166 
GLU OXT HXT  sing N N 167 
GLY N   CA   sing N N 168 
GLY N   H    sing N N 169 
GLY N   H2   sing N N 170 
GLY CA  C    sing N N 171 
GLY CA  HA2  sing N N 172 
GLY CA  HA3  sing N N 173 
GLY C   O    doub N N 174 
GLY C   OXT  sing N N 175 
GLY OXT HXT  sing N N 176 
HIS N   CA   sing N N 177 
HIS N   H    sing N N 178 
HIS N   H2   sing N N 179 
HIS CA  C    sing N N 180 
HIS CA  CB   sing N N 181 
HIS CA  HA   sing N N 182 
HIS C   O    doub N N 183 
HIS C   OXT  sing N N 184 
HIS CB  CG   sing N N 185 
HIS CB  HB2  sing N N 186 
HIS CB  HB3  sing N N 187 
HIS CG  ND1  sing Y N 188 
HIS CG  CD2  doub Y N 189 
HIS ND1 CE1  doub Y N 190 
HIS ND1 HD1  sing N N 191 
HIS CD2 NE2  sing Y N 192 
HIS CD2 HD2  sing N N 193 
HIS CE1 NE2  sing Y N 194 
HIS CE1 HE1  sing N N 195 
HIS NE2 HE2  sing N N 196 
HIS OXT HXT  sing N N 197 
HOH O   H1   sing N N 198 
HOH O   H2   sing N N 199 
ILE N   CA   sing N N 200 
ILE N   H    sing N N 201 
ILE N   H2   sing N N 202 
ILE CA  C    sing N N 203 
ILE CA  CB   sing N N 204 
ILE CA  HA   sing N N 205 
ILE C   O    doub N N 206 
ILE C   OXT  sing N N 207 
ILE CB  CG1  sing N N 208 
ILE CB  CG2  sing N N 209 
ILE CB  HB   sing N N 210 
ILE CG1 CD1  sing N N 211 
ILE CG1 HG12 sing N N 212 
ILE CG1 HG13 sing N N 213 
ILE CG2 HG21 sing N N 214 
ILE CG2 HG22 sing N N 215 
ILE CG2 HG23 sing N N 216 
ILE CD1 HD11 sing N N 217 
ILE CD1 HD12 sing N N 218 
ILE CD1 HD13 sing N N 219 
ILE OXT HXT  sing N N 220 
LEU N   CA   sing N N 221 
LEU N   H    sing N N 222 
LEU N   H2   sing N N 223 
LEU CA  C    sing N N 224 
LEU CA  CB   sing N N 225 
LEU CA  HA   sing N N 226 
LEU C   O    doub N N 227 
LEU C   OXT  sing N N 228 
LEU CB  CG   sing N N 229 
LEU CB  HB2  sing N N 230 
LEU CB  HB3  sing N N 231 
LEU CG  CD1  sing N N 232 
LEU CG  CD2  sing N N 233 
LEU CG  HG   sing N N 234 
LEU CD1 HD11 sing N N 235 
LEU CD1 HD12 sing N N 236 
LEU CD1 HD13 sing N N 237 
LEU CD2 HD21 sing N N 238 
LEU CD2 HD22 sing N N 239 
LEU CD2 HD23 sing N N 240 
LEU OXT HXT  sing N N 241 
LYS N   CA   sing N N 242 
LYS N   H    sing N N 243 
LYS N   H2   sing N N 244 
LYS CA  C    sing N N 245 
LYS CA  CB   sing N N 246 
LYS CA  HA   sing N N 247 
LYS C   O    doub N N 248 
LYS C   OXT  sing N N 249 
LYS CB  CG   sing N N 250 
LYS CB  HB2  sing N N 251 
LYS CB  HB3  sing N N 252 
LYS CG  CD   sing N N 253 
LYS CG  HG2  sing N N 254 
LYS CG  HG3  sing N N 255 
LYS CD  CE   sing N N 256 
LYS CD  HD2  sing N N 257 
LYS CD  HD3  sing N N 258 
LYS CE  NZ   sing N N 259 
LYS CE  HE2  sing N N 260 
LYS CE  HE3  sing N N 261 
LYS NZ  HZ1  sing N N 262 
LYS NZ  HZ2  sing N N 263 
LYS NZ  HZ3  sing N N 264 
LYS OXT HXT  sing N N 265 
MET N   CA   sing N N 266 
MET N   H    sing N N 267 
MET N   H2   sing N N 268 
MET CA  C    sing N N 269 
MET CA  CB   sing N N 270 
MET CA  HA   sing N N 271 
MET C   O    doub N N 272 
MET C   OXT  sing N N 273 
MET CB  CG   sing N N 274 
MET CB  HB2  sing N N 275 
MET CB  HB3  sing N N 276 
MET CG  SD   sing N N 277 
MET CG  HG2  sing N N 278 
MET CG  HG3  sing N N 279 
MET SD  CE   sing N N 280 
MET CE  HE1  sing N N 281 
MET CE  HE2  sing N N 282 
MET CE  HE3  sing N N 283 
MET OXT HXT  sing N N 284 
PHE N   CA   sing N N 285 
PHE N   H    sing N N 286 
PHE N   H2   sing N N 287 
PHE CA  C    sing N N 288 
PHE CA  CB   sing N N 289 
PHE CA  HA   sing N N 290 
PHE C   O    doub N N 291 
PHE C   OXT  sing N N 292 
PHE CB  CG   sing N N 293 
PHE CB  HB2  sing N N 294 
PHE CB  HB3  sing N N 295 
PHE CG  CD1  doub Y N 296 
PHE CG  CD2  sing Y N 297 
PHE CD1 CE1  sing Y N 298 
PHE CD1 HD1  sing N N 299 
PHE CD2 CE2  doub Y N 300 
PHE CD2 HD2  sing N N 301 
PHE CE1 CZ   doub Y N 302 
PHE CE1 HE1  sing N N 303 
PHE CE2 CZ   sing Y N 304 
PHE CE2 HE2  sing N N 305 
PHE CZ  HZ   sing N N 306 
PHE OXT HXT  sing N N 307 
PO4 P   O1   doub N N 308 
PO4 P   O2   sing N N 309 
PO4 P   O3   sing N N 310 
PO4 P   O4   sing N N 311 
PRO N   CA   sing N N 312 
PRO N   CD   sing N N 313 
PRO N   H    sing N N 314 
PRO CA  C    sing N N 315 
PRO CA  CB   sing N N 316 
PRO CA  HA   sing N N 317 
PRO C   O    doub N N 318 
PRO C   OXT  sing N N 319 
PRO CB  CG   sing N N 320 
PRO CB  HB2  sing N N 321 
PRO CB  HB3  sing N N 322 
PRO CG  CD   sing N N 323 
PRO CG  HG2  sing N N 324 
PRO CG  HG3  sing N N 325 
PRO CD  HD2  sing N N 326 
PRO CD  HD3  sing N N 327 
PRO OXT HXT  sing N N 328 
SER N   CA   sing N N 329 
SER N   H    sing N N 330 
SER N   H2   sing N N 331 
SER CA  C    sing N N 332 
SER CA  CB   sing N N 333 
SER CA  HA   sing N N 334 
SER C   O    doub N N 335 
SER C   OXT  sing N N 336 
SER CB  OG   sing N N 337 
SER CB  HB2  sing N N 338 
SER CB  HB3  sing N N 339 
SER OG  HG   sing N N 340 
SER OXT HXT  sing N N 341 
THR N   CA   sing N N 342 
THR N   H    sing N N 343 
THR N   H2   sing N N 344 
THR CA  C    sing N N 345 
THR CA  CB   sing N N 346 
THR CA  HA   sing N N 347 
THR C   O    doub N N 348 
THR C   OXT  sing N N 349 
THR CB  OG1  sing N N 350 
THR CB  CG2  sing N N 351 
THR CB  HB   sing N N 352 
THR OG1 HG1  sing N N 353 
THR CG2 HG21 sing N N 354 
THR CG2 HG22 sing N N 355 
THR CG2 HG23 sing N N 356 
THR OXT HXT  sing N N 357 
TYR N   CA   sing N N 358 
TYR N   H    sing N N 359 
TYR N   H2   sing N N 360 
TYR CA  C    sing N N 361 
TYR CA  CB   sing N N 362 
TYR CA  HA   sing N N 363 
TYR C   O    doub N N 364 
TYR C   OXT  sing N N 365 
TYR CB  CG   sing N N 366 
TYR CB  HB2  sing N N 367 
TYR CB  HB3  sing N N 368 
TYR CG  CD1  doub Y N 369 
TYR CG  CD2  sing Y N 370 
TYR CD1 CE1  sing Y N 371 
TYR CD1 HD1  sing N N 372 
TYR CD2 CE2  doub Y N 373 
TYR CD2 HD2  sing N N 374 
TYR CE1 CZ   doub Y N 375 
TYR CE1 HE1  sing N N 376 
TYR CE2 CZ   sing Y N 377 
TYR CE2 HE2  sing N N 378 
TYR CZ  OH   sing N N 379 
TYR OH  HH   sing N N 380 
TYR OXT HXT  sing N N 381 
VAL N   CA   sing N N 382 
VAL N   H    sing N N 383 
VAL N   H2   sing N N 384 
VAL CA  C    sing N N 385 
VAL CA  CB   sing N N 386 
VAL CA  HA   sing N N 387 
VAL C   O    doub N N 388 
VAL C   OXT  sing N N 389 
VAL CB  CG1  sing N N 390 
VAL CB  CG2  sing N N 391 
VAL CB  HB   sing N N 392 
VAL CG1 HG11 sing N N 393 
VAL CG1 HG12 sing N N 394 
VAL CG1 HG13 sing N N 395 
VAL CG2 HG21 sing N N 396 
VAL CG2 HG22 sing N N 397 
VAL CG2 HG23 sing N N 398 
VAL OXT HXT  sing N N 399 
# 
_pdbx_audit_support.funding_organization   
'National Institutes of Health/National Institute of General Medical Sciences (NIH/NIGMS)' 
_pdbx_audit_support.country                'United States' 
_pdbx_audit_support.grant_number           R15GM117488 
_pdbx_audit_support.ordinal                1 
# 
_pdbx_initial_refinement_model.id               1 
_pdbx_initial_refinement_model.entity_id_list   ? 
_pdbx_initial_refinement_model.type             'experimental model' 
_pdbx_initial_refinement_model.source_name      PDB 
_pdbx_initial_refinement_model.accession_code   3FHK 
_pdbx_initial_refinement_model.details          'PDB entry 3FHK' 
# 
_atom_sites.entry_id                    7RZB 
_atom_sites.Cartn_transf_matrix[1][1]   ? 
_atom_sites.Cartn_transf_matrix[1][2]   ? 
_atom_sites.Cartn_transf_matrix[1][3]   ? 
_atom_sites.Cartn_transf_matrix[2][1]   ? 
_atom_sites.Cartn_transf_matrix[2][2]   ? 
_atom_sites.Cartn_transf_matrix[2][3]   ? 
_atom_sites.Cartn_transf_matrix[3][1]   ? 
_atom_sites.Cartn_transf_matrix[3][2]   ? 
_atom_sites.Cartn_transf_matrix[3][3]   ? 
_atom_sites.Cartn_transf_vector[1]      ? 
_atom_sites.Cartn_transf_vector[2]      ? 
_atom_sites.Cartn_transf_vector[3]      ? 
_atom_sites.fract_transf_matrix[1][1]   0.00026791 
_atom_sites.fract_transf_matrix[1][2]   0.00254312 
_atom_sites.fract_transf_matrix[1][3]   0.01150012 
_atom_sites.fract_transf_matrix[2][1]   0.00768987 
_atom_sites.fract_transf_matrix[2][2]   -0.00875068 
_atom_sites.fract_transf_matrix[2][3]   0.00175597 
_atom_sites.fract_transf_matrix[3][1]   0.01845255 
_atom_sites.fract_transf_matrix[3][2]   0.01544402 
_atom_sites.fract_transf_matrix[3][3]   -0.00384515 
_atom_sites.fract_transf_vector[1]      -0.238361 
_atom_sites.fract_transf_vector[2]      -0.009032 
_atom_sites.fract_transf_vector[3]      -0.073841 
_atom_sites.solution_primary            ? 
_atom_sites.solution_secondary          ? 
_atom_sites.solution_hydrogens          ? 
_atom_sites.special_details             ? 
# 
loop_
_atom_type.symbol 
C 
N 
O 
P 
S 
# 
loop_
_atom_site.group_PDB 
_atom_site.id 
_atom_site.type_symbol 
_atom_site.label_atom_id 
_atom_site.label_alt_id 
_atom_site.label_comp_id 
_atom_site.label_asym_id 
_atom_site.label_entity_id 
_atom_site.label_seq_id 
_atom_site.pdbx_PDB_ins_code 
_atom_site.Cartn_x 
_atom_site.Cartn_y 
_atom_site.Cartn_z 
_atom_site.occupancy 
_atom_site.B_iso_or_equiv 
_atom_site.pdbx_formal_charge 
_atom_site.auth_seq_id 
_atom_site.auth_comp_id 
_atom_site.auth_asym_id 
_atom_site.auth_atom_id 
_atom_site.pdbx_PDB_model_num 
ATOM   1    N N   . MET A 1 10  ? 7.246   20.737  2.435   1.00 51.17 ? 8   MET A N   1 
ATOM   2    C CA  . MET A 1 10  ? 7.103   19.438  1.785   1.00 55.27 ? 8   MET A CA  1 
ATOM   3    C C   . MET A 1 10  ? 7.863   18.347  2.540   1.00 55.03 ? 8   MET A C   1 
ATOM   4    O O   . MET A 1 10  ? 7.405   17.205  2.615   1.00 53.22 ? 8   MET A O   1 
ATOM   5    C CB  . MET A 1 10  ? 7.586   19.505  0.332   1.00 62.27 ? 8   MET A CB  1 
ATOM   6    N N   . LYS A 1 11  ? 9.025   18.703  3.095   1.00 59.75 ? 9   LYS A N   1 
ATOM   7    C CA  . LYS A 1 11  ? 9.802   17.745  3.873   1.00 54.39 ? 9   LYS A CA  1 
ATOM   8    C C   . LYS A 1 11  ? 9.003   17.243  5.067   1.00 52.78 ? 9   LYS A C   1 
ATOM   9    O O   . LYS A 1 11  ? 8.772   16.036  5.215   1.00 51.94 ? 9   LYS A O   1 
ATOM   10   C CB  . LYS A 1 11  ? 11.115  18.382  4.335   1.00 50.05 ? 9   LYS A CB  1 
ATOM   11   N N   . GLU A 1 12  ? 8.567   18.165  5.932   1.00 46.26 ? 10  GLU A N   1 
ATOM   12   C CA  . GLU A 1 12  ? 7.797   17.775  7.108   1.00 49.16 ? 10  GLU A CA  1 
ATOM   13   C C   . GLU A 1 12  ? 6.446   17.188  6.723   1.00 40.97 ? 10  GLU A C   1 
ATOM   14   O O   . GLU A 1 12  ? 5.921   16.322  7.437   1.00 42.85 ? 10  GLU A O   1 
ATOM   15   C CB  . GLU A 1 12  ? 7.608   18.976  8.040   1.00 42.95 ? 10  GLU A CB  1 
ATOM   16   N N   . ILE A 1 13  ? 5.864   17.649  5.612   1.00 43.46 ? 11  ILE A N   1 
ATOM   17   C CA  . ILE A 1 13  ? 4.568   17.133  5.180   1.00 36.55 ? 11  ILE A CA  1 
ATOM   18   C C   . ILE A 1 13  ? 4.687   15.672  4.766   1.00 35.43 ? 11  ILE A C   1 
ATOM   19   O O   . ILE A 1 13  ? 3.908   14.818  5.208   1.00 32.00 ? 11  ILE A O   1 
ATOM   20   C CB  . ILE A 1 13  ? 4.000   17.994  4.038   1.00 42.27 ? 11  ILE A CB  1 
ATOM   21   C CG1 . ILE A 1 13  ? 3.858   19.445  4.487   1.00 47.59 ? 11  ILE A CG1 1 
ATOM   22   C CG2 . ILE A 1 13  ? 2.663   17.450  3.602   1.00 39.96 ? 11  ILE A CG2 1 
ATOM   23   C CD1 . ILE A 1 13  ? 2.968   19.606  5.667   1.00 42.23 ? 11  ILE A CD1 1 
ATOM   24   N N   . ALA A 1 14  ? 5.659   15.367  3.900   1.00 38.45 ? 12  ALA A N   1 
ATOM   25   C CA  . ALA A 1 14  ? 5.860   13.991  3.453   1.00 36.90 ? 12  ALA A CA  1 
ATOM   26   C C   . ALA A 1 14  ? 6.134   13.056  4.625   1.00 34.41 ? 12  ALA A C   1 
ATOM   27   O O   . ALA A 1 14  ? 5.613   11.935  4.672   1.00 33.39 ? 12  ALA A O   1 
ATOM   28   C CB  . ALA A 1 14  ? 7.007   13.932  2.443   1.00 40.11 ? 12  ALA A CB  1 
ATOM   29   N N   . GLN A 1 15  ? 6.940   13.498  5.594   1.00 35.78 ? 13  GLN A N   1 
ATOM   30   C CA  . GLN A 1 15  ? 7.194   12.633  6.739   1.00 34.54 ? 13  GLN A CA  1 
ATOM   31   C C   . GLN A 1 15  ? 5.932   12.393  7.559   1.00 34.34 ? 13  GLN A C   1 
ATOM   32   O O   . GLN A 1 15  ? 5.748   11.296  8.096   1.00 32.00 ? 13  GLN A O   1 
ATOM   33   C CB  . GLN A 1 15  ? 8.302   13.205  7.621   1.00 43.78 ? 13  GLN A CB  1 
ATOM   34   C CG  . GLN A 1 15  ? 8.658   12.307  8.813   1.00 49.13 ? 13  GLN A CG  1 
ATOM   35   C CD  . GLN A 1 15  ? 8.767   10.813  8.454   1.00 54.70 ? 13  GLN A CD  1 
ATOM   36   O OE1 . GLN A 1 15  ? 9.425   10.432  7.475   1.00 45.94 ? 13  GLN A OE1 1 
ATOM   37   N NE2 . GLN A 1 15  ? 8.117   9.964   9.256   1.00 40.50 ? 13  GLN A NE2 1 
ATOM   38   N N   . GLN A 1 16  ? 5.039   13.384  7.660   1.00 33.64 ? 14  GLN A N   1 
ATOM   39   C CA  . GLN A 1 16  ? 3.783   13.125  8.355   1.00 31.77 ? 14  GLN A CA  1 
ATOM   40   C C   . GLN A 1 16  ? 2.926   12.127  7.585   1.00 29.13 ? 14  GLN A C   1 
ATOM   41   O O   . GLN A 1 16  ? 2.325   11.225  8.183   1.00 29.59 ? 14  GLN A O   1 
ATOM   42   C CB  . GLN A 1 16  ? 3.014   14.427  8.585   1.00 32.85 ? 14  GLN A CB  1 
ATOM   43   C CG  . GLN A 1 16  ? 1.570   14.221  9.067   1.00 38.64 ? 14  GLN A CG  1 
ATOM   44   C CD  . GLN A 1 16  ? 1.460   13.374  10.335  1.00 45.14 ? 14  GLN A CD  1 
ATOM   45   O OE1 . GLN A 1 16  ? 2.418   13.246  11.115  1.00 45.64 ? 14  GLN A OE1 1 
ATOM   46   N NE2 . GLN A 1 16  ? 0.275   12.803  10.555  1.00 42.46 ? 14  GLN A NE2 1 
ATOM   47   N N   . MET A 1 17  ? 2.857   12.269  6.259   1.00 29.96 ? 15  MET A N   1 
ATOM   48   C CA  . MET A 1 17  ? 2.078   11.329  5.465   1.00 27.27 ? 15  MET A CA  1 
ATOM   49   C C   . MET A 1 17  ? 2.670   9.929   5.516   1.00 31.89 ? 15  MET A C   1 
ATOM   50   O O   . MET A 1 17  ? 1.925   8.940   5.485   1.00 25.25 ? 15  MET A O   1 
ATOM   51   C CB  . MET A 1 17  ? 2.001   11.809  4.027   1.00 25.37 ? 15  MET A CB  1 
ATOM   52   C CG  . MET A 1 17  ? 1.272   13.136  3.918   1.00 26.60 ? 15  MET A CG  1 
ATOM   53   S SD  . MET A 1 17  ? 1.327   13.697  2.237   1.00 29.57 ? 15  MET A SD  1 
ATOM   54   C CE  . MET A 1 17  ? 0.202   15.095  2.402   1.00 27.88 ? 15  MET A CE  1 
ATOM   55   N N   . ARG A 1 18  ? 4.001   9.836   5.593   1.00 28.97 ? 16  ARG A N   1 
ATOM   56   C CA  . ARG A 1 18  ? 4.648   8.546   5.791   1.00 30.21 ? 16  ARG A CA  1 
ATOM   57   C C   . ARG A 1 18  ? 4.413   8.044   7.206   1.00 29.66 ? 16  ARG A C   1 
ATOM   58   O O   . ARG A 1 18  ? 4.115   6.863   7.408   1.00 26.58 ? 16  ARG A O   1 
ATOM   59   C CB  . ARG A 1 18  ? 6.142   8.667   5.501   1.00 33.71 ? 16  ARG A CB  1 
ATOM   60   C CG  . ARG A 1 18  ? 6.907   7.349   5.522   1.00 35.28 ? 16  ARG A CG  1 
ATOM   61   C CD  . ARG A 1 18  ? 8.398   7.600   5.368   1.00 35.82 ? 16  ARG A CD  1 
ATOM   62   N NE  . ARG A 1 18  ? 8.778   7.865   3.985   1.00 35.62 ? 16  ARG A NE  1 
ATOM   63   C CZ  . ARG A 1 18  ? 9.250   9.027   3.542   1.00 38.98 ? 16  ARG A CZ  1 
ATOM   64   N NH1 . ARG A 1 18  ? 9.403   10.048  4.379   1.00 41.22 ? 16  ARG A NH1 1 
ATOM   65   N NH2 . ARG A 1 18  ? 9.570   9.166   2.264   1.00 36.32 ? 16  ARG A NH2 1 
ATOM   66   N N   . GLY A 1 19  ? 4.489   8.957   8.186   1.00 29.64 ? 17  GLY A N   1 
ATOM   67   C CA  . GLY A 1 19  ? 4.301   8.587   9.578   1.00 30.51 ? 17  GLY A CA  1 
ATOM   68   C C   . GLY A 1 19  ? 2.915   8.058   9.874   1.00 27.53 ? 17  GLY A C   1 
ATOM   69   O O   . GLY A 1 19  ? 2.752   7.201   10.736  1.00 27.84 ? 17  GLY A O   1 
ATOM   70   N N   A GLU A 1 20  ? 1.899   8.562   9.160   0.61 25.38 ? 18  GLU A N   1 
ATOM   71   N N   B GLU A 1 20  ? 1.895   8.535   9.156   0.39 25.44 ? 18  GLU A N   1 
ATOM   72   C CA  A GLU A 1 20  ? 0.547   8.034   9.309   0.61 27.07 ? 18  GLU A CA  1 
ATOM   73   C CA  B GLU A 1 20  ? 0.561   7.993   9.397   0.39 27.13 ? 18  GLU A CA  1 
ATOM   74   C C   A GLU A 1 20  ? 0.506   6.526   9.130   0.61 27.88 ? 18  GLU A C   1 
ATOM   75   C C   B GLU A 1 20  ? 0.515   6.492   9.154   0.39 27.89 ? 18  GLU A C   1 
ATOM   76   O O   A GLU A 1 20  ? -0.301  5.845   9.775   0.61 28.47 ? 18  GLU A O   1 
ATOM   77   O O   B GLU A 1 20  ? -0.273  5.782   9.792   0.39 28.50 ? 18  GLU A O   1 
ATOM   78   C CB  A GLU A 1 20  ? -0.399  8.684   8.300   0.61 26.73 ? 18  GLU A CB  1 
ATOM   79   C CB  B GLU A 1 20  ? -0.480  8.694   8.531   0.39 26.53 ? 18  GLU A CB  1 
ATOM   80   C CG  A GLU A 1 20  ? -0.637  10.177  8.465   0.61 25.49 ? 18  GLU A CG  1 
ATOM   81   C CG  B GLU A 1 20  ? -1.898  8.247   8.854   0.39 27.64 ? 18  GLU A CG  1 
ATOM   82   C CD  A GLU A 1 20  ? -1.585  10.699  7.411   0.61 28.45 ? 18  GLU A CD  1 
ATOM   83   C CD  B GLU A 1 20  ? -2.933  8.938   8.005   0.39 29.31 ? 18  GLU A CD  1 
ATOM   84   O OE1 A GLU A 1 20  ? -1.312  11.757  6.803   0.61 27.54 ? 18  GLU A OE1 1 
ATOM   85   O OE1 B GLU A 1 20  ? -2.534  9.765   7.163   0.39 27.69 ? 18  GLU A OE1 1 
ATOM   86   O OE2 A GLU A 1 20  ? -2.605  10.024  7.197   0.61 27.43 ? 18  GLU A OE2 1 
ATOM   87   O OE2 B GLU A 1 20  ? -4.137  8.650   8.177   0.39 31.43 ? 18  GLU A OE2 1 
ATOM   88   N N   . LEU A 1 21  ? 1.357   5.987   8.251   1.00 26.23 ? 19  LEU A N   1 
ATOM   89   C CA  . LEU A 1 21  ? 1.448   4.552   8.008   1.00 25.55 ? 19  LEU A CA  1 
ATOM   90   C C   . LEU A 1 21  ? 2.418   3.859   8.971   1.00 26.68 ? 19  LEU A C   1 
ATOM   91   O O   . LEU A 1 21  ? 2.078   2.823   9.546   1.00 26.90 ? 19  LEU A O   1 
ATOM   92   C CB  . LEU A 1 21  ? 1.859   4.305   6.547   1.00 24.10 ? 19  LEU A CB  1 
ATOM   93   C CG  . LEU A 1 21  ? 0.915   4.940   5.518   1.00 26.77 ? 19  LEU A CG  1 
ATOM   94   C CD1 . LEU A 1 21  ? 1.456   4.694   4.113   1.00 22.81 ? 19  LEU A CD1 1 
ATOM   95   C CD2 . LEU A 1 21  ? -0.480  4.377   5.650   1.00 26.91 ? 19  LEU A CD2 1 
ATOM   96   N N   . THR A 1 22  ? 3.613   4.426   9.177   1.00 25.59 ? 20  THR A N   1 
ATOM   97   C CA  . THR A 1 22  ? 4.603   3.762   10.023  1.00 27.05 ? 20  THR A CA  1 
ATOM   98   C C   . THR A 1 22  ? 4.240   3.837   11.498  1.00 33.03 ? 20  THR A C   1 
ATOM   99   O O   . THR A 1 22  ? 4.710   2.993   12.274  1.00 34.73 ? 20  THR A O   1 
ATOM   100  C CB  . THR A 1 22  ? 6.003   4.344   9.810   1.00 25.97 ? 20  THR A CB  1 
ATOM   101  O OG1 . THR A 1 22  ? 6.026   5.735   10.150  1.00 30.61 ? 20  THR A OG1 1 
ATOM   102  C CG2 . THR A 1 22  ? 6.465   4.156   8.378   1.00 29.61 ? 20  THR A CG2 1 
ATOM   103  N N   . GLN A 1 23  ? 3.429   4.814   11.910  1.00 35.48 ? 21  GLN A N   1 
ATOM   104  C CA  . GLN A 1 23  ? 2.931   4.823   13.284  1.00 32.79 ? 21  GLN A CA  1 
ATOM   105  C C   . GLN A 1 23  ? 1.821   3.806   13.498  1.00 33.57 ? 21  GLN A C   1 
ATOM   106  O O   . GLN A 1 23  ? 1.347   3.660   14.628  1.00 41.17 ? 21  GLN A O   1 
ATOM   107  C CB  . GLN A 1 23  ? 2.427   6.218   13.672  1.00 33.29 ? 21  GLN A CB  1 
ATOM   108  C CG  . GLN A 1 23  ? 3.488   7.311   13.649  1.00 37.62 ? 21  GLN A CG  1 
ATOM   109  C CD  . GLN A 1 23  ? 2.941   8.664   14.063  1.00 40.81 ? 21  GLN A CD  1 
ATOM   110  O OE1 . GLN A 1 23  ? 2.324   9.380   13.264  1.00 44.23 ? 21  GLN A OE1 1 
ATOM   111  N NE2 . GLN A 1 23  ? 3.163   9.024   15.322  1.00 43.10 ? 21  GLN A NE2 1 
ATOM   112  N N   . ASN A 1 24  ? 1.403   3.101   12.447  1.00 28.86 ? 22  ASN A N   1 
ATOM   113  C CA  . ASN A 1 24  ? 0.321   2.130   12.513  1.00 27.45 ? 22  ASN A CA  1 
ATOM   114  C C   . ASN A 1 24  ? 0.717   0.834   11.821  1.00 31.44 ? 22  ASN A C   1 
ATOM   115  O O   . ASN A 1 24  ? -0.085  0.200   11.123  1.00 33.50 ? 22  ASN A O   1 
ATOM   116  C CB  . ASN A 1 24  ? -0.957  2.719   11.922  1.00 29.85 ? 22  ASN A CB  1 
ATOM   117  C CG  . ASN A 1 24  ? -1.526  3.827   12.791  1.00 36.65 ? 22  ASN A CG  1 
ATOM   118  O OD1 . ASN A 1 24  ? -2.009  3.568   13.895  1.00 37.50 ? 22  ASN A OD1 1 
ATOM   119  N ND2 . ASN A 1 24  ? -1.425  5.068   12.326  1.00 33.98 ? 22  ASN A ND2 1 
ATOM   120  N N   . GLY A 1 25  ? 1.975   0.427   12.000  1.00 32.18 ? 23  GLY A N   1 
ATOM   121  C CA  . GLY A 1 25  ? 2.402   -0.918  11.672  1.00 27.99 ? 23  GLY A CA  1 
ATOM   122  C C   . GLY A 1 25  ? 2.979   -1.129  10.285  1.00 29.18 ? 23  GLY A C   1 
ATOM   123  O O   . GLY A 1 25  ? 3.459   -2.237  9.999   1.00 31.94 ? 23  GLY A O   1 
ATOM   124  N N   . PHE A 1 26  ? 2.953   -0.126  9.412   1.00 29.10 ? 24  PHE A N   1 
ATOM   125  C CA  . PHE A 1 26  ? 3.496   -0.305  8.065   1.00 28.87 ? 24  PHE A CA  1 
ATOM   126  C C   . PHE A 1 26  ? 5.007   -0.121  8.058   1.00 28.11 ? 24  PHE A C   1 
ATOM   127  O O   . PHE A 1 26  ? 5.542   0.783   8.713   1.00 31.41 ? 24  PHE A O   1 
ATOM   128  C CB  . PHE A 1 26  ? 2.875   0.692   7.088   1.00 24.47 ? 24  PHE A CB  1 
ATOM   129  C CG  . PHE A 1 26  ? 1.467   0.362   6.685   1.00 27.97 ? 24  PHE A CG  1 
ATOM   130  C CD1 . PHE A 1 26  ? 0.415   0.527   7.576   1.00 27.60 ? 24  PHE A CD1 1 
ATOM   131  C CD2 . PHE A 1 26  ? 1.190   -0.067  5.394   1.00 25.75 ? 24  PHE A CD2 1 
ATOM   132  C CE1 . PHE A 1 26  ? -0.891  0.238   7.198   1.00 29.75 ? 24  PHE A CE1 1 
ATOM   133  C CE2 . PHE A 1 26  ? -0.119  -0.356  5.003   1.00 29.09 ? 24  PHE A CE2 1 
ATOM   134  C CZ  . PHE A 1 26  ? -1.165  -0.196  5.908   1.00 28.23 ? 24  PHE A CZ  1 
ATOM   135  N N   . THR A 1 27  ? 5.700   -0.983  7.311   1.00 29.45 ? 25  THR A N   1 
ATOM   136  C CA  . THR A 1 27  ? 7.134   -0.842  7.107   1.00 30.29 ? 25  THR A CA  1 
ATOM   137  C C   . THR A 1 27  ? 7.388   0.039   5.892   1.00 28.33 ? 25  THR A C   1 
ATOM   138  O O   . THR A 1 27  ? 6.876   -0.240  4.801   1.00 27.92 ? 25  THR A O   1 
ATOM   139  C CB  . THR A 1 27  ? 7.792   -2.210  6.917   1.00 30.90 ? 25  THR A CB  1 
ATOM   140  O OG1 . THR A 1 27  ? 7.678   -2.951  8.138   1.00 33.30 ? 25  THR A OG1 1 
ATOM   141  C CG2 . THR A 1 27  ? 9.267   -2.042  6.557   1.00 29.06 ? 25  THR A CG2 1 
ATOM   142  N N   . SER A 1 28  ? 8.177   1.092   6.080   1.00 27.59 ? 26  SER A N   1 
ATOM   143  C CA  . SER A 1 28  ? 8.523   2.015   5.003   1.00 26.38 ? 26  SER A CA  1 
ATOM   144  C C   . SER A 1 28  ? 9.729   1.477   4.233   1.00 28.43 ? 26  SER A C   1 
ATOM   145  O O   . SER A 1 28  ? 10.795  1.250   4.819   1.00 30.17 ? 26  SER A O   1 
ATOM   146  C CB  . SER A 1 28  ? 8.821   3.395   5.580   1.00 26.99 ? 26  SER A CB  1 
ATOM   147  O OG  . SER A 1 28  ? 9.183   4.307   4.571   1.00 28.70 ? 26  SER A OG  1 
ATOM   148  N N   . LEU A 1 29  ? 9.569   1.275   2.925   1.00 24.93 ? 27  LEU A N   1 
ATOM   149  C CA  . LEU A 1 29  ? 10.656  0.801   2.065   1.00 24.46 ? 27  LEU A CA  1 
ATOM   150  C C   . LEU A 1 29  ? 11.080  1.963   1.173   1.00 29.07 ? 27  LEU A C   1 
ATOM   151  O O   . LEU A 1 29  ? 10.318  2.395   0.302   1.00 27.85 ? 27  LEU A O   1 
ATOM   152  C CB  . LEU A 1 29  ? 10.229  -0.416  1.250   1.00 24.96 ? 27  LEU A CB  1 
ATOM   153  C CG  . LEU A 1 29  ? 9.646   -1.607  2.014   1.00 26.40 ? 27  LEU A CG  1 
ATOM   154  C CD1 . LEU A 1 29  ? 8.999   -2.614  1.066   1.00 28.31 ? 27  LEU A CD1 1 
ATOM   155  C CD2 . LEU A 1 29  ? 10.746  -2.299  2.853   1.00 24.82 ? 27  LEU A CD2 1 
ATOM   156  N N   . GLU A 1 30  ? 12.285  2.493   1.408   1.00 27.55 ? 28  GLU A N   1 
ATOM   157  C CA  . GLU A 1 30  ? 12.662  3.782   0.842   1.00 26.08 ? 28  GLU A CA  1 
ATOM   158  C C   . GLU A 1 30  ? 13.822  3.726   -0.138  1.00 30.48 ? 28  GLU A C   1 
ATOM   159  O O   . GLU A 1 30  ? 14.213  4.774   -0.669  1.00 30.76 ? 28  GLU A O   1 
ATOM   160  C CB  . GLU A 1 30  ? 12.958  4.778   1.977   1.00 31.08 ? 28  GLU A CB  1 
ATOM   161  C CG  . GLU A 1 30  ? 11.741  4.985   2.865   1.00 30.45 ? 28  GLU A CG  1 
ATOM   162  C CD  . GLU A 1 30  ? 12.002  5.860   4.079   1.00 39.79 ? 28  GLU A CD  1 
ATOM   163  O OE1 . GLU A 1 30  ? 12.893  6.734   4.002   1.00 40.92 ? 28  GLU A OE1 1 
ATOM   164  O OE2 . GLU A 1 30  ? 11.297  5.679   5.099   1.00 33.13 ? 28  GLU A OE2 1 
ATOM   165  N N   . THR A 1 31  ? 14.361  2.541   -0.422  1.00 30.40 ? 29  THR A N   1 
ATOM   166  C CA  . THR A 1 31  ? 15.361  2.357   -1.460  1.00 29.47 ? 29  THR A CA  1 
ATOM   167  C C   . THR A 1 31  ? 14.955  1.174   -2.322  1.00 28.33 ? 29  THR A C   1 
ATOM   168  O O   . THR A 1 31  ? 14.163  0.328   -1.906  1.00 29.44 ? 29  THR A O   1 
ATOM   169  C CB  . THR A 1 31  ? 16.765  2.110   -0.875  1.00 34.34 ? 29  THR A CB  1 
ATOM   170  O OG1 . THR A 1 31  ? 16.772  0.874   -0.145  1.00 32.91 ? 29  THR A OG1 1 
ATOM   171  C CG2 . THR A 1 31  ? 17.170  3.244   0.051   1.00 34.11 ? 29  THR A CG2 1 
ATOM   172  N N   . SER A 1 32  ? 15.524  1.121   -3.530  1.00 29.89 ? 30  SER A N   1 
ATOM   173  C CA  . SER A 1 32  ? 15.370  -0.061  -4.377  1.00 25.35 ? 30  SER A CA  1 
ATOM   174  C C   . SER A 1 32  ? 15.824  -1.318  -3.636  1.00 28.40 ? 30  SER A C   1 
ATOM   175  O O   . SER A 1 32  ? 15.125  -2.336  -3.630  1.00 29.37 ? 30  SER A O   1 
ATOM   176  C CB  . SER A 1 32  ? 16.170  0.116   -5.668  1.00 30.95 ? 30  SER A CB  1 
ATOM   177  O OG  . SER A 1 32  ? 16.095  -1.044  -6.486  1.00 30.15 ? 30  SER A OG  1 
ATOM   178  N N   . GLU A 1 33  ? 16.991  -1.255  -2.986  1.00 29.77 ? 31  GLU A N   1 
ATOM   179  C CA  . GLU A 1 33  ? 17.504  -2.419  -2.265  1.00 31.93 ? 31  GLU A CA  1 
ATOM   180  C C   . GLU A 1 33  ? 16.535  -2.889  -1.186  1.00 26.94 ? 31  GLU A C   1 
ATOM   181  O O   . GLU A 1 33  ? 16.294  -4.093  -1.037  1.00 29.15 ? 31  GLU A O   1 
ATOM   182  C CB  . GLU A 1 33  ? 18.865  -2.096  -1.648  1.00 36.40 ? 31  GLU A CB  1 
ATOM   183  C CG  . GLU A 1 33  ? 19.453  -3.246  -0.846  1.00 43.47 ? 31  GLU A CG  1 
ATOM   184  C CD  . GLU A 1 33  ? 20.916  -3.454  -1.153  1.00 61.06 ? 31  GLU A CD  1 
ATOM   185  O OE1 . GLU A 1 33  ? 21.775  -2.840  -0.482  1.00 73.26 ? 31  GLU A OE1 1 
ATOM   186  O OE2 . GLU A 1 33  ? 21.200  -4.212  -2.104  1.00 63.25 ? 31  GLU A OE2 1 
ATOM   187  N N   . ALA A 1 34  ? 15.960  -1.955  -0.424  1.00 28.07 ? 32  ALA A N   1 
ATOM   188  C CA  . ALA A 1 34  ? 15.028  -2.346  0.626   1.00 28.46 ? 32  ALA A CA  1 
ATOM   189  C C   . ALA A 1 34  ? 13.813  -3.072  0.058   1.00 27.84 ? 32  ALA A C   1 
ATOM   190  O O   . ALA A 1 34  ? 13.300  -4.015  0.671   1.00 27.52 ? 32  ALA A O   1 
ATOM   191  C CB  . ALA A 1 34  ? 14.592  -1.112  1.413   1.00 28.88 ? 32  ALA A CB  1 
ATOM   192  N N   . VAL A 1 35  ? 13.313  -2.628  -1.097  1.00 24.79 ? 33  VAL A N   1 
ATOM   193  C CA  . VAL A 1 35  ? 12.157  -3.289  -1.688  1.00 25.16 ? 33  VAL A CA  1 
ATOM   194  C C   . VAL A 1 35  ? 12.520  -4.695  -2.144  1.00 25.24 ? 33  VAL A C   1 
ATOM   195  O O   . VAL A 1 35  ? 11.787  -5.658  -1.887  1.00 26.98 ? 33  VAL A O   1 
ATOM   196  C CB  . VAL A 1 35  ? 11.596  -2.457  -2.855  1.00 23.46 ? 33  VAL A CB  1 
ATOM   197  C CG1 . VAL A 1 35  ? 10.507  -3.237  -3.572  1.00 26.44 ? 33  VAL A CG1 1 
ATOM   198  C CG2 . VAL A 1 35  ? 11.054  -1.105  -2.352  1.00 25.07 ? 33  VAL A CG2 1 
ATOM   199  N N   . SER A 1 36  ? 13.641  -4.830  -2.857  1.00 28.05 ? 34  SER A N   1 
ATOM   200  C CA  . SER A 1 36  ? 14.086  -6.152  -3.293  1.00 25.90 ? 34  SER A CA  1 
ATOM   201  C C   . SER A 1 36  ? 14.291  -7.081  -2.102  1.00 27.12 ? 34  SER A C   1 
ATOM   202  O O   . SER A 1 36  ? 13.788  -8.209  -2.087  1.00 27.73 ? 34  SER A O   1 
ATOM   203  C CB  . SER A 1 36  ? 15.378  -6.034  -4.102  1.00 26.90 ? 34  SER A CB  1 
ATOM   204  O OG  . SER A 1 36  ? 15.135  -5.521  -5.394  1.00 27.65 ? 34  SER A OG  1 
ATOM   205  N N   . GLU A 1 37  ? 15.015  -6.607  -1.086  1.00 25.02 ? 35  GLU A N   1 
ATOM   206  C CA  . GLU A 1 37  ? 15.275  -7.437  0.088   1.00 30.46 ? 35  GLU A CA  1 
ATOM   207  C C   . GLU A 1 37  ? 13.981  -7.839  0.782   1.00 31.43 ? 35  GLU A C   1 
ATOM   208  O O   . GLU A 1 37  ? 13.849  -8.975  1.244   1.00 35.81 ? 35  GLU A O   1 
ATOM   209  C CB  . GLU A 1 37  ? 16.209  -6.708  1.049   1.00 32.08 ? 35  GLU A CB  1 
ATOM   210  C CG  . GLU A 1 37  ? 17.632  -6.610  0.536   1.00 43.70 ? 35  GLU A CG  1 
ATOM   211  C CD  . GLU A 1 37  ? 18.596  -6.112  1.583   1.00 51.23 ? 35  GLU A CD  1 
ATOM   212  O OE1 . GLU A 1 37  ? 18.254  -6.174  2.783   1.00 64.99 ? 35  GLU A OE1 1 
ATOM   213  O OE2 . GLU A 1 37  ? 19.695  -5.654  1.207   1.00 59.62 ? 35  GLU A OE2 1 
ATOM   214  N N   . TYR A 1 38  ? 13.001  -6.929  0.851   1.00 25.95 ? 36  TYR A N   1 
ATOM   215  C CA  . TYR A 1 38  ? 11.743  -7.290  1.494   1.00 26.44 ? 36  TYR A CA  1 
ATOM   216  C C   . TYR A 1 38  ? 10.941  -8.256  0.635   1.00 29.31 ? 36  TYR A C   1 
ATOM   217  O O   . TYR A 1 38  ? 10.531  -9.323  1.098   1.00 29.07 ? 36  TYR A O   1 
ATOM   218  C CB  . TYR A 1 38  ? 10.902  -6.040  1.806   1.00 25.71 ? 36  TYR A CB  1 
ATOM   219  C CG  . TYR A 1 38  ? 9.800   -6.347  2.793   1.00 29.71 ? 36  TYR A CG  1 
ATOM   220  C CD1 . TYR A 1 38  ? 8.609   -6.955  2.388   1.00 26.66 ? 36  TYR A CD1 1 
ATOM   221  C CD2 . TYR A 1 38  ? 9.976   -6.092  4.144   1.00 30.70 ? 36  TYR A CD2 1 
ATOM   222  C CE1 . TYR A 1 38  ? 7.621   -7.273  3.314   1.00 28.80 ? 36  TYR A CE1 1 
ATOM   223  C CE2 . TYR A 1 38  ? 9.005   -6.402  5.065   1.00 32.91 ? 36  TYR A CE2 1 
ATOM   224  C CZ  . TYR A 1 38  ? 7.833   -6.987  4.650   1.00 32.76 ? 36  TYR A CZ  1 
ATOM   225  O OH  . TYR A 1 38  ? 6.887   -7.283  5.603   1.00 36.98 ? 36  TYR A OH  1 
ATOM   226  N N   . MET A 1 39  ? 10.666  -7.878  -0.617  1.00 25.22 ? 37  MET A N   1 
ATOM   227  C CA  . MET A 1 39  ? 9.753   -8.675  -1.426  1.00 26.31 ? 37  MET A CA  1 
ATOM   228  C C   . MET A 1 39  ? 10.353  -10.021 -1.817  1.00 30.83 ? 37  MET A C   1 
ATOM   229  O O   . MET A 1 39  ? 9.613   -10.992 -2.000  1.00 30.53 ? 37  MET A O   1 
ATOM   230  C CB  . MET A 1 39  ? 9.355   -7.896  -2.677  1.00 25.35 ? 37  MET A CB  1 
ATOM   231  C CG  . MET A 1 39  ? 8.551   -6.634  -2.425  1.00 29.81 ? 37  MET A CG  1 
ATOM   232  S SD  . MET A 1 39  ? 7.029   -6.924  -1.505  1.00 29.84 ? 37  MET A SD  1 
ATOM   233  C CE  . MET A 1 39  ? 6.052   -7.814  -2.698  1.00 28.57 ? 37  MET A CE  1 
ATOM   234  N N   . ASN A 1 40  ? 11.671  -10.102 -1.968  1.00 28.89 ? 38  ASN A N   1 
ATOM   235  C CA  . ASN A 1 40  ? 12.282  -11.372 -2.339  1.00 28.84 ? 38  ASN A CA  1 
ATOM   236  C C   . ASN A 1 40  ? 12.452  -12.306 -1.153  1.00 33.77 ? 38  ASN A C   1 
ATOM   237  O O   . ASN A 1 40  ? 12.956  -13.422 -1.338  1.00 33.70 ? 38  ASN A O   1 
ATOM   238  C CB  . ASN A 1 40  ? 13.641  -11.134 -3.008  1.00 27.08 ? 38  ASN A CB  1 
ATOM   239  C CG  . ASN A 1 40  ? 13.506  -10.593 -4.418  1.00 27.95 ? 38  ASN A CG  1 
ATOM   240  O OD1 . ASN A 1 40  ? 12.525  -10.876 -5.112  1.00 31.42 ? 38  ASN A OD1 1 
ATOM   241  N ND2 . ASN A 1 40  ? 14.493  -9.816  -4.853  1.00 27.34 ? 38  ASN A ND2 1 
ATOM   242  N N   . GLN A 1 41  ? 12.047  -11.879 0.047   1.00 31.98 ? 39  GLN A N   1 
ATOM   243  C CA  . GLN A 1 41  ? 12.166  -12.683 1.254   1.00 34.53 ? 39  GLN A CA  1 
ATOM   244  C C   . GLN A 1 41  ? 10.823  -13.024 1.890   1.00 36.98 ? 39  GLN A C   1 
ATOM   245  O O   . GLN A 1 41  ? 10.806  -13.705 2.923   1.00 37.08 ? 39  GLN A O   1 
ATOM   246  C CB  . GLN A 1 41  ? 13.050  -11.956 2.279   1.00 31.97 ? 39  GLN A CB  1 
ATOM   247  C CG  . GLN A 1 41  ? 14.541  -12.066 1.990   1.00 33.23 ? 39  GLN A CG  1 
ATOM   248  C CD  . GLN A 1 41  ? 15.010  -13.504 1.986   1.00 39.61 ? 39  GLN A CD  1 
ATOM   249  O OE1 . GLN A 1 41  ? 14.660  -14.277 2.882   1.00 41.89 ? 39  GLN A OE1 1 
ATOM   250  N NE2 . GLN A 1 41  ? 15.797  -13.879 0.974   1.00 37.59 ? 39  GLN A NE2 1 
ATOM   251  N N   . VAL A 1 42  ? 9.702   -12.560 1.330   1.00 29.29 ? 40  VAL A N   1 
ATOM   252  C CA  . VAL A 1 42  ? 8.401   -12.922 1.883   1.00 33.58 ? 40  VAL A CA  1 
ATOM   253  C C   . VAL A 1 42  ? 8.166   -14.419 1.699   1.00 38.72 ? 40  VAL A C   1 
ATOM   254  O O   . VAL A 1 42  ? 8.618   -15.033 0.722   1.00 37.68 ? 40  VAL A O   1 
ATOM   255  C CB  . VAL A 1 42  ? 7.260   -12.103 1.247   1.00 36.54 ? 40  VAL A CB  1 
ATOM   256  C CG1 . VAL A 1 42  ? 7.423   -10.614 1.557   1.00 33.97 ? 40  VAL A CG1 1 
ATOM   257  C CG2 . VAL A 1 42  ? 7.177   -12.346 -0.252  1.00 32.71 ? 40  VAL A CG2 1 
ATOM   258  N N   . ASN A 1 43  ? 7.471   -15.018 2.661   1.00 41.77 ? 41  ASN A N   1 
ATOM   259  C CA  . ASN A 1 43  ? 7.127   -16.429 2.560   1.00 41.05 ? 41  ASN A CA  1 
ATOM   260  C C   . ASN A 1 43  ? 6.031   -16.631 1.522   1.00 40.13 ? 41  ASN A C   1 
ATOM   261  O O   . ASN A 1 43  ? 5.189   -15.758 1.294   1.00 36.01 ? 41  ASN A O   1 
ATOM   262  C CB  . ASN A 1 43  ? 6.678   -16.970 3.920   1.00 42.93 ? 41  ASN A CB  1 
ATOM   263  C CG  . ASN A 1 43  ? 7.727   -16.772 5.001   1.00 45.45 ? 41  ASN A CG  1 
ATOM   264  O OD1 . ASN A 1 43  ? 8.899   -17.101 4.811   1.00 52.62 ? 41  ASN A OD1 1 
ATOM   265  N ND2 . ASN A 1 43  ? 7.312   -16.224 6.138   1.00 46.15 ? 41  ASN A ND2 1 
ATOM   266  N N   . ALA A 1 44  ? 6.048   -17.806 0.885   1.00 38.17 ? 42  ALA A N   1 
ATOM   267  C CA  . ALA A 1 44  ? 5.128   -18.071 -0.215  1.00 38.90 ? 42  ALA A CA  1 
ATOM   268  C C   . ALA A 1 44  ? 3.672   -18.024 0.222   1.00 40.62 ? 42  ALA A C   1 
ATOM   269  O O   . ALA A 1 44  ? 2.791   -17.735 -0.597  1.00 42.06 ? 42  ALA A O   1 
ATOM   270  C CB  . ALA A 1 44  ? 5.435   -19.429 -0.836  1.00 43.77 ? 42  ALA A CB  1 
ATOM   271  N N   . ASP A 1 45  ? 3.392   -18.305 1.494   1.00 47.05 ? 43  ASP A N   1 
ATOM   272  C CA  . ASP A 1 45  ? 2.020   -18.350 1.981   1.00 48.18 ? 43  ASP A CA  1 
ATOM   273  C C   . ASP A 1 45  ? 1.570   -17.066 2.667   1.00 44.97 ? 43  ASP A C   1 
ATOM   274  O O   . ASP A 1 45  ? 0.404   -16.972 3.060   1.00 47.33 ? 43  ASP A O   1 
ATOM   275  C CB  . ASP A 1 45  ? 1.824   -19.532 2.948   1.00 46.96 ? 43  ASP A CB  1 
ATOM   276  C CG  . ASP A 1 45  ? 2.689   -19.433 4.205   1.00 58.88 ? 43  ASP A CG  1 
ATOM   277  O OD1 . ASP A 1 45  ? 3.351   -18.396 4.425   1.00 58.09 ? 43  ASP A OD1 1 
ATOM   278  O OD2 . ASP A 1 45  ? 2.700   -20.407 4.991   1.00 65.27 ? 43  ASP A OD2 1 
ATOM   279  N N   A ASP A 1 46  ? 2.455   -16.086 2.816   0.68 40.13 ? 44  ASP A N   1 
ATOM   280  N N   B ASP A 1 46  ? 2.446   -16.079 2.839   0.32 40.21 ? 44  ASP A N   1 
ATOM   281  C CA  A ASP A 1 46  ? 2.096   -14.848 3.482   0.68 40.06 ? 44  ASP A CA  1 
ATOM   282  C CA  B ASP A 1 46  ? 2.024   -14.878 3.543   0.32 40.04 ? 44  ASP A CA  1 
ATOM   283  C C   A ASP A 1 46  ? 1.441   -13.880 2.497   0.68 38.62 ? 44  ASP A C   1 
ATOM   284  C C   B ASP A 1 46  ? 1.551   -13.810 2.560   0.32 38.55 ? 44  ASP A C   1 
ATOM   285  O O   A ASP A 1 46  ? 1.634   -13.961 1.280   0.68 35.15 ? 44  ASP A O   1 
ATOM   286  O O   B ASP A 1 46  ? 1.959   -13.777 1.394   0.32 35.78 ? 44  ASP A O   1 
ATOM   287  C CB  A ASP A 1 46  ? 3.333   -14.209 4.116   0.68 39.59 ? 44  ASP A CB  1 
ATOM   288  C CB  B ASP A 1 46  ? 3.129   -14.345 4.474   0.32 39.82 ? 44  ASP A CB  1 
ATOM   289  C CG  A ASP A 1 46  ? 3.864   -15.006 5.293   0.68 37.14 ? 44  ASP A CG  1 
ATOM   290  C CG  B ASP A 1 46  ? 4.377   -13.834 3.748   0.32 37.09 ? 44  ASP A CG  1 
ATOM   291  O OD1 A ASP A 1 46  ? 3.167   -15.937 5.750   0.68 44.78 ? 44  ASP A OD1 1 
ATOM   292  O OD1 B ASP A 1 46  ? 4.352   -13.588 2.527   0.32 41.22 ? 44  ASP A OD1 1 
ATOM   293  O OD2 A ASP A 1 46  ? 4.972   -14.693 5.771   0.68 39.33 ? 44  ASP A OD2 1 
ATOM   294  O OD2 B ASP A 1 46  ? 5.403   -13.642 4.437   0.32 29.95 ? 44  ASP A OD2 1 
ATOM   295  N N   . THR A 1 47  ? 0.647   -12.959 3.033   1.00 34.10 ? 45  THR A N   1 
ATOM   296  C CA  . THR A 1 47  ? 0.069   -11.897 2.218   1.00 33.38 ? 45  THR A CA  1 
ATOM   297  C C   . THR A 1 47  ? 0.735   -10.573 2.556   1.00 34.36 ? 45  THR A C   1 
ATOM   298  O O   . THR A 1 47  ? 1.004   -10.278 3.725   1.00 33.93 ? 45  THR A O   1 
ATOM   299  C CB  . THR A 1 47  ? -1.456  -11.773 2.381   1.00 36.54 ? 45  THR A CB  1 
ATOM   300  O OG1 . THR A 1 47  ? -1.820  -11.730 3.766   1.00 38.24 ? 45  THR A OG1 1 
ATOM   301  C CG2 . THR A 1 47  ? -2.171  -12.928 1.688   1.00 39.14 ? 45  THR A CG2 1 
ATOM   302  N N   . THR A 1 48  ? 1.011   -9.781  1.519   1.00 32.41 ? 46  THR A N   1 
ATOM   303  C CA  . THR A 1 48  ? 1.717   -8.516  1.680   1.00 28.00 ? 46  THR A CA  1 
ATOM   304  C C   . THR A 1 48  ? 0.884   -7.409  1.055   1.00 26.75 ? 46  THR A C   1 
ATOM   305  O O   . THR A 1 48  ? 0.644   -7.416  -0.156  1.00 28.38 ? 46  THR A O   1 
ATOM   306  C CB  . THR A 1 48  ? 3.110   -8.566  1.046   1.00 31.69 ? 46  THR A CB  1 
ATOM   307  O OG1 . THR A 1 48  ? 3.904   -9.561  1.716   1.00 29.07 ? 46  THR A OG1 1 
ATOM   308  C CG2 . THR A 1 48  ? 3.794   -7.219  1.195   1.00 29.58 ? 46  THR A CG2 1 
ATOM   309  N N   . PHE A 1 49  ? 0.441   -6.470  1.882   1.00 27.81 ? 47  PHE A N   1 
ATOM   310  C CA  . PHE A 1 49  ? -0.331  -5.311  1.448   1.00 25.12 ? 47  PHE A CA  1 
ATOM   311  C C   . PHE A 1 49  ? 0.611   -4.121  1.282   1.00 26.84 ? 47  PHE A C   1 
ATOM   312  O O   . PHE A 1 49  ? 1.375   -3.796  2.199   1.00 26.63 ? 47  PHE A O   1 
ATOM   313  C CB  . PHE A 1 49  ? -1.421  -5.012  2.486   1.00 26.99 ? 47  PHE A CB  1 
ATOM   314  C CG  . PHE A 1 49  ? -2.231  -3.767  2.215   1.00 29.32 ? 47  PHE A CG  1 
ATOM   315  C CD1 . PHE A 1 49  ? -2.804  -3.539  0.976   1.00 29.17 ? 47  PHE A CD1 1 
ATOM   316  C CD2 . PHE A 1 49  ? -2.448  -2.846  3.228   1.00 31.54 ? 47  PHE A CD2 1 
ATOM   317  C CE1 . PHE A 1 49  ? -3.563  -2.391  0.744   1.00 29.59 ? 47  PHE A CE1 1 
ATOM   318  C CE2 . PHE A 1 49  ? -3.204  -1.699  3.002   1.00 28.55 ? 47  PHE A CE2 1 
ATOM   319  C CZ  . PHE A 1 49  ? -3.760  -1.476  1.767   1.00 29.38 ? 47  PHE A CZ  1 
ATOM   320  N N   . VAL A 1 50  ? 0.558   -3.483  0.111   1.00 24.70 ? 48  VAL A N   1 
ATOM   321  C CA  . VAL A 1 50  ? 1.435   -2.375  -0.251  1.00 22.23 ? 48  VAL A CA  1 
ATOM   322  C C   . VAL A 1 50  ? 0.580   -1.140  -0.485  1.00 21.70 ? 48  VAL A C   1 
ATOM   323  O O   . VAL A 1 50  ? -0.321  -1.156  -1.331  1.00 25.11 ? 48  VAL A O   1 
ATOM   324  C CB  . VAL A 1 50  ? 2.243   -2.679  -1.526  1.00 25.76 ? 48  VAL A CB  1 
ATOM   325  C CG1 . VAL A 1 50  ? 3.158   -1.503  -1.854  1.00 25.65 ? 48  VAL A CG1 1 
ATOM   326  C CG2 . VAL A 1 50  ? 3.032   -3.974  -1.377  1.00 27.25 ? 48  VAL A CG2 1 
ATOM   327  N N   . VAL A 1 51  ? 0.883   -0.063  0.230   1.00 22.05 ? 49  VAL A N   1 
ATOM   328  C CA  . VAL A 1 51  ? 0.297   1.238   -0.059  1.00 21.27 ? 49  VAL A CA  1 
ATOM   329  C C   . VAL A 1 51  ? 1.331   2.051   -0.818  1.00 22.50 ? 49  VAL A C   1 
ATOM   330  O O   . VAL A 1 51  ? 2.430   2.311   -0.310  1.00 23.17 ? 49  VAL A O   1 
ATOM   331  C CB  . VAL A 1 51  ? -0.140  1.961   1.228   1.00 24.51 ? 49  VAL A CB  1 
ATOM   332  C CG1 . VAL A 1 51  ? -0.665  3.359   0.898   1.00 24.93 ? 49  VAL A CG1 1 
ATOM   333  C CG2 . VAL A 1 51  ? -1.194  1.139   1.929   1.00 24.43 ? 49  VAL A CG2 1 
ATOM   334  N N   . ILE A 1 52  ? 0.996   2.440   -2.040  1.00 23.46 ? 50  ILE A N   1 
ATOM   335  C CA  . ILE A 1 52  ? 1.824   3.372   -2.788  1.00 21.30 ? 50  ILE A CA  1 
ATOM   336  C C   . ILE A 1 52  ? 1.315   4.765   -2.436  1.00 23.44 ? 50  ILE A C   1 
ATOM   337  O O   . ILE A 1 52  ? 0.225   5.165   -2.853  1.00 23.26 ? 50  ILE A O   1 
ATOM   338  C CB  . ILE A 1 52  ? 1.775   3.093   -4.295  1.00 21.33 ? 50  ILE A CB  1 
ATOM   339  C CG1 . ILE A 1 52  ? 2.344   1.703   -4.566  1.00 27.27 ? 50  ILE A CG1 1 
ATOM   340  C CG2 . ILE A 1 52  ? 2.547   4.172   -5.059  1.00 24.45 ? 50  ILE A CG2 1 
ATOM   341  C CD1 . ILE A 1 52  ? 1.290   0.617   -4.612  1.00 32.82 ? 50  ILE A CD1 1 
ATOM   342  N N   . ASN A 1 53  ? 2.078   5.484   -1.616  1.00 22.49 ? 51  ASN A N   1 
ATOM   343  C CA  . ASN A 1 53  ? 1.699   6.782   -1.055  1.00 23.95 ? 51  ASN A CA  1 
ATOM   344  C C   . ASN A 1 53  ? 1.940   7.912   -2.050  1.00 26.08 ? 51  ASN A C   1 
ATOM   345  O O   . ASN A 1 53  ? 2.697   7.778   -3.013  1.00 27.92 ? 51  ASN A O   1 
ATOM   346  C CB  . ASN A 1 53  ? 2.526   7.040   0.208   1.00 20.76 ? 51  ASN A CB  1 
ATOM   347  C CG  . ASN A 1 53  ? 1.766   7.725   1.330   1.00 24.25 ? 51  ASN A CG  1 
ATOM   348  O OD1 . ASN A 1 53  ? 0.653   8.256   1.170   1.00 25.05 ? 51  ASN A OD1 1 
ATOM   349  N ND2 . ASN A 1 53  ? 2.404   7.737   2.489   1.00 24.88 ? 51  ASN A ND2 1 
ATOM   350  N N   . SER A 1 54  ? 1.308   9.059   -1.779  1.00 24.76 ? 52  SER A N   1 
ATOM   351  C CA  . SER A 1 54  ? 1.404   10.238  -2.633  1.00 25.82 ? 52  SER A CA  1 
ATOM   352  C C   . SER A 1 54  ? 1.211   11.479  -1.769  1.00 27.82 ? 52  SER A C   1 
ATOM   353  O O   . SER A 1 54  ? 0.532   11.432  -0.743  1.00 28.48 ? 52  SER A O   1 
ATOM   354  C CB  . SER A 1 54  ? 0.365   10.201  -3.761  1.00 31.65 ? 52  SER A CB  1 
ATOM   355  O OG  . SER A 1 54  ? 0.208   11.471  -4.392  1.00 32.85 ? 52  SER A OG  1 
ATOM   356  N N   . THR A 1 55  ? 1.817   12.586  -2.191  1.00 31.96 ? 53  THR A N   1 
ATOM   357  C CA  . THR A 1 55  ? 1.657   13.854  -1.474  1.00 33.32 ? 53  THR A CA  1 
ATOM   358  C C   . THR A 1 55  ? 0.539   14.724  -2.012  1.00 34.47 ? 53  THR A C   1 
ATOM   359  O O   . THR A 1 55  ? 0.180   15.724  -1.391  1.00 36.81 ? 53  THR A O   1 
ATOM   360  C CB  . THR A 1 55  ? 2.937   14.714  -1.523  1.00 37.09 ? 53  THR A CB  1 
ATOM   361  O OG1 . THR A 1 55  ? 3.248   15.043  -2.882  1.00 39.16 ? 53  THR A OG1 1 
ATOM   362  C CG2 . THR A 1 55  ? 4.107   13.981  -0.896  1.00 40.05 ? 53  THR A CG2 1 
ATOM   363  N N   . CYS A 1 56  ? -0.014  14.394  -3.166  1.00 35.30 ? 54  CYS A N   1 
ATOM   364  C CA  . CYS A 1 56  ? -0.776  15.473  -3.849  1.00 37.97 ? 54  CYS A CA  1 
ATOM   365  C C   . CYS A 1 56  ? -2.169  15.037  -4.176  1.00 42.27 ? 54  CYS A C   1 
ATOM   366  O O   . CYS A 1 56  ? -2.456  13.881  -4.281  1.00 43.03 ? 54  CYS A O   1 
ATOM   367  C CB  . CYS A 1 56  ? -0.025  15.908  -5.081  1.00 47.48 ? 54  CYS A CB  1 
ATOM   368  S SG  . CYS A 1 56  ? 0.305   14.544  -6.222  1.00 55.27 ? 54  CYS A SG  1 
ATOM   369  N N   . GLY A 1 57  ? -3.038  16.029  -4.335  1.00 42.51 ? 55  GLY A N   1 
ATOM   370  C CA  . GLY A 1 57  ? -4.412  15.796  -4.727  1.00 42.75 ? 55  GLY A CA  1 
ATOM   371  C C   . GLY A 1 57  ? -5.265  15.281  -3.592  1.00 43.53 ? 55  GLY A C   1 
ATOM   372  O O   . GLY A 1 57  ? -4.794  15.104  -2.463  1.00 40.59 ? 55  GLY A O   1 
ATOM   373  N N   A CYS A 1 58  ? -6.538  15.035  -3.898  0.48 39.01 ? 56  CYS A N   1 
ATOM   374  N N   B CYS A 1 58  ? -6.539  15.027  -3.886  0.52 39.01 ? 56  CYS A N   1 
ATOM   375  C CA  A CYS A 1 58  ? -7.469  14.547  -2.891  0.48 38.41 ? 56  CYS A CA  1 
ATOM   376  C CA  B CYS A 1 58  ? -7.447  14.541  -2.855  0.52 38.41 ? 56  CYS A CA  1 
ATOM   377  C C   A CYS A 1 58  ? -7.354  13.043  -2.689  0.48 36.13 ? 56  CYS A C   1 
ATOM   378  C C   B CYS A 1 58  ? -7.365  13.032  -2.684  0.52 36.14 ? 56  CYS A C   1 
ATOM   379  O O   A CYS A 1 58  ? -7.579  12.554  -1.576  0.48 32.16 ? 56  CYS A O   1 
ATOM   380  O O   B CYS A 1 58  ? -7.627  12.522  -1.589  0.52 32.15 ? 56  CYS A O   1 
ATOM   381  C CB  A CYS A 1 58  ? -8.900  14.918  -3.284  0.48 39.33 ? 56  CYS A CB  1 
ATOM   382  C CB  B CYS A 1 58  ? -8.881  14.959  -3.181  0.52 39.37 ? 56  CYS A CB  1 
ATOM   383  S SG  A CYS A 1 58  ? -10.150 14.380  -2.107  0.48 39.13 ? 56  CYS A SG  1 
ATOM   384  S SG  B CYS A 1 58  ? -9.031  16.684  -3.668  0.52 35.28 ? 56  CYS A SG  1 
ATOM   385  N N   . ALA A 1 59  ? -6.991  12.301  -3.740  1.00 31.91 ? 57  ALA A N   1 
ATOM   386  C CA  . ALA A 1 59  ? -6.964  10.848  -3.640  1.00 24.65 ? 57  ALA A CA  1 
ATOM   387  C C   . ALA A 1 59  ? -5.995  10.378  -2.561  1.00 28.05 ? 57  ALA A C   1 
ATOM   388  O O   . ALA A 1 59  ? -6.287  9.422   -1.839  1.00 26.41 ? 57  ALA A O   1 
ATOM   389  C CB  . ALA A 1 59  ? -6.597  10.238  -4.999  1.00 29.58 ? 57  ALA A CB  1 
ATOM   390  N N   . ALA A 1 60  ? -4.846  11.047  -2.437  1.00 29.19 ? 58  ALA A N   1 
ATOM   391  C CA  . ALA A 1 60  ? -3.834  10.648  -1.469  1.00 29.61 ? 58  ALA A CA  1 
ATOM   392  C C   . ALA A 1 60  ? -4.379  10.729  -0.052  1.00 27.82 ? 58  ALA A C   1 
ATOM   393  O O   . ALA A 1 60  ? -4.161  9.822   0.765   1.00 29.45 ? 58  ALA A O   1 
ATOM   394  C CB  . ALA A 1 60  ? -2.605  11.542  -1.621  1.00 32.55 ? 58  ALA A CB  1 
ATOM   395  N N   . GLY A 1 61  ? -5.132  11.792  0.236   1.00 26.52 ? 59  GLY A N   1 
ATOM   396  C CA  . GLY A 1 61  ? -5.744  11.936  1.545   1.00 28.88 ? 59  GLY A CA  1 
ATOM   397  C C   . GLY A 1 61  ? -6.842  10.934  1.823   1.00 29.81 ? 59  GLY A C   1 
ATOM   398  O O   . GLY A 1 61  ? -7.160  10.689  2.988   1.00 31.71 ? 59  GLY A O   1 
ATOM   399  N N   . LEU A 1 62  ? -7.445  10.362  0.784   1.00 27.55 ? 60  LEU A N   1 
ATOM   400  C CA  . LEU A 1 62  ? -8.410  9.291   1.008   1.00 25.46 ? 60  LEU A CA  1 
ATOM   401  C C   . LEU A 1 62  ? -7.718  7.955   1.245   1.00 27.09 ? 60  LEU A C   1 
ATOM   402  O O   . LEU A 1 62  ? -8.193  7.131   2.035   1.00 31.89 ? 60  LEU A O   1 
ATOM   403  C CB  . LEU A 1 62  ? -9.351  9.183   -0.184  1.00 30.03 ? 60  LEU A CB  1 
ATOM   404  C CG  . LEU A 1 62  ? -10.120 10.452  -0.554  1.00 31.00 ? 60  LEU A CG  1 
ATOM   405  C CD1 . LEU A 1 62  ? -10.761 10.284  -1.922  1.00 32.42 ? 60  LEU A CD1 1 
ATOM   406  C CD2 . LEU A 1 62  ? -11.161 10.748  0.503   1.00 38.75 ? 60  LEU A CD2 1 
ATOM   407  N N   . ALA A 1 63  ? -6.592  7.722   0.569   1.00 28.79 ? 61  ALA A N   1 
ATOM   408  C CA  . ALA A 1 63  ? -6.006  6.386   0.567   1.00 29.89 ? 61  ALA A CA  1 
ATOM   409  C C   . ALA A 1 63  ? -5.419  6.004   1.918   1.00 24.92 ? 61  ALA A C   1 
ATOM   410  O O   . ALA A 1 63  ? -5.457  4.824   2.297   1.00 26.85 ? 61  ALA A O   1 
ATOM   411  C CB  . ALA A 1 63  ? -4.927  6.287   -0.510  1.00 27.46 ? 61  ALA A CB  1 
ATOM   412  N N   . ARG A 1 64  ? -4.834  6.964   2.630   1.00 26.21 ? 62  ARG A N   1 
ATOM   413  C CA  . ARG A 1 64  ? -4.139  6.623   3.905   1.00 27.04 ? 62  ARG A CA  1 
ATOM   414  C C   . ARG A 1 64  ? -5.111  6.118   4.985   1.00 28.35 ? 62  ARG A C   1 
ATOM   415  O O   . ARG A 1 64  ? -4.885  5.001   5.467   1.00 26.96 ? 62  ARG A O   1 
ATOM   416  C CB  . ARG A 1 64  ? -3.207  7.752   4.354   1.00 29.71 ? 62  ARG A CB  1 
ATOM   417  C CG  . ARG A 1 64  ? -1.955  7.893   3.505   1.00 28.29 ? 62  ARG A CG  1 
ATOM   418  C CD  . ARG A 1 64  ? -1.128  9.080   3.952   1.00 27.27 ? 62  ARG A CD  1 
ATOM   419  N NE  . ARG A 1 64  ? -1.798  10.354  3.747   1.00 26.87 ? 62  ARG A NE  1 
ATOM   420  C CZ  . ARG A 1 64  ? -1.631  11.132  2.687   1.00 28.25 ? 62  ARG A CZ  1 
ATOM   421  N NH1 . ARG A 1 64  ? -0.806  10.769  1.720   1.00 25.86 ? 62  ARG A NH1 1 
ATOM   422  N NH2 . ARG A 1 64  ? -2.285  12.276  2.597   1.00 29.98 ? 62  ARG A NH2 1 
ATOM   423  N N   . PRO A 1 65  ? -6.162  6.854   5.418   1.00 28.07 ? 63  PRO A N   1 
ATOM   424  C CA  . PRO A 1 65  ? -7.018  6.380   6.506   1.00 28.11 ? 63  PRO A CA  1 
ATOM   425  C C   . PRO A 1 65  ? -7.681  5.029   6.214   1.00 27.85 ? 63  PRO A C   1 
ATOM   426  O O   . PRO A 1 65  ? -7.721  4.211   7.095   1.00 32.55 ? 63  PRO A O   1 
ATOM   427  C CB  . PRO A 1 65  ? -8.096  7.461   6.640   1.00 32.09 ? 63  PRO A CB  1 
ATOM   428  C CG  . PRO A 1 65  ? -7.431  8.694   6.105   1.00 32.68 ? 63  PRO A CG  1 
ATOM   429  C CD  . PRO A 1 65  ? -6.584  8.181   4.962   1.00 29.03 ? 63  PRO A CD  1 
ATOM   430  N N   . ALA A 1 66  ? -8.190  4.848   4.996   1.00 29.26 ? 64  ALA A N   1 
ATOM   431  C CA  . ALA A 1 66  ? -8.850  3.577   4.629   1.00 30.49 ? 64  ALA A CA  1 
ATOM   432  C C   . ALA A 1 66  ? -7.853  2.430   4.808   1.00 30.09 ? 64  ALA A C   1 
ATOM   433  O O   . ALA A 1 66  ? -8.228  1.413   5.404   1.00 30.21 ? 64  ALA A O   1 
ATOM   434  C CB  . ALA A 1 66  ? -9.347  3.651   3.211   1.00 31.08 ? 64  ALA A CB  1 
ATOM   435  N N   . ALA A 1 67  ? -6.627  2.605   4.311   1.00 27.98 ? 65  ALA A N   1 
ATOM   436  C CA  . ALA A 1 67  ? -5.646  1.529   4.388   1.00 29.41 ? 65  ALA A CA  1 
ATOM   437  C C   . ALA A 1 67  ? -5.286  1.200   5.834   1.00 30.65 ? 65  ALA A C   1 
ATOM   438  O O   . ALA A 1 67  ? -5.176  0.022   6.196   1.00 30.67 ? 65  ALA A O   1 
ATOM   439  C CB  . ALA A 1 67  ? -4.400  1.919   3.597   1.00 29.31 ? 65  ALA A CB  1 
ATOM   440  N N   . VAL A 1 68  ? -5.085  2.223   6.669   1.00 27.12 ? 66  VAL A N   1 
ATOM   441  C CA  . VAL A 1 68  ? -4.717  1.983   8.063   1.00 27.60 ? 66  VAL A CA  1 
ATOM   442  C C   . VAL A 1 68  ? -5.864  1.309   8.804   1.00 31.05 ? 66  VAL A C   1 
ATOM   443  O O   . VAL A 1 68  ? -5.665  0.338   9.545   1.00 33.30 ? 66  VAL A O   1 
ATOM   444  C CB  . VAL A 1 68  ? -4.311  3.299   8.748   1.00 30.43 ? 66  VAL A CB  1 
ATOM   445  C CG1 . VAL A 1 68  ? -4.077  3.069   10.248  1.00 29.78 ? 66  VAL A CG1 1 
ATOM   446  C CG2 . VAL A 1 68  ? -3.075  3.887   8.092   1.00 31.19 ? 66  VAL A CG2 1 
ATOM   447  N N   . ALA A 1 69  ? -7.080  1.820   8.620   1.00 31.55 ? 67  ALA A N   1 
ATOM   448  C CA  . ALA A 1 69  ? -8.222  1.304   9.361   1.00 33.05 ? 67  ALA A CA  1 
ATOM   449  C C   . ALA A 1 69  ? -8.464  -0.165  9.043   1.00 38.09 ? 67  ALA A C   1 
ATOM   450  O O   . ALA A 1 69  ? -8.596  -0.995  9.949   1.00 41.54 ? 67  ALA A O   1 
ATOM   451  C CB  . ALA A 1 69  ? -9.462  2.140   9.046   1.00 30.98 ? 67  ALA A CB  1 
ATOM   452  N N   . VAL A 1 70  ? -8.498  -0.518  7.762   1.00 34.64 ? 68  VAL A N   1 
ATOM   453  C CA  . VAL A 1 70  ? -8.834  -1.927  7.400   1.00 37.46 ? 68  VAL A CA  1 
ATOM   454  C C   . VAL A 1 70  ? -7.668  -2.867  7.702   1.00 38.03 ? 68  VAL A C   1 
ATOM   455  O O   . VAL A 1 70  ? -7.908  -3.944  8.243   1.00 40.45 ? 68  VAL A O   1 
ATOM   456  C CB  . VAL A 1 70  ? -9.313  -2.058  5.943   1.00 32.72 ? 68  VAL A CB  1 
ATOM   457  C CG1 . VAL A 1 70  ? -9.763  -3.467  5.624   1.00 35.21 ? 68  VAL A CG1 1 
ATOM   458  C CG2 . VAL A 1 70  ? -10.438 -1.086  5.665   1.00 35.68 ? 68  VAL A CG2 1 
ATOM   459  N N   . ALA A 1 71  ? -6.437  -2.471  7.368   1.00 33.49 ? 69  ALA A N   1 
ATOM   460  C CA  . ALA A 1 71  ? -5.288  -3.396  7.526   1.00 38.97 ? 69  ALA A CA  1 
ATOM   461  C C   . ALA A 1 71  ? -4.970  -3.665  9.000   1.00 38.73 ? 69  ALA A C   1 
ATOM   462  O O   . ALA A 1 71  ? -4.212  -4.608  9.265   1.00 40.76 ? 69  ALA A O   1 
ATOM   463  C CB  . ALA A 1 71  ? -4.080  -2.887  6.785   1.00 31.76 ? 69  ALA A CB  1 
ATOM   464  N N   . THR A 1 72  ? -5.495  -2.852  9.916   1.00 39.46 ? 70  THR A N   1 
ATOM   465  C CA  . THR A 1 72  ? -5.134  -3.042  11.344  1.00 43.57 ? 70  THR A CA  1 
ATOM   466  C C   . THR A 1 72  ? -6.347  -3.521  12.143  1.00 48.84 ? 70  THR A C   1 
ATOM   467  O O   . THR A 1 72  ? -6.138  -3.993  13.274  1.00 51.28 ? 70  THR A O   1 
ATOM   468  C CB  . THR A 1 72  ? -4.563  -1.765  11.975  1.00 36.54 ? 70  THR A CB  1 
ATOM   469  O OG1 . THR A 1 72  ? -5.591  -0.775  12.020  1.00 41.34 ? 70  THR A OG1 1 
ATOM   470  C CG2 . THR A 1 72  ? -3.337  -1.240  11.261  1.00 43.23 ? 70  THR A CG2 1 
ATOM   471  N N   . GLN A 1 73  ? -7.554  -3.429  11.579  1.00 50.04 ? 71  GLN A N   1 
ATOM   472  C CA  . GLN A 1 73  ? -8.746  -3.761  12.350  1.00 51.12 ? 71  GLN A CA  1 
ATOM   473  C C   . GLN A 1 73  ? -9.564  -4.914  11.788  1.00 57.19 ? 71  GLN A C   1 
ATOM   474  O O   . GLN A 1 73  ? -10.358 -5.496  12.535  1.00 62.51 ? 71  GLN A O   1 
ATOM   475  C CB  . GLN A 1 73  ? -9.662  -2.533  12.472  1.00 48.45 ? 71  GLN A CB  1 
ATOM   476  C CG  . GLN A 1 73  ? -9.016  -1.320  13.132  1.00 55.52 ? 71  GLN A CG  1 
ATOM   477  C CD  . GLN A 1 73  ? -8.905  -1.460  14.638  1.00 62.79 ? 71  GLN A CD  1 
ATOM   478  O OE1 . GLN A 1 73  ? -7.805  -1.531  15.189  1.00 65.26 ? 71  GLN A OE1 1 
ATOM   479  N NE2 . GLN A 1 73  ? -10.051 -1.496  15.315  1.00 67.40 ? 71  GLN A NE2 1 
ATOM   480  N N   . ASN A 1 74  ? -9.412  -5.250  10.508  1.00 42.47 ? 72  ASN A N   1 
ATOM   481  C CA  . ASN A 1 74  ? -10.222 -6.307  9.917   1.00 48.19 ? 72  ASN A CA  1 
ATOM   482  C C   . ASN A 1 74  ? -9.950  -7.642  10.606  1.00 53.35 ? 72  ASN A C   1 
ATOM   483  O O   . ASN A 1 74  ? -8.910  -7.848  11.229  1.00 57.73 ? 72  ASN A O   1 
ATOM   484  C CB  . ASN A 1 74  ? -9.939  -6.421  8.418   1.00 50.52 ? 72  ASN A CB  1 
ATOM   485  C CG  . ASN A 1 74  ? -11.096 -7.023  7.650   1.00 52.43 ? 72  ASN A CG  1 
ATOM   486  O OD1 . ASN A 1 74  ? -12.254 -6.673  7.878   1.00 58.00 ? 72  ASN A OD1 1 
ATOM   487  N ND2 . ASN A 1 74  ? -10.790 -7.927  6.727   1.00 47.55 ? 72  ASN A ND2 1 
ATOM   488  N N   . GLU A 1 75  ? -10.917 -8.559  10.503  1.00 57.29 ? 73  GLU A N   1 
ATOM   489  C CA  . GLU A 1 75  ? -10.700 -9.908  11.020  1.00 59.11 ? 73  GLU A CA  1 
ATOM   490  C C   . GLU A 1 75  ? -9.617  -10.619 10.219  1.00 61.09 ? 73  GLU A C   1 
ATOM   491  O O   . GLU A 1 75  ? -8.665  -11.168 10.789  1.00 62.43 ? 73  GLU A O   1 
ATOM   492  C CB  . GLU A 1 75  ? -12.006 -10.705 10.988  1.00 54.17 ? 73  GLU A CB  1 
ATOM   493  N N   . HIS A 1 76  ? -9.780  -10.602 8.891   1.00 53.85 ? 74  HIS A N   1 
ATOM   494  C CA  . HIS A 1 76  ? -8.768  -11.200 7.982   1.00 55.44 ? 74  HIS A CA  1 
ATOM   495  C C   . HIS A 1 76  ? -7.766  -10.093 7.663   1.00 55.00 ? 74  HIS A C   1 
ATOM   496  O O   . HIS A 1 76  ? -8.148  -9.149  6.958   1.00 50.98 ? 74  HIS A O   1 
ATOM   497  C CB  . HIS A 1 76  ? -9.442  -11.747 6.723   1.00 54.39 ? 74  HIS A CB  1 
ATOM   498  C CG  . HIS A 1 76  ? -10.450 -12.817 6.979   1.00 62.14 ? 74  HIS A CG  1 
ATOM   499  N ND1 . HIS A 1 76  ? -10.275 -14.111 6.535   1.00 67.51 ? 74  HIS A ND1 1 
ATOM   500  C CD2 . HIS A 1 76  ? -11.646 -12.794 7.608   1.00 62.16 ? 74  HIS A CD2 1 
ATOM   501  C CE1 . HIS A 1 76  ? -11.312 -14.842 6.891   1.00 68.32 ? 74  HIS A CE1 1 
ATOM   502  N NE2 . HIS A 1 76  ? -12.167 -14.056 7.552   1.00 68.55 ? 74  HIS A NE2 1 
ATOM   503  N N   . ARG A 1 77  ? -6.546  -10.197 8.180   1.00 50.42 ? 75  ARG A N   1 
ATOM   504  C CA  . ARG A 1 77  ? -5.598  -9.082  7.966   1.00 47.32 ? 75  ARG A CA  1 
ATOM   505  C C   . ARG A 1 77  ? -4.348  -9.552  7.198   1.00 44.68 ? 75  ARG A C   1 
ATOM   506  O O   . ARG A 1 77  ? -3.923  -10.679 7.466   1.00 45.91 ? 75  ARG A O   1 
ATOM   507  C CB  . ARG A 1 77  ? -5.139  -8.534  9.319   1.00 51.78 ? 75  ARG A CB  1 
ATOM   508  C CG  . ARG A 1 77  ? -6.232  -7.869  10.137  1.00 58.38 ? 75  ARG A CG  1 
ATOM   509  C CD  . ARG A 1 77  ? -5.600  -7.142  11.303  1.00 56.68 ? 75  ARG A CD  1 
ATOM   510  N NE  . ARG A 1 77  ? -5.260  -8.048  12.387  1.00 72.93 ? 75  ARG A NE  1 
ATOM   511  C CZ  . ARG A 1 77  ? -6.131  -8.813  13.033  1.00 81.26 ? 75  ARG A CZ  1 
ATOM   512  N NH1 . ARG A 1 77  ? -7.411  -8.777  12.711  1.00 77.90 ? 75  ARG A NH1 1 
ATOM   513  N NH2 . ARG A 1 77  ? -5.716  -9.603  14.007  1.00 84.13 ? 75  ARG A NH2 1 
ATOM   514  N N   . PRO A 1 78  ? -3.712  -8.721  6.320   1.00 40.77 ? 76  PRO A N   1 
ATOM   515  C CA  . PRO A 1 78  ? -2.481  -9.141  5.645   1.00 39.48 ? 76  PRO A CA  1 
ATOM   516  C C   . PRO A 1 78  ? -1.384  -9.479  6.648   1.00 33.56 ? 76  PRO A C   1 
ATOM   517  O O   . PRO A 1 78  ? -1.276  -8.872  7.720   1.00 37.82 ? 76  PRO A O   1 
ATOM   518  C CB  . PRO A 1 78  ? -2.105  -7.922  4.786   1.00 36.99 ? 76  PRO A CB  1 
ATOM   519  C CG  . PRO A 1 78  ? -2.873  -6.767  5.385   1.00 44.07 ? 76  PRO A CG  1 
ATOM   520  C CD  . PRO A 1 78  ? -4.141  -7.372  5.910   1.00 40.75 ? 76  PRO A CD  1 
ATOM   521  N N   . THR A 1 79  ? -0.572  -10.479 6.289   1.00 34.05 ? 77  THR A N   1 
ATOM   522  C CA  . THR A 1 79  ? 0.581   -10.841 7.106   1.00 33.17 ? 77  THR A CA  1 
ATOM   523  C C   . THR A 1 79  ? 1.535   -9.663  7.255   1.00 35.67 ? 77  THR A C   1 
ATOM   524  O O   . THR A 1 79  ? 2.033   -9.385  8.353   1.00 31.79 ? 77  THR A O   1 
ATOM   525  C CB  . THR A 1 79  ? 1.309   -12.029 6.476   1.00 32.86 ? 77  THR A CB  1 
ATOM   526  O OG1 . THR A 1 79  ? 0.349   -12.992 6.020   1.00 33.91 ? 77  THR A OG1 1 
ATOM   527  C CG2 . THR A 1 79  ? 2.247   -12.676 7.480   1.00 36.28 ? 77  THR A CG2 1 
ATOM   528  N N   . ASN A 1 80  ? 1.780   -8.948  6.162   1.00 33.52 ? 78  ASN A N   1 
ATOM   529  C CA  . ASN A 1 80  ? 2.750   -7.866  6.095   1.00 30.08 ? 78  ASN A CA  1 
ATOM   530  C C   . ASN A 1 80  ? 2.071   -6.608  5.566   1.00 30.86 ? 78  ASN A C   1 
ATOM   531  O O   . ASN A 1 80  ? 1.202   -6.681  4.692   1.00 31.38 ? 78  ASN A O   1 
ATOM   532  C CB  . ASN A 1 80  ? 3.920   -8.234  5.169   1.00 30.30 ? 78  ASN A CB  1 
ATOM   533  C CG  . ASN A 1 80  ? 4.554   -9.567  5.527   1.00 31.19 ? 78  ASN A CG  1 
ATOM   534  O OD1 . ASN A 1 80  ? 4.866   -9.818  6.686   1.00 34.85 ? 78  ASN A OD1 1 
ATOM   535  N ND2 . ASN A 1 80  ? 4.749   -10.429 4.525   1.00 33.90 ? 78  ASN A ND2 1 
ATOM   536  N N   . THR A 1 81  ? 2.476   -5.457  6.100   1.00 30.80 ? 79  THR A N   1 
ATOM   537  C CA  . THR A 1 81  ? 2.015   -4.159  5.617   1.00 25.23 ? 79  THR A CA  1 
ATOM   538  C C   . THR A 1 81  ? 3.230   -3.285  5.357   1.00 26.83 ? 79  THR A C   1 
ATOM   539  O O   . THR A 1 81  ? 4.023   -3.030  6.267   1.00 29.98 ? 79  THR A O   1 
ATOM   540  C CB  . THR A 1 81  ? 1.062   -3.485  6.613   1.00 27.81 ? 79  THR A CB  1 
ATOM   541  O OG1 . THR A 1 81  ? 1.702   -3.371  7.897   1.00 31.35 ? 79  THR A OG1 1 
ATOM   542  C CG2 . THR A 1 81  ? -0.216  -4.292  6.747   1.00 29.92 ? 79  THR A CG2 1 
ATOM   543  N N   . VAL A 1 82  ? 3.380   -2.831  4.109   1.00 23.88 ? 80  VAL A N   1 
ATOM   544  C CA  . VAL A 1 82  ? 4.539   -2.045  3.702   1.00 26.01 ? 80  VAL A CA  1 
ATOM   545  C C   . VAL A 1 82  ? 4.060   -0.874  2.854   1.00 24.30 ? 80  VAL A C   1 
ATOM   546  O O   . VAL A 1 82  ? 2.925   -0.846  2.375   1.00 24.82 ? 80  VAL A O   1 
ATOM   547  C CB  . VAL A 1 82  ? 5.571   -2.879  2.913   1.00 25.76 ? 80  VAL A CB  1 
ATOM   548  C CG1 . VAL A 1 82  ? 6.018   -4.086  3.719   1.00 25.83 ? 80  VAL A CG1 1 
ATOM   549  C CG2 . VAL A 1 82  ? 4.987   -3.314  1.569   1.00 25.16 ? 80  VAL A CG2 1 
ATOM   550  N N   . THR A 1 83  ? 4.938   0.107   2.680   1.00 23.69 ? 81  THR A N   1 
ATOM   551  C CA  . THR A 1 83  ? 4.582   1.248   1.847   1.00 24.03 ? 81  THR A CA  1 
ATOM   552  C C   . THR A 1 83  ? 5.802   1.741   1.078   1.00 25.84 ? 81  THR A C   1 
ATOM   553  O O   . THR A 1 83  ? 6.930   1.684   1.575   1.00 25.88 ? 81  THR A O   1 
ATOM   554  C CB  . THR A 1 83  ? 3.981   2.378   2.703   1.00 25.24 ? 81  THR A CB  1 
ATOM   555  O OG1 . THR A 1 83  ? 3.637   3.494   1.873   1.00 26.22 ? 81  THR A OG1 1 
ATOM   556  C CG2 . THR A 1 83  ? 4.963   2.841   3.775   1.00 24.99 ? 81  THR A CG2 1 
ATOM   557  N N   . VAL A 1 84  ? 5.571   2.194   -0.153  1.00 25.78 ? 82  VAL A N   1 
ATOM   558  C CA  . VAL A 1 84  ? 6.549   2.988   -0.883  1.00 24.68 ? 82  VAL A CA  1 
ATOM   559  C C   . VAL A 1 84  ? 5.899   4.326   -1.196  1.00 24.48 ? 82  VAL A C   1 
ATOM   560  O O   . VAL A 1 84  ? 4.682   4.407   -1.390  1.00 26.93 ? 82  VAL A O   1 
ATOM   561  C CB  . VAL A 1 84  ? 7.047   2.295   -2.170  1.00 21.38 ? 82  VAL A CB  1 
ATOM   562  C CG1 . VAL A 1 84  ? 7.861   1.058   -1.802  1.00 23.57 ? 82  VAL A CG1 1 
ATOM   563  C CG2 . VAL A 1 84  ? 5.889   1.897   -3.081  1.00 23.61 ? 82  VAL A CG2 1 
ATOM   564  N N   . PHE A 1 85  ? 6.707   5.380   -1.240  1.00 23.72 ? 83  PHE A N   1 
ATOM   565  C CA  . PHE A 1 85  ? 6.211   6.751   -1.401  1.00 23.70 ? 83  PHE A CA  1 
ATOM   566  C C   . PHE A 1 85  ? 6.520   7.243   -2.814  1.00 26.16 ? 83  PHE A C   1 
ATOM   567  O O   . PHE A 1 85  ? 7.640   7.676   -3.099  1.00 28.45 ? 83  PHE A O   1 
ATOM   568  C CB  . PHE A 1 85  ? 6.830   7.668   -0.342  1.00 23.79 ? 83  PHE A CB  1 
ATOM   569  C CG  . PHE A 1 85  ? 5.927   8.795   0.095   1.00 27.89 ? 83  PHE A CG  1 
ATOM   570  C CD1 . PHE A 1 85  ? 5.121   9.456   -0.822  1.00 28.23 ? 83  PHE A CD1 1 
ATOM   571  C CD2 . PHE A 1 85  ? 5.891   9.187   1.418   1.00 32.90 ? 83  PHE A CD2 1 
ATOM   572  C CE1 . PHE A 1 85  ? 4.283   10.498  -0.410  1.00 31.99 ? 83  PHE A CE1 1 
ATOM   573  C CE2 . PHE A 1 85  ? 5.057   10.230  1.836   1.00 32.01 ? 83  PHE A CE2 1 
ATOM   574  C CZ  . PHE A 1 85  ? 4.257   10.880  0.918   1.00 32.86 ? 83  PHE A CZ  1 
ATOM   575  N N   . ALA A 1 86  ? 5.516   7.202   -3.692  1.00 27.11 ? 84  ALA A N   1 
ATOM   576  C CA  . ALA A 1 86  ? 5.716   7.668   -5.059  1.00 26.47 ? 84  ALA A CA  1 
ATOM   577  C C   . ALA A 1 86  ? 6.096   9.147   -5.068  1.00 31.52 ? 84  ALA A C   1 
ATOM   578  O O   . ALA A 1 86  ? 5.629   9.942   -4.244  1.00 31.43 ? 84  ALA A O   1 
ATOM   579  C CB  . ALA A 1 86  ? 4.455   7.426   -5.901  1.00 25.70 ? 84  ALA A CB  1 
ATOM   580  N N   . GLY A 1 87  ? 6.962   9.515   -6.002  1.00 29.97 ? 85  GLY A N   1 
ATOM   581  C CA  . GLY A 1 87  ? 7.474   10.887  -6.040  1.00 33.11 ? 85  GLY A CA  1 
ATOM   582  C C   . GLY A 1 87  ? 8.601   11.188  -5.075  1.00 39.84 ? 85  GLY A C   1 
ATOM   583  O O   . GLY A 1 87  ? 9.636   11.724  -5.482  1.00 44.69 ? 85  GLY A O   1 
ATOM   584  N N   . GLN A 1 88  ? 8.428   10.836  -3.797  1.00 34.27 ? 86  GLN A N   1 
ATOM   585  C CA  . GLN A 1 88  ? 9.432   11.100  -2.769  1.00 30.98 ? 86  GLN A CA  1 
ATOM   586  C C   . GLN A 1 88  ? 10.581  10.103  -2.845  1.00 36.78 ? 86  GLN A C   1 
ATOM   587  O O   . GLN A 1 88  ? 11.754  10.489  -2.816  1.00 36.09 ? 86  GLN A O   1 
ATOM   588  C CB  . GLN A 1 88  ? 8.784   11.047  -1.387  1.00 33.48 ? 86  GLN A CB  1 
ATOM   589  C CG  . GLN A 1 88  ? 7.674   12.065  -1.218  1.00 39.36 ? 86  GLN A CG  1 
ATOM   590  C CD  . GLN A 1 88  ? 8.201   13.483  -1.237  1.00 41.25 ? 86  GLN A CD  1 
ATOM   591  O OE1 . GLN A 1 88  ? 9.138   13.814  -0.511  1.00 48.93 ? 86  GLN A OE1 1 
ATOM   592  N NE2 . GLN A 1 88  ? 7.606   14.326  -2.072  1.00 43.98 ? 86  GLN A NE2 1 
ATOM   593  N N   . ASP A 1 89  ? 10.253  8.816   -2.937  1.00 37.11 ? 87  ASP A N   1 
ATOM   594  C CA  . ASP A 1 89  ? 11.222  7.721   -3.001  1.00 31.17 ? 87  ASP A CA  1 
ATOM   595  C C   . ASP A 1 89  ? 11.049  7.046   -4.359  1.00 31.35 ? 87  ASP A C   1 
ATOM   596  O O   . ASP A 1 89  ? 10.389  6.008   -4.478  1.00 28.23 ? 87  ASP A O   1 
ATOM   597  C CB  . ASP A 1 89  ? 11.011  6.745   -1.843  1.00 30.10 ? 87  ASP A CB  1 
ATOM   598  C CG  . ASP A 1 89  ? 11.194  7.402   -0.477  1.00 30.35 ? 87  ASP A CG  1 
ATOM   599  O OD1 . ASP A 1 89  ? 12.014  8.335   -0.368  1.00 36.48 ? 87  ASP A OD1 1 
ATOM   600  O OD2 . ASP A 1 89  ? 10.530  6.970   0.487   1.00 31.13 ? 87  ASP A OD2 1 
ATOM   601  N N   . LYS A 1 90  ? 11.648  7.652   -5.390  1.00 32.78 ? 88  LYS A N   1 
ATOM   602  C CA  . LYS A 1 90  ? 11.381  7.229   -6.764  1.00 31.19 ? 88  LYS A CA  1 
ATOM   603  C C   . LYS A 1 90  ? 11.948  5.842   -7.053  1.00 29.04 ? 88  LYS A C   1 
ATOM   604  O O   . LYS A 1 90  ? 11.295  5.024   -7.714  1.00 29.51 ? 88  LYS A O   1 
ATOM   605  C CB  . LYS A 1 90  ? 11.948  8.257   -7.744  1.00 36.44 ? 88  LYS A CB  1 
ATOM   606  C CG  . LYS A 1 90  ? 11.248  9.624   -7.705  1.00 39.30 ? 88  LYS A CG  1 
ATOM   607  C CD  . LYS A 1 90  ? 11.765  10.543  -8.805  1.00 43.36 ? 88  LYS A CD  1 
ATOM   608  C CE  . LYS A 1 90  ? 11.007  11.867  -8.836  1.00 46.97 ? 88  LYS A CE  1 
ATOM   609  N NZ  . LYS A 1 90  ? 11.192  12.652  -7.585  1.00 53.48 ? 88  LYS A NZ  1 
ATOM   610  N N   . GLU A 1 91  ? 13.166  5.562   -6.591  1.00 33.76 ? 89  GLU A N   1 
ATOM   611  C CA  . GLU A 1 91  ? 13.783  4.276   -6.910  1.00 32.06 ? 89  GLU A CA  1 
ATOM   612  C C   . GLU A 1 91  ? 13.059  3.131   -6.210  1.00 29.16 ? 89  GLU A C   1 
ATOM   613  O O   . GLU A 1 91  ? 12.850  2.063   -6.806  1.00 30.41 ? 89  GLU A O   1 
ATOM   614  C CB  . GLU A 1 91  ? 15.266  4.303   -6.528  1.00 36.29 ? 89  GLU A CB  1 
ATOM   615  C CG  . GLU A 1 91  ? 16.044  5.518   -7.066  1.00 46.88 ? 89  GLU A CG  1 
ATOM   616  C CD  . GLU A 1 91  ? 15.890  6.805   -6.223  1.00 57.47 ? 89  GLU A CD  1 
ATOM   617  O OE1 . GLU A 1 91  ? 15.011  6.886   -5.326  1.00 46.86 ? 89  GLU A OE1 1 
ATOM   618  O OE2 . GLU A 1 91  ? 16.662  7.758   -6.472  1.00 66.36 ? 89  GLU A OE2 1 
ATOM   619  N N   . ALA A 1 92  ? 12.670  3.335   -4.948  1.00 26.23 ? 90  ALA A N   1 
ATOM   620  C CA  . ALA A 1 92  ? 11.876  2.337   -4.237  1.00 25.61 ? 90  ALA A CA  1 
ATOM   621  C C   . ALA A 1 92  ? 10.549  2.095   -4.942  1.00 25.52 ? 90  ALA A C   1 
ATOM   622  O O   . ALA A 1 92  ? 10.104  0.953   -5.079  1.00 25.31 ? 90  ALA A O   1 
ATOM   623  C CB  . ALA A 1 92  ? 11.625  2.791   -2.797  1.00 25.78 ? 90  ALA A CB  1 
ATOM   624  N N   . THR A 1 93  ? 9.872   3.176   -5.347  1.00 26.99 ? 91  THR A N   1 
ATOM   625  C CA  . THR A 1 93  ? 8.579   3.030   -6.009  1.00 25.62 ? 91  THR A CA  1 
ATOM   626  C C   . THR A 1 93  ? 8.719   2.307   -7.344  1.00 24.40 ? 91  THR A C   1 
ATOM   627  O O   . THR A 1 93  ? 7.897   1.446   -7.674  1.00 24.96 ? 91  THR A O   1 
ATOM   628  C CB  . THR A 1 93  ? 7.923   4.396   -6.186  1.00 26.04 ? 91  THR A CB  1 
ATOM   629  O OG1 . THR A 1 93  ? 7.747   4.987   -4.890  1.00 25.69 ? 91  THR A OG1 1 
ATOM   630  C CG2 . THR A 1 93  ? 6.565   4.241   -6.857  1.00 23.36 ? 91  THR A CG2 1 
ATOM   631  N N   . ALA A 1 94  ? 9.754   2.631   -8.117  1.00 28.05 ? 92  ALA A N   1 
ATOM   632  C CA  . ALA A 1 94  ? 9.950   1.940   -9.392  1.00 26.32 ? 92  ALA A CA  1 
ATOM   633  C C   . ALA A 1 94  ? 10.208  0.448   -9.186  1.00 26.14 ? 92  ALA A C   1 
ATOM   634  O O   . ALA A 1 94  ? 9.680   -0.391  -9.925  1.00 27.39 ? 92  ALA A O   1 
ATOM   635  C CB  . ALA A 1 94  ? 11.103  2.583   -10.171 1.00 27.71 ? 92  ALA A CB  1 
ATOM   636  N N   . THR A 1 95  ? 11.007  0.091   -8.178  1.00 26.30 ? 93  THR A N   1 
ATOM   637  C CA  . THR A 1 95  ? 11.288  -1.318  -7.942  1.00 24.20 ? 93  THR A CA  1 
ATOM   638  C C   . THR A 1 95  ? 10.045  -2.063  -7.467  1.00 24.96 ? 93  THR A C   1 
ATOM   639  O O   . THR A 1 95  ? 9.763   -3.167  -7.939  1.00 24.36 ? 93  THR A O   1 
ATOM   640  C CB  . THR A 1 95  ? 12.432  -1.445  -6.942  1.00 27.83 ? 93  THR A CB  1 
ATOM   641  O OG1 . THR A 1 95  ? 13.612  -0.880  -7.527  1.00 31.01 ? 93  THR A OG1 1 
ATOM   642  C CG2 . THR A 1 95  ? 12.684  -2.908  -6.585  1.00 26.41 ? 93  THR A CG2 1 
ATOM   643  N N   . MET A 1 96  ? 9.270   -1.471  -6.545  1.00 22.69 ? 94  MET A N   1 
ATOM   644  C CA  . MET A 1 96  ? 8.006   -2.100  -6.181  1.00 23.95 ? 94  MET A CA  1 
ATOM   645  C C   . MET A 1 96  ? 7.119   -2.308  -7.409  1.00 24.23 ? 94  MET A C   1 
ATOM   646  O O   . MET A 1 96  ? 6.465   -3.349  -7.544  1.00 23.43 ? 94  MET A O   1 
ATOM   647  C CB  . MET A 1 96  ? 7.287   -1.257  -5.122  1.00 22.98 ? 94  MET A CB  1 
ATOM   648  C CG  . MET A 1 96  ? 5.964   -1.850  -4.669  1.00 23.30 ? 94  MET A CG  1 
ATOM   649  S SD  . MET A 1 96  ? 6.158   -3.444  -3.859  1.00 25.58 ? 94  MET A SD  1 
ATOM   650  C CE  . MET A 1 96  ? 6.829   -3.009  -2.249  1.00 25.16 ? 94  MET A CE  1 
ATOM   651  N N   . ARG A 1 97  ? 7.101   -1.340  -8.325  1.00 23.16 ? 95  ARG A N   1 
ATOM   652  C CA  . ARG A 1 97  ? 6.246   -1.481  -9.502  1.00 25.28 ? 95  ARG A CA  1 
ATOM   653  C C   . ARG A 1 97  ? 6.714   -2.613  -10.415 1.00 24.87 ? 95  ARG A C   1 
ATOM   654  O O   . ARG A 1 97  ? 5.892   -3.188  -11.140 1.00 25.64 ? 95  ARG A O   1 
ATOM   655  C CB  . ARG A 1 97  ? 6.157   -0.145  -10.240 1.00 24.59 ? 95  ARG A CB  1 
ATOM   656  C CG  . ARG A 1 97  ? 5.161   0.794   -9.549  1.00 23.13 ? 95  ARG A CG  1 
ATOM   657  C CD  . ARG A 1 97  ? 5.213   2.211   -10.077 1.00 25.32 ? 95  ARG A CD  1 
ATOM   658  N NE  . ARG A 1 97  ? 4.077   2.981   -9.568  1.00 25.39 ? 95  ARG A NE  1 
ATOM   659  C CZ  . ARG A 1 97  ? 4.031   4.308   -9.539  1.00 28.30 ? 95  ARG A CZ  1 
ATOM   660  N NH1 . ARG A 1 97  ? 5.056   5.020   -10.001 1.00 26.27 ? 95  ARG A NH1 1 
ATOM   661  N NH2 . ARG A 1 97  ? 2.960   4.927   -9.045  1.00 25.75 ? 95  ARG A NH2 1 
ATOM   662  N N   . GLU A 1 98  ? 7.991   -3.008  -10.326 1.00 25.47 ? 96  GLU A N   1 
ATOM   663  C CA  . GLU A 1 98  ? 8.439   -4.197  -11.050 1.00 27.20 ? 96  GLU A CA  1 
ATOM   664  C C   . GLU A 1 98  ? 7.792   -5.458  -10.500 1.00 28.12 ? 96  GLU A C   1 
ATOM   665  O O   . GLU A 1 98  ? 7.547   -6.404  -11.256 1.00 28.39 ? 96  GLU A O   1 
ATOM   666  C CB  . GLU A 1 98  ? 9.963   -4.344  -10.984 1.00 27.72 ? 96  GLU A CB  1 
ATOM   667  C CG  . GLU A 1 98  ? 10.759  -3.318  -11.760 1.00 30.08 ? 96  GLU A CG  1 
ATOM   668  C CD  . GLU A 1 98  ? 12.249  -3.469  -11.536 1.00 36.58 ? 96  GLU A CD  1 
ATOM   669  O OE1 . GLU A 1 98  ? 12.805  -4.538  -11.885 1.00 33.64 ? 96  GLU A OE1 1 
ATOM   670  O OE2 . GLU A 1 98  ? 12.872  -2.534  -10.991 1.00 30.40 ? 96  GLU A OE2 1 
ATOM   671  N N   . PHE A 1 99  ? 7.540   -5.511  -9.181  1.00 26.88 ? 97  PHE A N   1 
ATOM   672  C CA  . PHE A 1 99  ? 6.822   -6.658  -8.633  1.00 25.31 ? 97  PHE A CA  1 
ATOM   673  C C   . PHE A 1 99  ? 5.338   -6.592  -8.964  1.00 26.91 ? 97  PHE A C   1 
ATOM   674  O O   . PHE A 1 99  ? 4.703   -7.632  -9.168  1.00 28.39 ? 97  PHE A O   1 
ATOM   675  C CB  . PHE A 1 99  ? 7.031   -6.748  -7.112  1.00 24.09 ? 97  PHE A CB  1 
ATOM   676  C CG  . PHE A 1 99  ? 8.440   -7.108  -6.718  1.00 26.91 ? 97  PHE A CG  1 
ATOM   677  C CD1 . PHE A 1 99  ? 9.406   -6.126  -6.563  1.00 28.51 ? 97  PHE A CD1 1 
ATOM   678  C CD2 . PHE A 1 99  ? 8.806   -8.434  -6.517  1.00 31.70 ? 97  PHE A CD2 1 
ATOM   679  C CE1 . PHE A 1 99  ? 10.717  -6.458  -6.221  1.00 24.83 ? 97  PHE A CE1 1 
ATOM   680  C CE2 . PHE A 1 99  ? 10.100  -8.768  -6.169  1.00 27.97 ? 97  PHE A CE2 1 
ATOM   681  C CZ  . PHE A 1 99  ? 11.058  -7.784  -6.025  1.00 28.39 ? 97  PHE A CZ  1 
ATOM   682  N N   . ILE A 1 100 ? 4.760   -5.388  -9.015  1.00 26.75 ? 98  ILE A N   1 
ATOM   683  C CA  . ILE A 1 100 ? 3.318   -5.269  -9.213  1.00 25.43 ? 98  ILE A CA  1 
ATOM   684  C C   . ILE A 1 100 ? 2.929   -5.603  -10.647 1.00 27.13 ? 98  ILE A C   1 
ATOM   685  O O   . ILE A 1 100 ? 1.933   -6.298  -10.882 1.00 29.40 ? 98  ILE A O   1 
ATOM   686  C CB  . ILE A 1 100 ? 2.847   -3.861  -8.826  1.00 23.64 ? 98  ILE A CB  1 
ATOM   687  C CG1 . ILE A 1 100 ? 3.057   -3.632  -7.324  1.00 24.54 ? 98  ILE A CG1 1 
ATOM   688  C CG2 . ILE A 1 100 ? 1.384   -3.646  -9.225  1.00 28.84 ? 98  ILE A CG2 1 
ATOM   689  C CD1 . ILE A 1 100 ? 2.819   -2.177  -6.907  1.00 25.67 ? 98  ILE A CD1 1 
ATOM   690  N N   . GLN A 1 101 ? 3.688   -5.091  -11.621 1.00 27.46 ? 99  GLN A N   1 
ATOM   691  C CA  . GLN A 1 101 ? 3.454   -5.329  -13.055 1.00 27.84 ? 99  GLN A CA  1 
ATOM   692  C C   . GLN A 1 101 ? 2.051   -4.893  -13.470 1.00 32.50 ? 99  GLN A C   1 
ATOM   693  O O   . GLN A 1 101 ? 1.302   -5.650  -14.094 1.00 33.42 ? 99  GLN A O   1 
ATOM   694  C CB  . GLN A 1 101 ? 3.698   -6.795  -13.435 1.00 32.61 ? 99  GLN A CB  1 
ATOM   695  C CG  . GLN A 1 101 ? 5.119   -7.297  -13.192 1.00 33.66 ? 99  GLN A CG  1 
ATOM   696  C CD  . GLN A 1 101 ? 5.264   -8.796  -13.425 1.00 35.79 ? 99  GLN A CD  1 
ATOM   697  O OE1 . GLN A 1 101 ? 4.767   -9.330  -14.415 1.00 50.76 ? 99  GLN A OE1 1 
ATOM   698  N NE2 . GLN A 1 101 ? 5.939   -9.478  -12.505 1.00 50.23 ? 99  GLN A NE2 1 
ATOM   699  N N   . GLN A 1 102 ? 1.690   -3.660  -13.103 1.00 27.16 ? 100 GLN A N   1 
ATOM   700  C CA  . GLN A 1 102 ? 0.431   -3.047  -13.506 1.00 25.70 ? 100 GLN A CA  1 
ATOM   701  C C   . GLN A 1 102 ? 0.700   -1.655  -14.068 1.00 25.37 ? 100 GLN A C   1 
ATOM   702  O O   . GLN A 1 102 ? 1.821   -1.142  -14.019 1.00 26.92 ? 100 GLN A O   1 
ATOM   703  C CB  . GLN A 1 102 ? -0.561  -2.982  -12.328 1.00 25.74 ? 100 GLN A CB  1 
ATOM   704  C CG  . GLN A 1 102 ? -1.024  -4.353  -11.837 1.00 29.92 ? 100 GLN A CG  1 
ATOM   705  C CD  . GLN A 1 102 ? -1.942  -5.054  -12.825 1.00 41.42 ? 100 GLN A CD  1 
ATOM   706  O OE1 . GLN A 1 102 ? -2.866  -4.446  -13.368 1.00 41.83 ? 100 GLN A OE1 1 
ATOM   707  N NE2 . GLN A 1 102 ? -1.693  -6.342  -13.060 1.00 38.66 ? 100 GLN A NE2 1 
ATOM   708  N N   . VAL A 1 103 ? -0.338  -1.030  -14.620 1.00 26.16 ? 101 VAL A N   1 
ATOM   709  C CA  . VAL A 1 103 ? -0.195  0.384   -14.980 1.00 27.49 ? 101 VAL A CA  1 
ATOM   710  C C   . VAL A 1 103 ? 0.183   1.188   -13.736 1.00 27.31 ? 101 VAL A C   1 
ATOM   711  O O   . VAL A 1 103 ? -0.455  1.028   -12.676 1.00 31.08 ? 101 VAL A O   1 
ATOM   712  C CB  . VAL A 1 103 ? -1.503  0.907   -15.594 1.00 27.94 ? 101 VAL A CB  1 
ATOM   713  C CG1 . VAL A 1 103 ? -1.437  2.407   -15.787 1.00 27.26 ? 101 VAL A CG1 1 
ATOM   714  C CG2 . VAL A 1 103 ? -1.770  0.196   -16.915 1.00 29.47 ? 101 VAL A CG2 1 
ATOM   715  N N   . PRO A 1 104 ? 1.189   2.062   -13.795 1.00 26.67 ? 102 PRO A N   1 
ATOM   716  C CA  . PRO A 1 104 ? 1.567   2.833   -12.604 1.00 25.63 ? 102 PRO A CA  1 
ATOM   717  C C   . PRO A 1 104 ? 0.566   3.936   -12.292 1.00 24.71 ? 102 PRO A C   1 
ATOM   718  O O   . PRO A 1 104 ? 0.126   4.663   -13.185 1.00 27.01 ? 102 PRO A O   1 
ATOM   719  C CB  . PRO A 1 104 ? 2.923   3.433   -12.985 1.00 26.64 ? 102 PRO A CB  1 
ATOM   720  C CG  . PRO A 1 104 ? 2.860   3.541   -14.490 1.00 31.54 ? 102 PRO A CG  1 
ATOM   721  C CD  . PRO A 1 104 ? 2.087   2.329   -14.936 1.00 33.45 ? 102 PRO A CD  1 
ATOM   722  N N   . SER A 1 105 ? 0.228   4.069   -11.006 1.00 24.75 ? 103 SER A N   1 
ATOM   723  C CA  . SER A 1 105 ? -0.560  5.204   -10.533 1.00 23.21 ? 103 SER A CA  1 
ATOM   724  C C   . SER A 1 105 ? -0.286  5.406   -9.046  1.00 25.28 ? 103 SER A C   1 
ATOM   725  O O   . SER A 1 105 ? 0.267   4.534   -8.366  1.00 24.82 ? 103 SER A O   1 
ATOM   726  C CB  . SER A 1 105 ? -2.063  5.021   -10.793 1.00 27.66 ? 103 SER A CB  1 
ATOM   727  O OG  . SER A 1 105 ? -2.613  3.915   -10.092 1.00 26.18 ? 103 SER A OG  1 
ATOM   728  N N   . SER A 1 106 ? -0.682  6.581   -8.548  1.00 24.39 ? 104 SER A N   1 
ATOM   729  C CA  . SER A 1 106 ? -0.480  6.885   -7.130  1.00 24.29 ? 104 SER A CA  1 
ATOM   730  C C   . SER A 1 106 ? -1.526  7.901   -6.707  1.00 27.08 ? 104 SER A C   1 
ATOM   731  O O   . SER A 1 106 ? -1.804  8.847   -7.463  1.00 26.36 ? 104 SER A O   1 
ATOM   732  C CB  . SER A 1 106 ? 0.926   7.419   -6.827  1.00 27.53 ? 104 SER A CB  1 
ATOM   733  O OG  . SER A 1 106 ? 1.178   8.645   -7.501  1.00 28.64 ? 104 SER A OG  1 
ATOM   734  N N   . PRO A 1 107 ? -2.158  7.714   -5.540  1.00 23.33 ? 105 PRO A N   1 
ATOM   735  C CA  . PRO A 1 107 ? -1.997  6.525   -4.707  1.00 25.00 ? 105 PRO A CA  1 
ATOM   736  C C   . PRO A 1 107 ? -2.555  5.277   -5.380  1.00 28.25 ? 105 PRO A C   1 
ATOM   737  O O   . PRO A 1 107 ? -3.371  5.373   -6.302  1.00 25.62 ? 105 PRO A O   1 
ATOM   738  C CB  . PRO A 1 107 ? -2.814  6.864   -3.468  1.00 23.19 ? 105 PRO A CB  1 
ATOM   739  C CG  . PRO A 1 107 ? -3.906  7.729   -4.009  1.00 23.01 ? 105 PRO A CG  1 
ATOM   740  C CD  . PRO A 1 107 ? -3.222  8.594   -5.025  1.00 26.63 ? 105 PRO A CD  1 
ATOM   741  N N   . SER A 1 108 ? -2.090  4.117   -4.947  1.00 23.04 ? 106 SER A N   1 
ATOM   742  C CA  . SER A 1 108 ? -2.642  2.852   -5.407  1.00 22.84 ? 106 SER A CA  1 
ATOM   743  C C   . SER A 1 108 ? -2.373  1.810   -4.328  1.00 22.82 ? 106 SER A C   1 
ATOM   744  O O   . SER A 1 108 ? -1.587  2.034   -3.396  1.00 23.50 ? 106 SER A O   1 
ATOM   745  C CB  . SER A 1 108 ? -2.056  2.420   -6.777  1.00 24.85 ? 106 SER A CB  1 
ATOM   746  O OG  . SER A 1 108 ? -0.635  2.393   -6.770  1.00 22.94 ? 106 SER A OG  1 
ATOM   747  N N   . TYR A 1 109 ? -3.052  0.670   -4.436  1.00 24.05 ? 107 TYR A N   1 
ATOM   748  C CA  . TYR A 1 109 ? -2.915  -0.420  -3.470  1.00 25.59 ? 107 TYR A CA  1 
ATOM   749  C C   . TYR A 1 109 ? -2.537  -1.696  -4.205  1.00 26.71 ? 107 TYR A C   1 
ATOM   750  O O   . TYR A 1 109 ? -3.056  -1.964  -5.288  1.00 27.65 ? 107 TYR A O   1 
ATOM   751  C CB  . TYR A 1 109 ? -4.216  -0.717  -2.704  1.00 26.95 ? 107 TYR A CB  1 
ATOM   752  C CG  . TYR A 1 109 ? -4.832  0.367   -1.834  1.00 25.44 ? 107 TYR A CG  1 
ATOM   753  C CD1 . TYR A 1 109 ? -4.073  1.128   -0.950  1.00 23.54 ? 107 TYR A CD1 1 
ATOM   754  C CD2 . TYR A 1 109 ? -6.200  0.589   -1.884  1.00 28.20 ? 107 TYR A CD2 1 
ATOM   755  C CE1 . TYR A 1 109 ? -4.681  2.100   -0.144  1.00 23.94 ? 107 TYR A CE1 1 
ATOM   756  C CE2 . TYR A 1 109 ? -6.809  1.547   -1.098  1.00 26.56 ? 107 TYR A CE2 1 
ATOM   757  C CZ  . TYR A 1 109 ? -6.045  2.299   -0.236  1.00 30.38 ? 107 TYR A CZ  1 
ATOM   758  O OH  . TYR A 1 109 ? -6.664  3.243   0.549   1.00 28.24 ? 107 TYR A OH  1 
ATOM   759  N N   . ALA A 1 110 ? -1.681  -2.513  -3.592  1.00 25.68 ? 108 ALA A N   1 
ATOM   760  C CA  . ALA A 1 110 ? -1.403  -3.834  -4.136  1.00 25.74 ? 108 ALA A CA  1 
ATOM   761  C C   . ALA A 1 110 ? -1.425  -4.855  -3.012  1.00 28.14 ? 108 ALA A C   1 
ATOM   762  O O   . ALA A 1 110 ? -0.977  -4.566  -1.900  1.00 28.72 ? 108 ALA A O   1 
ATOM   763  C CB  . ALA A 1 110 ? -0.047  -3.891  -4.857  1.00 27.82 ? 108 ALA A CB  1 
ATOM   764  N N   . LEU A 1 111 ? -1.941  -6.047  -3.307  1.00 27.80 ? 109 LEU A N   1 
ATOM   765  C CA  . LEU A 1 111 ? -1.942  -7.156  -2.361  1.00 28.42 ? 109 LEU A CA  1 
ATOM   766  C C   . LEU A 1 111 ? -1.291  -8.361  -3.020  1.00 27.65 ? 109 LEU A C   1 
ATOM   767  O O   . LEU A 1 111 ? -1.647  -8.721  -4.143  1.00 29.99 ? 109 LEU A O   1 
ATOM   768  C CB  . LEU A 1 111 ? -3.364  -7.513  -1.907  1.00 32.83 ? 109 LEU A CB  1 
ATOM   769  C CG  . LEU A 1 111 ? -3.474  -8.598  -0.830  1.00 33.26 ? 109 LEU A CG  1 
ATOM   770  C CD1 . LEU A 1 111 ? -2.753  -8.183  0.464   1.00 32.27 ? 109 LEU A CD1 1 
ATOM   771  C CD2 . LEU A 1 111 ? -4.948  -8.943  -0.579  1.00 34.13 ? 109 LEU A CD2 1 
ATOM   772  N N   . PHE A 1 112 ? -0.340  -8.973  -2.318  1.00 28.55 ? 110 PHE A N   1 
ATOM   773  C CA  . PHE A 1 112 ? 0.413   -10.122 -2.797  1.00 32.14 ? 110 PHE A CA  1 
ATOM   774  C C   . PHE A 1 112 ? 0.094   -11.347 -1.954  1.00 34.94 ? 110 PHE A C   1 
ATOM   775  O O   . PHE A 1 112 ? -0.203  -11.237 -0.761  1.00 34.82 ? 110 PHE A O   1 
ATOM   776  C CB  . PHE A 1 112 ? 1.928   -9.869  -2.733  1.00 30.37 ? 110 PHE A CB  1 
ATOM   777  C CG  . PHE A 1 112 ? 2.431   -8.896  -3.764  1.00 27.63 ? 110 PHE A CG  1 
ATOM   778  C CD1 . PHE A 1 112 ? 2.397   -7.528  -3.528  1.00 27.92 ? 110 PHE A CD1 1 
ATOM   779  C CD2 . PHE A 1 112 ? 2.956   -9.350  -4.961  1.00 30.16 ? 110 PHE A CD2 1 
ATOM   780  C CE1 . PHE A 1 112 ? 2.863   -6.626  -4.489  1.00 26.16 ? 110 PHE A CE1 1 
ATOM   781  C CE2 . PHE A 1 112 ? 3.413   -8.456  -5.925  1.00 31.21 ? 110 PHE A CE2 1 
ATOM   782  C CZ  . PHE A 1 112 ? 3.373   -7.090  -5.677  1.00 30.83 ? 110 PHE A CZ  1 
ATOM   783  N N   . LYS A 1 113 ? 0.168   -12.514 -2.590  1.00 34.13 ? 111 LYS A N   1 
ATOM   784  C CA  . LYS A 1 113 ? 0.316   -13.791 -1.904  1.00 37.00 ? 111 LYS A CA  1 
ATOM   785  C C   . LYS A 1 113 ? 1.656   -14.358 -2.347  1.00 33.46 ? 111 LYS A C   1 
ATOM   786  O O   . LYS A 1 113 ? 1.846   -14.629 -3.535  1.00 35.97 ? 111 LYS A O   1 
ATOM   787  C CB  . LYS A 1 113 ? -0.832  -14.747 -2.235  1.00 36.45 ? 111 LYS A CB  1 
ATOM   788  C CG  . LYS A 1 113 ? -0.638  -16.148 -1.678  1.00 45.81 ? 111 LYS A CG  1 
ATOM   789  C CD  . LYS A 1 113 ? -1.725  -16.506 -0.681  1.00 54.01 ? 111 LYS A CD  1 
ATOM   790  C CE  . LYS A 1 113 ? -1.347  -17.757 0.100   1.00 56.64 ? 111 LYS A CE  1 
ATOM   791  N NZ  . LYS A 1 113 ? -2.525  -18.374 0.769   1.00 70.37 ? 111 LYS A NZ  1 
ATOM   792  N N   . GLY A 1 114 ? 2.585   -14.509 -1.405  1.00 34.13 ? 112 GLY A N   1 
ATOM   793  C CA  . GLY A 1 114 ? 3.967   -14.715 -1.807  1.00 32.60 ? 112 GLY A CA  1 
ATOM   794  C C   . GLY A 1 114 ? 4.408   -13.540 -2.665  1.00 35.67 ? 112 GLY A C   1 
ATOM   795  O O   . GLY A 1 114 ? 4.212   -12.376 -2.302  1.00 33.68 ? 112 GLY A O   1 
ATOM   796  N N   . ARG A 1 115 ? 4.983   -13.827 -3.833  1.00 33.46 ? 113 ARG A N   1 
ATOM   797  C CA  . ARG A 1 115 ? 5.395   -12.779 -4.761  1.00 34.49 ? 113 ARG A CA  1 
ATOM   798  C C   . ARG A 1 115 ? 4.396   -12.572 -5.889  1.00 32.51 ? 113 ARG A C   1 
ATOM   799  O O   . ARG A 1 115 ? 4.697   -11.861 -6.856  1.00 35.41 ? 113 ARG A O   1 
ATOM   800  C CB  . ARG A 1 115 ? 6.779   -13.092 -5.331  1.00 39.40 ? 113 ARG A CB  1 
ATOM   801  C CG  . ARG A 1 115 ? 7.906   -12.694 -4.391  1.00 45.21 ? 113 ARG A CG  1 
ATOM   802  C CD  . ARG A 1 115 ? 9.160   -13.501 -4.660  1.00 49.91 ? 113 ARG A CD  1 
ATOM   803  N NE  . ARG A 1 115 ? 10.129  -12.788 -5.486  1.00 46.65 ? 113 ARG A NE  1 
ATOM   804  C CZ  . ARG A 1 115 ? 10.276  -12.984 -6.792  1.00 43.41 ? 113 ARG A CZ  1 
ATOM   805  N NH1 . ARG A 1 115 ? 11.193  -12.303 -7.472  1.00 41.44 ? 113 ARG A NH1 1 
ATOM   806  N NH2 . ARG A 1 115 ? 9.502   -13.859 -7.420  1.00 49.76 ? 113 ARG A NH2 1 
ATOM   807  N N   . ASP A 1 116 ? 3.218   -13.176 -5.798  1.00 33.19 ? 114 ASP A N   1 
ATOM   808  C CA  . ASP A 1 116 ? 2.221   -13.085 -6.855  1.00 35.45 ? 114 ASP A CA  1 
ATOM   809  C C   . ASP A 1 116 ? 1.176   -12.038 -6.498  1.00 33.98 ? 114 ASP A C   1 
ATOM   810  O O   . ASP A 1 116 ? 0.619   -12.050 -5.394  1.00 33.49 ? 114 ASP A O   1 
ATOM   811  C CB  . ASP A 1 116 ? 1.553   -14.438 -7.087  1.00 40.98 ? 114 ASP A CB  1 
ATOM   812  C CG  . ASP A 1 116 ? 2.550   -15.509 -7.476  1.00 49.79 ? 114 ASP A CG  1 
ATOM   813  O OD1 . ASP A 1 116 ? 3.359   -15.255 -8.395  1.00 49.98 ? 114 ASP A OD1 1 
ATOM   814  O OD2 . ASP A 1 116 ? 2.526   -16.595 -6.860  1.00 49.36 ? 114 ASP A OD2 1 
ATOM   815  N N   . LEU A 1 117 ? 0.920   -11.130 -7.429  1.00 32.42 ? 115 LEU A N   1 
ATOM   816  C CA  . LEU A 1 117 ? -0.104  -10.120 -7.211  1.00 31.63 ? 115 LEU A CA  1 
ATOM   817  C C   . LEU A 1 117 ? -1.484  -10.762 -7.283  1.00 33.66 ? 115 LEU A C   1 
ATOM   818  O O   . LEU A 1 117 ? -1.798  -11.466 -8.247  1.00 40.53 ? 115 LEU A O   1 
ATOM   819  C CB  . LEU A 1 117 ? 0.019   -9.013  -8.255  1.00 27.20 ? 115 LEU A CB  1 
ATOM   820  C CG  . LEU A 1 117 ? -0.979  -7.861  -8.111  1.00 30.85 ? 115 LEU A CG  1 
ATOM   821  C CD1 . LEU A 1 117 ? -0.543  -6.965  -6.973  1.00 29.99 ? 115 LEU A CD1 1 
ATOM   822  C CD2 . LEU A 1 117 ? -1.134  -7.064  -9.402  1.00 31.20 ? 115 LEU A CD2 1 
ATOM   823  N N   . VAL A 1 118 ? -2.305  -10.528 -6.261  1.00 32.10 ? 116 VAL A N   1 
ATOM   824  C CA  . VAL A 1 118 ? -3.665  -11.050 -6.242  1.00 35.54 ? 116 VAL A CA  1 
ATOM   825  C C   . VAL A 1 118 ? -4.729  -9.954  -6.261  1.00 38.84 ? 116 VAL A C   1 
ATOM   826  O O   . VAL A 1 118 ? -5.891  -10.254 -6.581  1.00 39.80 ? 116 VAL A O   1 
ATOM   827  C CB  . VAL A 1 118 ? -3.891  -11.992 -5.038  1.00 34.32 ? 116 VAL A CB  1 
ATOM   828  C CG1 . VAL A 1 118 ? -3.029  -13.239 -5.176  1.00 38.79 ? 116 VAL A CG1 1 
ATOM   829  C CG2 . VAL A 1 118 ? -3.583  -11.281 -3.730  1.00 37.19 ? 116 VAL A CG2 1 
ATOM   830  N N   . TYR A 1 119 ? -4.382  -8.705  -5.948  1.00 32.51 ? 117 TYR A N   1 
ATOM   831  C CA  . TYR A 1 119 ? -5.350  -7.617  -5.932  1.00 37.57 ? 117 TYR A CA  1 
ATOM   832  C C   . TYR A 1 119 ? -4.632  -6.305  -6.214  1.00 31.71 ? 117 TYR A C   1 
ATOM   833  O O   . TYR A 1 119 ? -3.526  -6.081  -5.717  1.00 32.45 ? 117 TYR A O   1 
ATOM   834  C CB  . TYR A 1 119 ? -6.075  -7.539  -4.580  1.00 33.22 ? 117 TYR A CB  1 
ATOM   835  C CG  . TYR A 1 119 ? -7.029  -6.378  -4.464  1.00 36.08 ? 117 TYR A CG  1 
ATOM   836  C CD1 . TYR A 1 119 ? -8.255  -6.405  -5.113  1.00 39.97 ? 117 TYR A CD1 1 
ATOM   837  C CD2 . TYR A 1 119 ? -6.705  -5.258  -3.713  1.00 37.85 ? 117 TYR A CD2 1 
ATOM   838  C CE1 . TYR A 1 119 ? -9.133  -5.355  -5.013  1.00 45.02 ? 117 TYR A CE1 1 
ATOM   839  C CE2 . TYR A 1 119 ? -7.586  -4.192  -3.606  1.00 38.46 ? 117 TYR A CE2 1 
ATOM   840  C CZ  . TYR A 1 119 ? -8.796  -4.255  -4.261  1.00 39.17 ? 117 TYR A CZ  1 
ATOM   841  O OH  . TYR A 1 119 ? -9.686  -3.220  -4.177  1.00 44.35 ? 117 TYR A OH  1 
ATOM   842  N N   . PHE A 1 120 ? -5.264  -5.440  -7.003  1.00 29.64 ? 118 PHE A N   1 
ATOM   843  C CA  . PHE A 1 120 ? -4.699  -4.130  -7.302  1.00 28.79 ? 118 PHE A CA  1 
ATOM   844  C C   . PHE A 1 120 ? -5.810  -3.095  -7.365  1.00 30.53 ? 118 PHE A C   1 
ATOM   845  O O   . PHE A 1 120 ? -6.844  -3.332  -7.997  1.00 33.30 ? 118 PHE A O   1 
ATOM   846  C CB  . PHE A 1 120 ? -3.914  -4.158  -8.623  1.00 28.34 ? 118 PHE A CB  1 
ATOM   847  C CG  . PHE A 1 120 ? -3.285  -2.840  -8.982  1.00 28.98 ? 118 PHE A CG  1 
ATOM   848  C CD1 . PHE A 1 120 ? -2.181  -2.365  -8.286  1.00 29.30 ? 118 PHE A CD1 1 
ATOM   849  C CD2 . PHE A 1 120 ? -3.796  -2.074  -10.019 1.00 30.11 ? 118 PHE A CD2 1 
ATOM   850  C CE1 . PHE A 1 120 ? -1.610  -1.140  -8.618  1.00 26.66 ? 118 PHE A CE1 1 
ATOM   851  C CE2 . PHE A 1 120 ? -3.227  -0.854  -10.354 1.00 28.30 ? 118 PHE A CE2 1 
ATOM   852  C CZ  . PHE A 1 120 ? -2.132  -0.390  -9.657  1.00 25.99 ? 118 PHE A CZ  1 
ATOM   853  N N   . MET A 1 121 ? -5.605  -1.953  -6.713  1.00 28.32 ? 119 MET A N   1 
ATOM   854  C CA  . MET A 1 121 ? -6.543  -0.830  -6.832  1.00 28.42 ? 119 MET A CA  1 
ATOM   855  C C   . MET A 1 121 ? -5.830  0.395   -7.382  1.00 25.98 ? 119 MET A C   1 
ATOM   856  O O   . MET A 1 121 ? -4.950  0.959   -6.702  1.00 26.31 ? 119 MET A O   1 
ATOM   857  C CB  . MET A 1 121 ? -7.204  -0.486  -5.496  1.00 28.31 ? 119 MET A CB  1 
ATOM   858  C CG  . MET A 1 121 ? -8.355  0.520   -5.687  1.00 28.72 ? 119 MET A CG  1 
ATOM   859  S SD  . MET A 1 121 ? -9.040  1.200   -4.171  1.00 32.22 ? 119 MET A SD  1 
ATOM   860  C CE  . MET A 1 121 ? -9.728  -0.263  -3.445  1.00 29.74 ? 119 MET A CE  1 
ATOM   861  N N   . PRO A 1 122 ? -6.176  0.850   -8.582  1.00 25.22 ? 120 PRO A N   1 
ATOM   862  C CA  . PRO A 1 122 ? -5.522  2.025   -9.157  1.00 22.36 ? 120 PRO A CA  1 
ATOM   863  C C   . PRO A 1 122 ? -6.063  3.322   -8.583  1.00 22.94 ? 120 PRO A C   1 
ATOM   864  O O   . PRO A 1 122 ? -7.142  3.378   -7.987  1.00 24.76 ? 120 PRO A O   1 
ATOM   865  C CB  . PRO A 1 122 ? -5.891  1.922   -10.638 1.00 27.11 ? 120 PRO A CB  1 
ATOM   866  C CG  . PRO A 1 122 ? -7.267  1.318   -10.586 1.00 30.80 ? 120 PRO A CG  1 
ATOM   867  C CD  . PRO A 1 122 ? -7.198  0.290   -9.483  1.00 25.82 ? 120 PRO A CD  1 
ATOM   868  N N   . ARG A 1 123 ? -5.300  4.390   -8.825  1.00 23.02 ? 121 ARG A N   1 
ATOM   869  C CA  . ARG A 1 123 ? -5.707  5.731   -8.422  1.00 23.99 ? 121 ARG A CA  1 
ATOM   870  C C   . ARG A 1 123 ? -7.144  6.057   -8.835  1.00 23.74 ? 121 ARG A C   1 
ATOM   871  O O   . ARG A 1 123 ? -7.895  6.681   -8.071  1.00 25.05 ? 121 ARG A O   1 
ATOM   872  C CB  . ARG A 1 123 ? -4.748  6.757   -9.031  1.00 28.31 ? 121 ARG A CB  1 
ATOM   873  C CG  . ARG A 1 123 ? -5.127  8.202   -8.739  1.00 30.38 ? 121 ARG A CG  1 
ATOM   874  C CD  . ARG A 1 123 ? -4.218  9.199   -9.451  1.00 36.40 ? 121 ARG A CD  1 
ATOM   875  N NE  . ARG A 1 123 ? -4.179  10.457  -8.708  1.00 53.01 ? 121 ARG A NE  1 
ATOM   876  C CZ  . ARG A 1 123 ? -5.032  11.460  -8.894  1.00 53.72 ? 121 ARG A CZ  1 
ATOM   877  N NH1 . ARG A 1 123 ? -5.986  11.358  -9.815  1.00 54.83 ? 121 ARG A NH1 1 
ATOM   878  N NH2 . ARG A 1 123 ? -4.931  12.567  -8.161  1.00 51.07 ? 121 ARG A NH2 1 
ATOM   879  N N   . GLU A 1 124 ? -7.540  5.656   -10.038 1.00 25.71 ? 122 GLU A N   1 
ATOM   880  C CA  . GLU A 1 124 ? -8.832  6.083   -10.562 1.00 24.74 ? 122 GLU A CA  1 
ATOM   881  C C   . GLU A 1 124 ? -10.002 5.447   -9.829  1.00 24.97 ? 122 GLU A C   1 
ATOM   882  O O   . GLU A 1 124 ? -11.138 5.923   -9.975  1.00 25.05 ? 122 GLU A O   1 
ATOM   883  C CB  . GLU A 1 124 ? -8.908  5.768   -12.065 1.00 28.83 ? 122 GLU A CB  1 
ATOM   884  C CG  . GLU A 1 124 ? -7.957  6.603   -12.927 1.00 31.21 ? 122 GLU A CG  1 
ATOM   885  C CD  . GLU A 1 124 ? -6.476  6.238   -12.739 1.00 28.96 ? 122 GLU A CD  1 
ATOM   886  O OE1 . GLU A 1 124 ? -6.149  5.038   -12.544 1.00 28.54 ? 122 GLU A OE1 1 
ATOM   887  O OE2 . GLU A 1 124 ? -5.644  7.173   -12.768 1.00 34.51 ? 122 GLU A OE2 1 
ATOM   888  N N   . PHE A 1 125 ? -9.757  4.390   -9.056  1.00 27.68 ? 123 PHE A N   1 
ATOM   889  C CA  . PHE A 1 125 ? -10.791 3.795   -8.228  1.00 27.23 ? 123 PHE A CA  1 
ATOM   890  C C   . PHE A 1 125 ? -10.828 4.419   -6.845  1.00 28.31 ? 123 PHE A C   1 
ATOM   891  O O   . PHE A 1 125 ? -11.722 4.092   -6.060  1.00 30.27 ? 123 PHE A O   1 
ATOM   892  C CB  . PHE A 1 125 ? -10.572 2.284   -8.095  1.00 28.29 ? 123 PHE A CB  1 
ATOM   893  C CG  . PHE A 1 125 ? -10.870 1.497   -9.357  1.00 29.43 ? 123 PHE A CG  1 
ATOM   894  C CD1 . PHE A 1 125 ? -11.274 2.135   -10.531 1.00 29.11 ? 123 PHE A CD1 1 
ATOM   895  C CD2 . PHE A 1 125 ? -10.761 0.118   -9.351  1.00 29.63 ? 123 PHE A CD2 1 
ATOM   896  C CE1 . PHE A 1 125 ? -11.544 1.403   -11.677 1.00 27.84 ? 123 PHE A CE1 1 
ATOM   897  C CE2 . PHE A 1 125 ? -11.025 -0.619  -10.498 1.00 31.65 ? 123 PHE A CE2 1 
ATOM   898  C CZ  . PHE A 1 125 ? -11.430 0.030   -11.659 1.00 30.26 ? 123 PHE A CZ  1 
ATOM   899  N N   . ILE A 1 126 ? -9.875  5.295   -6.544  1.00 27.28 ? 124 ILE A N   1 
ATOM   900  C CA  . ILE A 1 126 ? -9.805  6.007   -5.267  1.00 27.25 ? 124 ILE A CA  1 
ATOM   901  C C   . ILE A 1 126 ? -10.318 7.432   -5.400  1.00 27.56 ? 124 ILE A C   1 
ATOM   902  O O   . ILE A 1 126 ? -11.133 7.890   -4.591  1.00 26.76 ? 124 ILE A O   1 
ATOM   903  C CB  . ILE A 1 126 ? -8.353  5.984   -4.738  1.00 25.82 ? 124 ILE A CB  1 
ATOM   904  C CG1 . ILE A 1 126 ? -7.884  4.549   -4.494  1.00 28.32 ? 124 ILE A CG1 1 
ATOM   905  C CG2 . ILE A 1 126 ? -8.209  6.841   -3.464  1.00 27.93 ? 124 ILE A CG2 1 
ATOM   906  C CD1 . ILE A 1 126 ? -6.413  4.449   -4.122  1.00 25.89 ? 124 ILE A CD1 1 
ATOM   907  N N   . GLU A 1 127 ? -9.844  8.138   -6.427  1.00 28.17 ? 125 GLU A N   1 
ATOM   908  C CA  . GLU A 1 127 ? -10.224 9.523   -6.692  1.00 29.01 ? 125 GLU A CA  1 
ATOM   909  C C   . GLU A 1 127 ? -11.740 9.693   -6.747  1.00 29.12 ? 125 GLU A C   1 
ATOM   910  O O   . GLU A 1 127 ? -12.430 9.003   -7.504  1.00 28.41 ? 125 GLU A O   1 
ATOM   911  C CB  . GLU A 1 127 ? -9.578  9.978   -8.003  1.00 31.28 ? 125 GLU A CB  1 
ATOM   912  C CG  . GLU A 1 127 ? -9.914  11.416  -8.413  1.00 32.53 ? 125 GLU A CG  1 
ATOM   913  C CD  . GLU A 1 127 ? -9.253  12.459  -7.523  1.00 44.00 ? 125 GLU A CD  1 
ATOM   914  O OE1 . GLU A 1 127 ? -8.167  12.197  -6.962  1.00 45.25 ? 125 GLU A OE1 1 
ATOM   915  O OE2 . GLU A 1 127 ? -9.815  13.562  -7.393  1.00 50.69 ? 125 GLU A OE2 1 
ATOM   916  N N   . GLY A 1 128 ? -12.256 10.593  -5.908  1.00 30.37 ? 126 GLY A N   1 
ATOM   917  C CA  . GLY A 1 128 ? -13.669 10.919  -5.902  1.00 31.92 ? 126 GLY A CA  1 
ATOM   918  C C   . GLY A 1 128 ? -14.566 9.887   -5.258  1.00 33.13 ? 126 GLY A C   1 
ATOM   919  O O   . GLY A 1 128 ? -15.795 10.032  -5.319  1.00 35.88 ? 126 GLY A O   1 
ATOM   920  N N   . ARG A 1 129 ? -13.998 8.861   -4.633  1.00 30.48 ? 127 ARG A N   1 
ATOM   921  C CA  . ARG A 1 129 ? -14.740 7.780   -4.002  1.00 26.57 ? 127 ARG A CA  1 
ATOM   922  C C   . ARG A 1 129 ? -14.911 8.060   -2.511  1.00 32.74 ? 127 ARG A C   1 
ATOM   923  O O   . ARG A 1 129 ? -14.006 8.597   -1.867  1.00 32.18 ? 127 ARG A O   1 
ATOM   924  C CB  . ARG A 1 129 ? -14.024 6.449   -4.197  1.00 28.61 ? 127 ARG A CB  1 
ATOM   925  C CG  . ARG A 1 129 ? -14.887 5.259   -3.868  1.00 33.42 ? 127 ARG A CG  1 
ATOM   926  C CD  . ARG A 1 129 ? -14.657 4.140   -4.832  1.00 41.48 ? 127 ARG A CD  1 
ATOM   927  N NE  . ARG A 1 129 ? -15.497 2.990   -4.533  1.00 39.05 ? 127 ARG A NE  1 
ATOM   928  C CZ  . ARG A 1 129 ? -15.019 1.758   -4.421  1.00 52.98 ? 127 ARG A CZ  1 
ATOM   929  N NH1 . ARG A 1 129 ? -13.731 1.530   -4.655  1.00 47.90 ? 127 ARG A NH1 1 
ATOM   930  N NH2 . ARG A 1 129 ? -15.812 0.758   -4.056  1.00 59.30 ? 127 ARG A NH2 1 
ATOM   931  N N   . ASP A 1 130 ? -16.083 7.731   -1.964  1.00 30.48 ? 128 ASP A N   1 
ATOM   932  C CA  . ASP A 1 130 ? -16.290 7.842   -0.521  1.00 30.34 ? 128 ASP A CA  1 
ATOM   933  C C   . ASP A 1 130 ? -15.280 6.967   0.212   1.00 33.60 ? 128 ASP A C   1 
ATOM   934  O O   . ASP A 1 130 ? -15.012 5.831   -0.190  1.00 33.59 ? 128 ASP A O   1 
ATOM   935  C CB  . ASP A 1 130 ? -17.712 7.414   -0.158  1.00 35.19 ? 128 ASP A CB  1 
ATOM   936  C CG  . ASP A 1 130 ? -18.752 8.492   -0.451  1.00 40.96 ? 128 ASP A CG  1 
ATOM   937  O OD1 . ASP A 1 130 ? -18.392 9.592   -0.933  1.00 38.16 ? 128 ASP A OD1 1 
ATOM   938  O OD2 . ASP A 1 130 ? -19.945 8.227   -0.192  1.00 54.79 ? 128 ASP A OD2 1 
ATOM   939  N N   . ILE A 1 131 ? -14.697 7.494   1.289   1.00 31.78 ? 129 ILE A N   1 
ATOM   940  C CA  . ILE A 1 131 ? -13.632 6.738   2.016   1.00 33.30 ? 129 ILE A CA  1 
ATOM   941  C C   . ILE A 1 131 ? -14.201 5.416   2.546   1.00 34.21 ? 129 ILE A C   1 
ATOM   942  O O   . ILE A 1 131 ? -13.451 4.428   2.587   1.00 34.48 ? 129 ILE A O   1 
ATOM   943  C CB  . ILE A 1 131 ? -12.994 7.619   3.111   1.00 37.39 ? 129 ILE A CB  1 
ATOM   944  C CG1 . ILE A 1 131 ? -11.652 7.072   3.595   1.00 33.19 ? 129 ILE A CG1 1 
ATOM   945  C CG2 . ILE A 1 131 ? -13.950 7.893   4.265   1.00 39.47 ? 129 ILE A CG2 1 
ATOM   946  C CD1 . ILE A 1 131 ? -10.739 8.143   4.116   1.00 39.60 ? 129 ILE A CD1 1 
ATOM   947  N N   . ASN A 1 132 ? -15.489 5.392   2.892   1.00 35.43 ? 130 ASN A N   1 
ATOM   948  C CA  . ASN A 1 132 ? -16.096 4.167   3.466   1.00 37.12 ? 130 ASN A CA  1 
ATOM   949  C C   . ASN A 1 132 ? -16.168 3.095   2.379   1.00 39.14 ? 130 ASN A C   1 
ATOM   950  O O   . ASN A 1 132 ? -15.971 1.912   2.705   1.00 39.23 ? 130 ASN A O   1 
ATOM   951  C CB  . ASN A 1 132 ? -17.483 4.444   4.048   1.00 41.99 ? 130 ASN A CB  1 
ATOM   952  C CG  . ASN A 1 132 ? -17.421 4.931   5.479   1.00 60.14 ? 130 ASN A CG  1 
ATOM   953  O OD1 . ASN A 1 132 ? -17.645 6.109   5.746   1.00 67.76 ? 130 ASN A OD1 1 
ATOM   954  N ND2 . ASN A 1 132 ? -17.128 4.032   6.405   1.00 60.67 ? 130 ASN A ND2 1 
ATOM   955  N N   . ASP A 1 133 ? -16.428 3.502   1.135   1.00 36.08 ? 131 ASP A N   1 
ATOM   956  C CA  . ASP A 1 133 ? -16.498 2.536   0.046   1.00 37.93 ? 131 ASP A CA  1 
ATOM   957  C C   . ASP A 1 133 ? -15.118 1.990   -0.297  1.00 37.36 ? 131 ASP A C   1 
ATOM   958  O O   . ASP A 1 133 ? -14.976 0.796   -0.584  1.00 37.87 ? 131 ASP A O   1 
ATOM   959  C CB  . ASP A 1 133 ? -17.159 3.177   -1.176  1.00 38.09 ? 131 ASP A CB  1 
ATOM   960  C CG  . ASP A 1 133 ? -18.616 3.529   -0.925  1.00 46.30 ? 131 ASP A CG  1 
ATOM   961  O OD1 . ASP A 1 133 ? -19.246 2.851   -0.087  1.00 44.62 ? 131 ASP A OD1 1 
ATOM   962  O OD2 . ASP A 1 133 ? -19.135 4.469   -1.559  1.00 45.57 ? 131 ASP A OD2 1 
ATOM   963  N N   . ILE A 1 134 ? -14.088 2.844   -0.257  1.00 34.26 ? 132 ILE A N   1 
ATOM   964  C CA  . ILE A 1 134 ? -12.719 2.360   -0.456  1.00 32.53 ? 132 ILE A CA  1 
ATOM   965  C C   . ILE A 1 134 ? -12.372 1.326   0.603   1.00 32.71 ? 132 ILE A C   1 
ATOM   966  O O   . ILE A 1 134 ? -11.828 0.254   0.305   1.00 35.95 ? 132 ILE A O   1 
ATOM   967  C CB  . ILE A 1 134 ? -11.715 3.526   -0.424  1.00 32.50 ? 132 ILE A CB  1 
ATOM   968  C CG1 . ILE A 1 134 ? -12.037 4.558   -1.498  1.00 28.01 ? 132 ILE A CG1 1 
ATOM   969  C CG2 . ILE A 1 134 ? -10.281 2.993   -0.581  1.00 26.71 ? 132 ILE A CG2 1 
ATOM   970  C CD1 . ILE A 1 134 ? -11.255 5.847   -1.346  1.00 30.01 ? 132 ILE A CD1 1 
ATOM   971  N N   . ALA A 1 135 ? -12.673 1.643   1.865   1.00 32.12 ? 133 ALA A N   1 
ATOM   972  C CA  . ALA A 1 135 ? -12.405 0.700   2.945   1.00 33.22 ? 133 ALA A CA  1 
ATOM   973  C C   . ALA A 1 135 ? -13.111 -0.629  2.704   1.00 37.13 ? 133 ALA A C   1 
ATOM   974  O O   . ALA A 1 135 ? -12.553 -1.698  2.983   1.00 41.01 ? 133 ALA A O   1 
ATOM   975  C CB  . ALA A 1 135 ? -12.835 1.310   4.279   1.00 32.27 ? 133 ALA A CB  1 
ATOM   976  N N   . MET A 1 136 ? -14.334 -0.580  2.168   1.00 36.76 ? 134 MET A N   1 
ATOM   977  C CA  . MET A 1 136 ? -15.093 -1.804  1.930   1.00 43.61 ? 134 MET A CA  1 
ATOM   978  C C   . MET A 1 136 ? -14.420 -2.692  0.887   1.00 42.09 ? 134 MET A C   1 
ATOM   979  O O   . MET A 1 136 ? -14.369 -3.917  1.056   1.00 44.08 ? 134 MET A O   1 
ATOM   980  C CB  . MET A 1 136 ? -16.521 -1.460  1.509   1.00 50.97 ? 134 MET A CB  1 
ATOM   981  C CG  . MET A 1 136 ? -17.527 -2.565  1.787   1.00 63.23 ? 134 MET A CG  1 
ATOM   982  S SD  . MET A 1 136 ? -17.540 -3.091  3.516   1.00 80.69 ? 134 MET A SD  1 
ATOM   983  C CE  . MET A 1 136 ? -17.731 -4.865  3.319   1.00 63.82 ? 134 MET A CE  1 
ATOM   984  N N   . ASP A 1 137 ? -13.903 -2.109  -0.203  1.00 43.26 ? 135 ASP A N   1 
ATOM   985  C CA  . ASP A 1 137 ? -13.186 -2.925  -1.184  1.00 40.00 ? 135 ASP A CA  1 
ATOM   986  C C   . ASP A 1 137 ? -11.963 -3.588  -0.569  1.00 39.75 ? 135 ASP A C   1 
ATOM   987  O O   . ASP A 1 137 ? -11.662 -4.751  -0.866  1.00 41.50 ? 135 ASP A O   1 
ATOM   988  C CB  . ASP A 1 137 ? -12.761 -2.094  -2.388  1.00 43.59 ? 135 ASP A CB  1 
ATOM   989  C CG  . ASP A 1 137 ? -13.858 -1.208  -2.894  1.00 52.36 ? 135 ASP A CG  1 
ATOM   990  O OD1 . ASP A 1 137 ? -14.971 -1.721  -3.129  1.00 55.63 ? 135 ASP A OD1 1 
ATOM   991  O OD2 . ASP A 1 137 ? -13.596 -0.003  -3.060  1.00 52.68 ? 135 ASP A OD2 1 
ATOM   992  N N   . LEU A 1 138 ? -11.232 -2.856  0.275   1.00 40.91 ? 136 LEU A N   1 
ATOM   993  C CA  . LEU A 1 138 ? -10.071 -3.434  0.943   1.00 35.95 ? 136 LEU A CA  1 
ATOM   994  C C   . LEU A 1 138 ? -10.484 -4.574  1.863   1.00 44.26 ? 136 LEU A C   1 
ATOM   995  O O   . LEU A 1 138 ? -9.825  -5.618  1.904   1.00 42.78 ? 136 LEU A O   1 
ATOM   996  C CB  . LEU A 1 138 ? -9.330  -2.358  1.737   1.00 38.60 ? 136 LEU A CB  1 
ATOM   997  C CG  . LEU A 1 138 ? -8.436  -1.382  0.974   1.00 34.85 ? 136 LEU A CG  1 
ATOM   998  C CD1 . LEU A 1 138 ? -7.735  -0.440  1.958   1.00 31.86 ? 136 LEU A CD1 1 
ATOM   999  C CD2 . LEU A 1 138 ? -7.422  -2.150  0.139   1.00 37.16 ? 136 LEU A CD2 1 
ATOM   1000 N N   . LYS A 1 139 ? -11.567 -4.382  2.623   1.00 43.08 ? 137 LYS A N   1 
ATOM   1001 C CA  . LYS A 1 139 ? -12.090 -5.466  3.451   1.00 44.15 ? 137 LYS A CA  1 
ATOM   1002 C C   . LYS A 1 139 ? -12.412 -6.695  2.609   1.00 44.70 ? 137 LYS A C   1 
ATOM   1003 O O   . LYS A 1 139 ? -12.068 -7.823  2.987   1.00 48.70 ? 137 LYS A O   1 
ATOM   1004 C CB  . LYS A 1 139 ? -13.334 -4.995  4.206   1.00 46.16 ? 137 LYS A CB  1 
ATOM   1005 C CG  . LYS A 1 139 ? -14.169 -6.130  4.770   1.00 53.34 ? 137 LYS A CG  1 
ATOM   1006 C CD  . LYS A 1 139 ? -14.746 -5.791  6.130   1.00 53.29 ? 137 LYS A CD  1 
ATOM   1007 C CE  . LYS A 1 139 ? -15.522 -6.975  6.686   1.00 60.69 ? 137 LYS A CE  1 
ATOM   1008 N NZ  . LYS A 1 139 ? -14.730 -7.715  7.714   1.00 62.57 ? 137 LYS A NZ  1 
ATOM   1009 N N   . ASP A 1 140 ? -13.062 -6.496  1.460   1.00 40.77 ? 138 ASP A N   1 
ATOM   1010 C CA  . ASP A 1 140 ? -13.379 -7.624  0.594   1.00 44.81 ? 138 ASP A CA  1 
ATOM   1011 C C   . ASP A 1 140 ? -12.110 -8.315  0.112   1.00 46.95 ? 138 ASP A C   1 
ATOM   1012 O O   . ASP A 1 140 ? -12.025 -9.548  0.118   1.00 51.75 ? 138 ASP A O   1 
ATOM   1013 C CB  . ASP A 1 140 ? -14.232 -7.155  -0.587  1.00 46.42 ? 138 ASP A CB  1 
ATOM   1014 C CG  . ASP A 1 140 ? -15.650 -6.790  -0.174  1.00 52.43 ? 138 ASP A CG  1 
ATOM   1015 O OD1 . ASP A 1 140 ? -16.066 -7.185  0.934   1.00 56.90 ? 138 ASP A OD1 1 
ATOM   1016 O OD2 . ASP A 1 140 ? -16.353 -6.115  -0.954  1.00 56.89 ? 138 ASP A OD2 1 
ATOM   1017 N N   . ALA A 1 141 ? -11.101 -7.535  -0.284  1.00 45.08 ? 139 ALA A N   1 
ATOM   1018 C CA  . ALA A 1 141 ? -9.878  -8.131  -0.813  1.00 45.32 ? 139 ALA A CA  1 
ATOM   1019 C C   . ALA A 1 141 ? -9.122  -8.896  0.266   1.00 46.68 ? 139 ALA A C   1 
ATOM   1020 O O   . ALA A 1 141 ? -8.566  -9.966  -0.003  1.00 43.74 ? 139 ALA A O   1 
ATOM   1021 C CB  . ALA A 1 141 ? -8.989  -7.054  -1.432  1.00 42.04 ? 139 ALA A CB  1 
ATOM   1022 N N   . PHE A 1 142 ? -9.089  -8.368  1.492   1.00 37.87 ? 140 PHE A N   1 
ATOM   1023 C CA  . PHE A 1 142 ? -8.415  -9.089  2.568   1.00 42.57 ? 140 PHE A CA  1 
ATOM   1024 C C   . PHE A 1 142 ? -9.192  -10.341 2.950   1.00 49.09 ? 140 PHE A C   1 
ATOM   1025 O O   . PHE A 1 142 ? -8.598  -11.397 3.201   1.00 53.60 ? 140 PHE A O   1 
ATOM   1026 C CB  . PHE A 1 142 ? -8.230  -8.190  3.792   1.00 38.74 ? 140 PHE A CB  1 
ATOM   1027 C CG  . PHE A 1 142 ? -7.367  -6.980  3.550   1.00 40.32 ? 140 PHE A CG  1 
ATOM   1028 C CD1 . PHE A 1 142 ? -6.566  -6.885  2.420   1.00 39.47 ? 140 PHE A CD1 1 
ATOM   1029 C CD2 . PHE A 1 142 ? -7.355  -5.934  4.463   1.00 34.36 ? 140 PHE A CD2 1 
ATOM   1030 C CE1 . PHE A 1 142 ? -5.776  -5.772  2.206   1.00 39.17 ? 140 PHE A CE1 1 
ATOM   1031 C CE2 . PHE A 1 142 ? -6.565  -4.815  4.258   1.00 38.61 ? 140 PHE A CE2 1 
ATOM   1032 C CZ  . PHE A 1 142 ? -5.775  -4.732  3.124   1.00 35.37 ? 140 PHE A CZ  1 
ATOM   1033 N N   . ASP A 1 143 ? -10.525 -10.240 2.998   1.00 49.36 ? 141 ASP A N   1 
ATOM   1034 C CA  . ASP A 1 143 ? -11.348 -11.387 3.367   1.00 54.04 ? 141 ASP A CA  1 
ATOM   1035 C C   . ASP A 1 143 ? -11.156 -12.537 2.391   1.00 56.67 ? 141 ASP A C   1 
ATOM   1036 O O   . ASP A 1 143 ? -11.091 -13.703 2.795   1.00 61.71 ? 141 ASP A O   1 
ATOM   1037 C CB  . ASP A 1 143 ? -12.821 -10.981 3.428   1.00 52.83 ? 141 ASP A CB  1 
ATOM   1038 C CG  . ASP A 1 143 ? -13.183 -10.279 4.724   1.00 55.93 ? 141 ASP A CG  1 
ATOM   1039 O OD1 . ASP A 1 143 ? -12.354 -10.264 5.660   1.00 56.99 ? 141 ASP A OD1 1 
ATOM   1040 O OD2 . ASP A 1 143 ? -14.310 -9.746  4.808   1.00 56.60 ? 141 ASP A OD2 1 
ATOM   1041 N N   . GLU A 1 144 ? -11.048 -12.223 1.100   1.00 48.76 ? 142 GLU A N   1 
ATOM   1042 C CA  . GLU A 1 144 ? -10.905 -13.266 0.093   1.00 52.98 ? 142 GLU A CA  1 
ATOM   1043 C C   . GLU A 1 144 ? -9.509  -13.879 0.104   1.00 57.65 ? 142 GLU A C   1 
ATOM   1044 O O   . GLU A 1 144 ? -9.356  -15.069 -0.197  1.00 57.48 ? 142 GLU A O   1 
ATOM   1045 C CB  . GLU A 1 144 ? -11.237 -12.695 -1.289  1.00 51.57 ? 142 GLU A CB  1 
ATOM   1046 C CG  . GLU A 1 144 ? -10.667 -13.469 -2.470  1.00 65.63 ? 142 GLU A CG  1 
ATOM   1047 C CD  . GLU A 1 144 ? -11.345 -14.810 -2.692  1.00 71.81 ? 142 GLU A CD  1 
ATOM   1048 O OE1 . GLU A 1 144 ? -10.913 -15.548 -3.602  1.00 74.96 ? 142 GLU A OE1 1 
ATOM   1049 O OE2 . GLU A 1 144 ? -12.316 -15.124 -1.966  1.00 77.68 ? 142 GLU A OE2 1 
ATOM   1050 N N   . ASN A 1 145 ? -8.484  -13.107 0.472   1.00 51.73 ? 143 ASN A N   1 
ATOM   1051 C CA  . ASN A 1 145 ? -7.112  -13.548 0.265   1.00 48.78 ? 143 ASN A CA  1 
ATOM   1052 C C   . ASN A 1 145 ? -6.283  -13.730 1.528   1.00 49.12 ? 143 ASN A C   1 
ATOM   1053 O O   . ASN A 1 145 ? -5.254  -14.406 1.461   1.00 45.08 ? 143 ASN A O   1 
ATOM   1054 C CB  . ASN A 1 145 ? -6.376  -12.573 -0.663  1.00 46.89 ? 143 ASN A CB  1 
ATOM   1055 C CG  . ASN A 1 145 ? -6.984  -12.529 -2.051  1.00 49.70 ? 143 ASN A CG  1 
ATOM   1056 O OD1 . ASN A 1 145 ? -6.716  -13.389 -2.886  1.00 51.29 ? 143 ASN A OD1 1 
ATOM   1057 N ND2 . ASN A 1 145 ? -7.810  -11.522 -2.301  1.00 46.27 ? 143 ASN A ND2 1 
ATOM   1058 N N   . CYS A 1 146 ? -6.681  -13.163 2.661   1.00 49.20 ? 144 CYS A N   1 
ATOM   1059 C CA  . CYS A 1 146 ? -5.875  -13.255 3.868   1.00 48.46 ? 144 CYS A CA  1 
ATOM   1060 C C   . CYS A 1 146 ? -6.478  -14.254 4.851   1.00 61.32 ? 144 CYS A C   1 
ATOM   1061 O O   . CYS A 1 146 ? -7.699  -14.396 4.956   1.00 62.70 ? 144 CYS A O   1 
ATOM   1062 C CB  . CYS A 1 146 ? -5.731  -11.882 4.533   1.00 50.68 ? 144 CYS A CB  1 
ATOM   1063 S SG  . CYS A 1 146 ? -5.123  -10.581 3.424   1.00 41.75 ? 144 CYS A SG  1 
ATOM   1064 N N   . LYS A 1 147 ? -5.602  -14.951 5.571   1.00 59.27 ? 145 LYS A N   1 
ATOM   1065 C CA  . LYS A 1 147 ? -6.033  -15.925 6.568   1.00 53.90 ? 145 LYS A CA  1 
ATOM   1066 C C   . LYS A 1 147 ? -6.783  -15.228 7.700   1.00 63.79 ? 145 LYS A C   1 
ATOM   1067 O O   . LYS A 1 147 ? -7.932  -15.559 7.998   1.00 66.26 ? 145 LYS A O   1 
ATOM   1068 C CB  . LYS A 1 147 ? -4.835  -16.701 7.126   1.00 49.67 ? 145 LYS A CB  1 
ATOM   1069 O OXT . LYS A 1 147 ? -6.257  -14.311 8.333   1.00 56.12 ? 145 LYS A OXT 1 
HETATM 1070 C C7  . G5M B 2 .   ? 1.114   13.800  -10.151 1.00 48.19 ? 201 G5M A C7  1 
HETATM 1071 C C9  . G5M B 2 .   ? 3.905   9.974   -9.686  1.00 31.06 ? 201 G5M A C9  1 
HETATM 1072 C C4  . G5M B 2 .   ? -0.326  9.422   -11.461 1.00 33.81 ? 201 G5M A C4  1 
HETATM 1073 C C6  . G5M B 2 .   ? 1.087   7.863   -12.858 1.00 35.44 ? 201 G5M A C6  1 
HETATM 1074 C C1  . G5M B 2 .   ? 2.142   10.864  -11.038 1.00 31.97 ? 201 G5M A C1  1 
HETATM 1075 C C3  . G5M B 2 .   ? -0.264  10.556  -10.444 1.00 32.84 ? 201 G5M A C3  1 
HETATM 1076 C C2  . G5M B 2 .   ? 0.801   11.566  -10.846 1.00 32.37 ? 201 G5M A C2  1 
HETATM 1077 C C5  . G5M B 2 .   ? 1.068   8.833   -11.701 1.00 29.20 ? 201 G5M A C5  1 
HETATM 1078 C C10 . G5M B 2 .   ? 4.038   8.460   -9.619  1.00 35.75 ? 201 G5M A C10 1 
HETATM 1079 C C11 . G5M B 2 .   ? 4.510   10.563  -8.424  1.00 33.96 ? 201 G5M A C11 1 
HETATM 1080 C C12 . G5M B 2 .   ? 4.278   12.062  -8.379  1.00 42.92 ? 201 G5M A C12 1 
HETATM 1081 C C24 . G5M B 2 .   ? 0.079   15.779  -8.933  1.00 58.31 ? 201 G5M A C24 1 
HETATM 1082 C C8  . G5M B 2 .   ? 1.335   14.946  -9.169  1.00 55.03 ? 201 G5M A C8  1 
HETATM 1083 N N2  . G5M B 2 .   ? 0.980   12.572  -9.807  1.00 37.39 ? 201 G5M A N2  1 
HETATM 1084 N N25 . G5M B 2 .   ? 2.504   15.754  -9.522  1.00 62.60 ? 201 G5M A N25 1 
HETATM 1085 O O1  . G5M B 2 .   ? 2.528   10.360  -9.785  1.00 32.00 ? 201 G5M A O1  1 
HETATM 1086 O O13 . G5M B 2 .   ? 5.165   7.972   -9.856  1.00 34.26 ? 201 G5M A O13 1 
HETATM 1087 O O14 . G5M B 2 .   ? 3.018   7.811   -9.309  1.00 30.10 ? 201 G5M A O14 1 
HETATM 1088 O O15 . G5M B 2 .   ? 3.635   12.531  -7.418  1.00 44.25 ? 201 G5M A O15 1 
HETATM 1089 O O16 . G5M B 2 .   ? 4.736   12.756  -9.306  1.00 43.57 ? 201 G5M A O16 1 
HETATM 1090 O O3  . G5M B 2 .   ? -1.533  11.207  -10.318 1.00 36.50 ? 201 G5M A O3  1 
HETATM 1091 O O4  . G5M B 2 .   ? -1.193  8.385   -11.000 1.00 32.22 ? 201 G5M A O4  1 
HETATM 1092 O O5  . G5M B 2 .   ? 2.026   9.864   -12.030 1.00 34.43 ? 201 G5M A O5  1 
HETATM 1093 O O6  . G5M B 2 .   ? 0.676   8.533   -14.053 1.00 41.57 ? 201 G5M A O6  1 
HETATM 1094 O O7  . G5M B 2 .   ? 1.059   14.167  -11.404 1.00 52.86 ? 201 G5M A O7  1 
HETATM 1095 S S26 . G5M B 2 .   ? -0.976  14.899  -7.749  1.00 60.82 ? 201 G5M A S26 1 
HETATM 1096 P P   . PO4 C 3 .   ? -4.943  12.237  5.508   0.45 23.45 ? 202 PO4 A P   1 
HETATM 1097 O O1  . PO4 C 3 .   ? -6.344  11.681  5.379   0.45 21.48 ? 202 PO4 A O1  1 
HETATM 1098 O O2  . PO4 C 3 .   ? -3.969  11.092  5.425   0.45 23.09 ? 202 PO4 A O2  1 
HETATM 1099 O O3  . PO4 C 3 .   ? -4.820  13.048  6.779   0.45 25.69 ? 202 PO4 A O3  1 
HETATM 1100 O O4  . PO4 C 3 .   ? -4.619  13.103  4.319   0.45 22.98 ? 202 PO4 A O4  1 
HETATM 1101 O O   . HOH D 4 .   ? -6.726  9.798   -11.289 1.00 42.24 ? 301 HOH A O   1 
HETATM 1102 O O   . HOH D 4 .   ? 7.086   -6.923  7.919   1.00 44.23 ? 302 HOH A O   1 
HETATM 1103 O O   . HOH D 4 .   ? 9.182   4.915   0.208   1.00 28.64 ? 303 HOH A O   1 
HETATM 1104 O O   . HOH D 4 .   ? 7.766   7.072   8.991   1.00 38.49 ? 304 HOH A O   1 
HETATM 1105 O O   . HOH D 4 .   ? 0.263   5.499   -15.550 1.00 41.19 ? 305 HOH A O   1 
HETATM 1106 O O   . HOH D 4 .   ? -6.041  -12.006 9.873   1.00 51.57 ? 306 HOH A O   1 
HETATM 1107 O O   . HOH D 4 .   ? -11.289 -2.250  -5.883  1.00 56.90 ? 307 HOH A O   1 
HETATM 1108 O O   . HOH D 4 .   ? 0.995   -16.941 -4.864  1.00 51.84 ? 308 HOH A O   1 
HETATM 1109 O O   . HOH D 4 .   ? 0.751   -7.782  -15.370 1.00 53.05 ? 309 HOH A O   1 
HETATM 1110 O O   . HOH D 4 .   ? -2.153  16.642  -0.894  1.00 38.23 ? 310 HOH A O   1 
HETATM 1111 O O   . HOH D 4 .   ? 5.558   -3.621  9.413   1.00 39.06 ? 311 HOH A O   1 
HETATM 1112 O O   . HOH D 4 .   ? -18.039 3.082   -4.897  1.00 47.21 ? 312 HOH A O   1 
HETATM 1113 O O   . HOH D 4 .   ? 13.862  5.542   -3.460  1.00 33.65 ? 313 HOH A O   1 
HETATM 1114 O O   . HOH D 4 .   ? 6.349   16.344  9.976   1.00 47.76 ? 314 HOH A O   1 
HETATM 1115 O O   . HOH D 4 .   ? -3.026  -2.297  -14.796 1.00 33.98 ? 315 HOH A O   1 
HETATM 1116 O O   . HOH D 4 .   ? 13.564  -0.044  -11.145 1.00 49.11 ? 316 HOH A O   1 
HETATM 1117 O O   . HOH D 4 .   ? 6.177   0.621   11.254  1.00 41.69 ? 317 HOH A O   1 
HETATM 1118 O O   . HOH D 4 .   ? 4.956   -8.645  9.041   1.00 45.64 ? 318 HOH A O   1 
HETATM 1119 O O   . HOH D 4 .   ? -3.556  -13.304 7.494   1.00 47.90 ? 319 HOH A O   1 
HETATM 1120 O O   . HOH D 4 .   ? 18.431  0.438   1.884   1.00 44.16 ? 320 HOH A O   1 
HETATM 1121 O O   . HOH D 4 .   ? 1.002   11.256  -7.010  1.00 35.84 ? 321 HOH A O   1 
HETATM 1122 O O   . HOH D 4 .   ? -18.522 6.482   -3.206  1.00 38.91 ? 322 HOH A O   1 
HETATM 1123 O O   . HOH D 4 .   ? -1.268  -15.923 4.874   1.00 51.20 ? 323 HOH A O   1 
HETATM 1124 O O   . HOH D 4 .   ? 17.092  -3.745  -5.874  1.00 33.34 ? 324 HOH A O   1 
HETATM 1125 O O   . HOH D 4 .   ? -3.041  7.817   -12.920 1.00 31.43 ? 325 HOH A O   1 
HETATM 1126 O O   . HOH D 4 .   ? 3.390   -11.701 0.165   1.00 35.28 ? 326 HOH A O   1 
HETATM 1127 O O   . HOH D 4 .   ? -2.899  2.105   -12.059 1.00 28.68 ? 327 HOH A O   1 
HETATM 1128 O O   . HOH D 4 .   ? -4.047  3.908   -13.786 1.00 26.48 ? 328 HOH A O   1 
HETATM 1129 O O   . HOH D 4 .   ? 13.190  8.620   2.105   1.00 47.63 ? 329 HOH A O   1 
HETATM 1130 O O   . HOH D 4 .   ? -16.704 11.703  -0.938  1.00 47.02 ? 330 HOH A O   1 
HETATM 1131 O O   . HOH D 4 .   ? 1.277   11.076  -14.750 1.00 53.96 ? 331 HOH A O   1 
HETATM 1132 O O   . HOH D 4 .   ? -2.032  5.601   -14.531 1.00 40.03 ? 332 HOH A O   1 
HETATM 1133 O O   . HOH D 4 .   ? 6.965   6.161   12.663  1.00 42.11 ? 333 HOH A O   1 
HETATM 1134 O O   . HOH D 4 .   ? 2.334   3.995   17.138  1.00 45.15 ? 334 HOH A O   1 
HETATM 1135 O O   . HOH D 4 .   ? -17.011 7.922   7.680   1.00 62.33 ? 335 HOH A O   1 
HETATM 1136 O O   . HOH D 4 .   ? 12.746  -0.481  5.658   1.00 43.40 ? 336 HOH A O   1 
HETATM 1137 O O   . HOH D 4 .   ? -14.398 11.213  -1.109  1.00 36.48 ? 337 HOH A O   1 
HETATM 1138 O O   . HOH D 4 .   ? 3.607   -1.801  -11.816 1.00 26.05 ? 338 HOH A O   1 
HETATM 1139 O O   . HOH D 4 .   ? -9.580  -2.961  -8.082  1.00 45.82 ? 339 HOH A O   1 
HETATM 1140 O O   . HOH D 4 .   ? -2.629  -14.072 4.994   1.00 45.28 ? 340 HOH A O   1 
HETATM 1141 O O   . HOH D 4 .   ? 5.899   -10.094 -8.615  1.00 45.60 ? 341 HOH A O   1 
HETATM 1142 O O   . HOH D 4 .   ? -0.039  -2.321  9.781   1.00 35.57 ? 342 HOH A O   1 
HETATM 1143 O O   . HOH D 4 .   ? 2.636   -20.455 7.763   1.00 54.39 ? 343 HOH A O   1 
HETATM 1144 O O   . HOH D 4 .   ? -13.458 -7.859  11.381  1.00 63.98 ? 344 HOH A O   1 
HETATM 1145 O O   . HOH D 4 .   ? 8.270   -6.642  -13.929 1.00 35.48 ? 345 HOH A O   1 
HETATM 1146 O O   . HOH D 4 .   ? -1.730  8.338   -0.261  1.00 33.00 ? 346 HOH A O   1 
HETATM 1147 O O   . HOH D 4 .   ? 9.289   0.060   -12.641 1.00 28.46 ? 347 HOH A O   1 
HETATM 1148 O O   . HOH D 4 .   ? 3.739   11.988  -4.330  1.00 37.34 ? 348 HOH A O   1 
HETATM 1149 O O   . HOH D 4 .   ? 14.017  -4.420  3.342   1.00 30.14 ? 349 HOH A O   1 
HETATM 1150 O O   . HOH D 4 .   ? -8.905  -10.562 -4.691  1.00 57.88 ? 350 HOH A O   1 
HETATM 1151 O O   . HOH D 4 .   ? 10.697  6.163   7.797   1.00 49.34 ? 351 HOH A O   1 
HETATM 1152 O O   . HOH D 4 .   ? -16.892 12.417  -6.318  1.00 45.60 ? 352 HOH A O   1 
HETATM 1153 O O   . HOH D 4 .   ? -12.461 -5.808  -3.346  1.00 44.98 ? 353 HOH A O   1 
HETATM 1154 O O   . HOH D 4 .   ? -10.809 12.527  -4.464  1.00 41.75 ? 354 HOH A O   1 
HETATM 1155 O O   . HOH D 4 .   ? 14.073  1.681   3.446   1.00 34.85 ? 355 HOH A O   1 
HETATM 1156 O O   . HOH D 4 .   ? 5.664   13.954  -4.102  1.00 50.01 ? 356 HOH A O   1 
HETATM 1157 O O   . HOH D 4 .   ? 2.313   -11.401 -9.886  1.00 37.60 ? 357 HOH A O   1 
HETATM 1158 O O   . HOH D 4 .   ? 7.718   5.581   2.498   1.00 27.55 ? 358 HOH A O   1 
HETATM 1159 O O   . HOH D 4 .   ? -21.640 3.450   -2.431  1.00 56.88 ? 359 HOH A O   1 
HETATM 1160 O O   . HOH D 4 .   ? 13.549  9.728   -4.997  1.00 45.99 ? 360 HOH A O   1 
HETATM 1161 O O   . HOH D 4 .   ? 2.899   -4.357  11.811  1.00 45.05 ? 361 HOH A O   1 
HETATM 1162 O O   . HOH D 4 .   ? 9.335   6.078   -9.499  1.00 32.20 ? 362 HOH A O   1 
HETATM 1163 O O   . HOH D 4 .   ? -2.413  11.673  -6.803  1.00 47.58 ? 363 HOH A O   1 
HETATM 1164 O O   . HOH D 4 .   ? -7.367  -6.692  -8.515  1.00 41.06 ? 364 HOH A O   1 
HETATM 1165 O O   . HOH D 4 .   ? 7.673   4.199   -10.876 1.00 31.46 ? 365 HOH A O   1 
HETATM 1166 O O   . HOH D 4 .   ? 17.611  2.938   -4.338  1.00 38.33 ? 366 HOH A O   1 
HETATM 1167 O O   . HOH D 4 .   ? 7.530   7.692   -8.231  1.00 32.26 ? 367 HOH A O   1 
HETATM 1168 O O   . HOH D 4 .   ? 0.264   -8.329  -12.327 1.00 43.48 ? 368 HOH A O   1 
HETATM 1169 O O   . HOH D 4 .   ? -4.603  -15.216 -2.165  1.00 54.85 ? 369 HOH A O   1 
HETATM 1170 O O   . HOH D 4 .   ? 4.287   -5.674  8.341   1.00 35.77 ? 370 HOH A O   1 
HETATM 1171 O O   . HOH D 4 .   ? 10.336  12.138  1.516   1.00 45.67 ? 371 HOH A O   1 
HETATM 1172 O O   . HOH D 4 .   ? 9.524   1.540   8.605   1.00 33.85 ? 372 HOH A O   1 
HETATM 1173 O O   . HOH D 4 .   ? 1.440   1.857   -9.100  1.00 27.95 ? 373 HOH A O   1 
HETATM 1174 O O   . HOH D 4 .   ? 4.919   6.078   2.338   1.00 26.67 ? 374 HOH A O   1 
HETATM 1175 O O   . HOH D 4 .   ? 10.400  -9.969  3.948   1.00 33.20 ? 375 HOH A O   1 
HETATM 1176 O O   . HOH D 4 .   ? 8.464   -19.451 1.216   1.00 49.13 ? 376 HOH A O   1 
HETATM 1177 O O   . HOH D 4 .   ? 19.071  0.784   -3.446  1.00 35.12 ? 377 HOH A O   1 
HETATM 1178 O O   . HOH D 4 .   ? 1.311   -0.285  -10.699 1.00 25.48 ? 378 HOH A O   1 
HETATM 1179 O O   . HOH D 4 .   ? 12.774  2.991   6.208   1.00 47.66 ? 379 HOH A O   1 
HETATM 1180 O O   . HOH D 4 .   ? 3.706   1.119   14.397  1.00 43.91 ? 380 HOH A O   1 
HETATM 1181 O O   . HOH D 4 .   ? 8.128   -10.016 5.771   1.00 37.36 ? 381 HOH A O   1 
HETATM 1182 O O   . HOH D 4 .   ? -14.931 10.462  1.768   1.00 38.81 ? 382 HOH A O   1 
HETATM 1183 O O   . HOH D 4 .   ? 14.650  1.644   -9.195  1.00 40.65 ? 383 HOH A O   1 
HETATM 1184 O O   . HOH D 4 .   ? 7.604   -12.778 6.319   1.00 48.96 ? 384 HOH A O   1 
HETATM 1185 O O   . HOH D 4 .   ? 14.432  9.380   -1.925  1.00 52.14 ? 385 HOH A O   1 
HETATM 1186 O O   . HOH D 4 .   ? 2.936   -9.348  -10.937 1.00 42.40 ? 386 HOH A O   1 
HETATM 1187 O O   . HOH D 4 .   ? -3.715  -7.990  -14.709 1.00 56.51 ? 387 HOH A O   1 
HETATM 1188 O O   . HOH D 4 .   ? -7.811  14.351  0.952   0.50 34.59 ? 388 HOH A O   1 
HETATM 1189 O O   . HOH D 4 .   ? 4.710   -14.819 8.896   0.50 48.45 ? 389 HOH A O   1 
HETATM 1190 O O   . HOH D 4 .   ? 9.979   13.298  4.268   1.00 50.00 ? 390 HOH A O   1 
HETATM 1191 O O   . HOH D 4 .   ? 5.246   -12.184 -15.668 1.00 69.78 ? 391 HOH A O   1 
HETATM 1192 O O   . HOH D 4 .   ? -6.958  15.492  -7.032  1.00 47.04 ? 392 HOH A O   1 
HETATM 1193 O O   . HOH D 4 .   ? 12.564  -2.695  -14.499 1.00 35.42 ? 393 HOH A O   1 
HETATM 1194 O O   . HOH D 4 .   ? 4.667   9.669   -13.910 1.00 54.31 ? 394 HOH A O   1 
HETATM 1195 O O   . HOH D 4 .   ? 7.546   -1.747  -13.633 1.00 37.93 ? 395 HOH A O   1 
HETATM 1196 O O   . HOH D 4 .   ? 5.079   -0.401  -13.835 1.00 42.20 ? 396 HOH A O   1 
HETATM 1197 O O   . HOH D 4 .   ? 16.178  -9.097  3.771   1.00 47.06 ? 397 HOH A O   1 
HETATM 1198 O O   . HOH D 4 .   ? 0.727   -6.294  9.669   1.00 47.88 ? 398 HOH A O   1 
HETATM 1199 O O   . HOH D 4 .   ? 13.444  6.108   -10.353 1.00 46.74 ? 399 HOH A O   1 
HETATM 1200 O O   . HOH D 4 .   ? 10.133  16.989  -1.883  1.00 58.79 ? 400 HOH A O   1 
HETATM 1201 O O   . HOH D 4 .   ? 14.270  -7.044  4.314   1.00 37.60 ? 401 HOH A O   1 
HETATM 1202 O O   . HOH D 4 .   ? 5.926   9.687   12.732  1.00 51.57 ? 402 HOH A O   1 
HETATM 1203 O O   . HOH D 4 .   ? 7.387   14.379  -6.682  1.00 54.68 ? 403 HOH A O   1 
HETATM 1204 O O   . HOH D 4 .   ? 17.512  5.405   -3.042  1.00 53.91 ? 404 HOH A O   1 
HETATM 1205 O O   . HOH D 4 .   ? 18.311  -2.479  2.529   1.00 45.79 ? 405 HOH A O   1 
HETATM 1206 O O   . HOH D 4 .   ? 17.013  1.662   -8.963  1.00 48.05 ? 406 HOH A O   1 
HETATM 1207 O O   . HOH D 4 .   ? 16.868  1.917   3.549   1.00 54.52 ? 407 HOH A O   1 
HETATM 1208 O O   . HOH D 4 .   ? 20.424  0.957   -1.666  1.00 57.24 ? 408 HOH A O   1 
HETATM 1209 O O   . HOH D 4 .   ? 12.276  -5.126  -15.860 1.00 46.85 ? 409 HOH A O   1 
HETATM 1210 O O   . HOH D 4 .   ? 11.172  7.151   -11.190 1.00 46.06 ? 410 HOH A O   1 
HETATM 1211 O O   . HOH D 4 .   ? 11.700  -0.064  -14.026 1.00 37.91 ? 411 HOH A O   1 
HETATM 1212 O O   . HOH D 4 .   ? 8.564   2.681   -12.858 1.00 34.22 ? 412 HOH A O   1 
HETATM 1213 O O   . HOH D 4 .   ? 1.756   -10.323 12.775  0.50 60.10 ? 413 HOH A O   1 
HETATM 1214 O O   . HOH D 4 .   ? 14.983  -0.552  4.972   1.00 44.97 ? 414 HOH A O   1 
HETATM 1215 O O   . HOH D 4 .   ? 14.450  3.796   -10.886 1.00 45.12 ? 415 HOH A O   1 
HETATM 1216 O O   . HOH D 4 .   ? 10.749  -7.153  -15.182 1.00 38.28 ? 416 HOH A O   1 
HETATM 1217 O O   . HOH D 4 .   ? 18.567  3.464   -6.975  1.00 58.65 ? 417 HOH A O   1 
HETATM 1218 O O   . HOH D 4 .   ? 5.915   2.082   -14.028 1.00 44.18 ? 418 HOH A O   1 
HETATM 1219 O O   . HOH D 4 .   ? 0.832   -12.063 -14.986 1.00 59.99 ? 419 HOH A O   1 
HETATM 1220 O O   . HOH D 4 .   ? 12.593  -3.344  5.421   1.00 35.67 ? 420 HOH A O   1 
HETATM 1221 O O   . HOH D 4 .   ? 5.145   -14.039 -16.928 1.00 78.22 ? 421 HOH A O   1 
HETATM 1222 O O   . HOH D 4 .   ? 10.943  4.812   -13.553 1.00 48.63 ? 422 HOH A O   1 
HETATM 1223 O O   . HOH D 4 .   ? 9.437   0.373   -16.563 1.00 48.63 ? 423 HOH A O   1 
HETATM 1224 O O   . HOH D 4 .   ? 14.675  5.683   -14.506 1.00 55.34 ? 424 HOH A O   1 
# 
